data_8AU4
#
_entry.id   8AU4
#
_entity_poly.entity_id   1
_entity_poly.type   'polypeptide(L)'
_entity_poly.pdbx_seq_one_letter_code
;SMGPGASDCRIIRVQMELGEDGSVYKSILVTSQDKAPSVISRVLKKNNRDSAVASEYELVQLLPGERELTIPASANVFYA
MDGASHDFLLRQRRRSSTAT
;
_entity_poly.pdbx_strand_id   A
#
# COMPACT_ATOMS: atom_id res chain seq x y z
N SER A 1 -13.44 12.35 18.54
CA SER A 1 -14.86 12.57 18.23
C SER A 1 -15.68 11.38 18.73
N MET A 2 -17.01 11.52 18.70
CA MET A 2 -17.96 10.50 19.13
C MET A 2 -19.00 10.29 18.04
N GLY A 3 -19.55 9.09 17.93
CA GLY A 3 -20.54 8.69 16.95
C GLY A 3 -20.60 7.15 16.93
N PRO A 4 -21.71 6.56 16.44
CA PRO A 4 -21.87 5.11 16.41
C PRO A 4 -20.88 4.39 15.47
N GLY A 5 -20.45 5.03 14.37
CA GLY A 5 -19.51 4.45 13.43
C GLY A 5 -18.10 4.62 13.97
N ALA A 6 -17.80 3.91 15.04
CA ALA A 6 -16.54 3.91 15.75
C ALA A 6 -15.52 2.93 15.15
N SER A 7 -15.76 2.36 13.97
CA SER A 7 -14.85 1.39 13.34
C SER A 7 -13.47 2.02 13.13
N ASP A 8 -12.41 1.21 13.28
CA ASP A 8 -11.00 1.63 13.18
C ASP A 8 -10.32 1.23 11.87
N CYS A 9 -11.06 0.85 10.82
CA CYS A 9 -10.49 0.45 9.53
C CYS A 9 -10.95 1.39 8.41
N ARG A 10 -10.21 1.40 7.29
CA ARG A 10 -10.51 2.23 6.11
C ARG A 10 -10.09 1.46 4.86
N ILE A 11 -10.37 1.99 3.67
CA ILE A 11 -10.05 1.39 2.39
C ILE A 11 -9.35 2.46 1.55
N ILE A 12 -8.25 2.07 0.91
CA ILE A 12 -7.42 2.90 0.05
C ILE A 12 -7.43 2.35 -1.38
N ARG A 13 -6.94 3.12 -2.34
CA ARG A 13 -6.85 2.75 -3.76
C ARG A 13 -5.37 2.51 -4.03
N VAL A 14 -5.01 1.44 -4.74
CA VAL A 14 -3.61 1.12 -5.04
C VAL A 14 -3.38 0.77 -6.51
N GLN A 15 -2.52 1.50 -7.25
CA GLN A 15 -2.21 1.19 -8.66
C GLN A 15 -0.95 0.30 -8.69
N MET A 16 -0.59 -0.14 -9.90
CA MET A 16 0.59 -0.96 -10.22
C MET A 16 1.03 -0.49 -11.60
N GLU A 17 2.20 -0.93 -12.05
CA GLU A 17 2.86 -0.62 -13.32
C GLU A 17 2.26 -1.30 -14.56
N LEU A 18 1.04 -1.78 -14.43
CA LEU A 18 0.28 -2.49 -15.45
C LEU A 18 0.15 -1.77 -16.80
N GLY A 19 0.07 -0.44 -16.83
CA GLY A 19 -0.04 0.36 -18.05
C GLY A 19 -1.29 0.11 -18.91
N GLU A 20 -1.26 -0.93 -19.74
CA GLU A 20 -2.32 -1.34 -20.67
C GLU A 20 -3.64 -1.62 -19.92
N ASP A 21 -3.59 -2.41 -18.85
CA ASP A 21 -4.76 -2.78 -18.05
C ASP A 21 -5.40 -1.55 -17.37
N GLY A 22 -4.70 -0.40 -17.36
CA GLY A 22 -5.13 0.84 -16.78
C GLY A 22 -4.75 0.90 -15.31
N SER A 23 -5.07 2.03 -14.67
CA SER A 23 -4.79 2.26 -13.26
C SER A 23 -5.61 1.28 -12.42
N VAL A 24 -4.91 0.36 -11.74
CA VAL A 24 -5.53 -0.66 -10.92
C VAL A 24 -6.46 -0.01 -9.90
N TYR A 25 -5.94 0.77 -8.95
CA TYR A 25 -6.73 1.49 -7.94
C TYR A 25 -7.73 0.61 -7.17
N LYS A 26 -7.34 -0.63 -6.91
CA LYS A 26 -8.16 -1.61 -6.19
C LYS A 26 -8.39 -1.14 -4.78
N SER A 27 -9.57 -1.44 -4.26
CA SER A 27 -10.01 -1.12 -2.91
C SER A 27 -9.30 -2.06 -1.94
N ILE A 28 -8.28 -1.60 -1.21
CA ILE A 28 -7.52 -2.40 -0.26
C ILE A 28 -7.83 -1.92 1.16
N LEU A 29 -8.28 -2.84 2.02
CA LEU A 29 -8.60 -2.56 3.42
C LEU A 29 -7.29 -2.24 4.14
N VAL A 30 -7.35 -1.39 5.17
CA VAL A 30 -6.24 -0.96 5.99
C VAL A 30 -6.68 -1.04 7.44
N THR A 31 -5.98 -1.86 8.22
CA THR A 31 -6.26 -2.02 9.65
C THR A 31 -5.28 -1.16 10.44
N SER A 32 -5.52 -1.01 11.74
CA SER A 32 -4.70 -0.22 12.64
C SER A 32 -3.22 -0.62 12.67
N GLN A 33 -2.91 -1.91 12.45
CA GLN A 33 -1.55 -2.43 12.46
C GLN A 33 -1.10 -2.97 11.10
N ASP A 34 -1.84 -2.66 10.03
CA ASP A 34 -1.47 -3.17 8.70
C ASP A 34 -0.14 -2.56 8.26
N LYS A 35 0.94 -3.34 8.32
CA LYS A 35 2.28 -2.88 7.92
C LYS A 35 2.38 -2.95 6.41
N ALA A 36 3.32 -2.20 5.84
CA ALA A 36 3.55 -2.12 4.41
C ALA A 36 3.54 -3.50 3.73
N PRO A 37 4.38 -4.47 4.15
CA PRO A 37 4.42 -5.80 3.53
C PRO A 37 3.13 -6.62 3.64
N SER A 38 2.23 -6.28 4.57
CA SER A 38 0.97 -7.00 4.72
C SER A 38 0.04 -6.49 3.62
N VAL A 39 -0.03 -5.17 3.47
CA VAL A 39 -0.86 -4.48 2.50
C VAL A 39 -0.39 -4.87 1.10
N ILE A 40 0.93 -4.92 0.86
CA ILE A 40 1.49 -5.31 -0.43
C ILE A 40 0.95 -6.68 -0.83
N SER A 41 0.94 -7.66 0.08
CA SER A 41 0.45 -9.00 -0.24
C SER A 41 -1.00 -8.93 -0.75
N ARG A 42 -1.84 -8.07 -0.16
CA ARG A 42 -3.23 -7.95 -0.60
C ARG A 42 -3.28 -7.34 -2.00
N VAL A 43 -2.46 -6.32 -2.28
CA VAL A 43 -2.42 -5.65 -3.57
C VAL A 43 -2.00 -6.65 -4.63
N LEU A 44 -0.94 -7.40 -4.38
CA LEU A 44 -0.42 -8.38 -5.32
C LEU A 44 -1.54 -9.38 -5.66
N LYS A 45 -2.27 -9.94 -4.68
CA LYS A 45 -3.32 -10.90 -5.05
C LYS A 45 -4.53 -10.24 -5.69
N LYS A 46 -4.65 -8.92 -5.60
CA LYS A 46 -5.76 -8.18 -6.20
C LYS A 46 -5.46 -7.91 -7.66
N ASN A 47 -4.20 -8.08 -8.07
CA ASN A 47 -3.68 -7.88 -9.42
C ASN A 47 -3.74 -9.22 -10.19
N ASN A 48 -4.49 -10.21 -9.72
CA ASN A 48 -4.61 -11.53 -10.35
C ASN A 48 -3.24 -12.21 -10.46
N ARG A 49 -2.36 -11.97 -9.48
CA ARG A 49 -1.04 -12.55 -9.46
C ARG A 49 -1.05 -13.78 -8.55
N ASP A 50 -0.01 -14.56 -8.78
CA ASP A 50 0.61 -15.76 -8.22
C ASP A 50 1.43 -15.19 -7.05
N SER A 51 0.90 -14.12 -6.46
CA SER A 51 1.36 -13.11 -5.55
C SER A 51 2.19 -13.62 -4.40
N ALA A 52 3.38 -13.18 -4.80
CA ALA A 52 4.77 -13.11 -4.52
C ALA A 52 5.11 -12.45 -3.19
N VAL A 53 6.41 -12.48 -2.92
CA VAL A 53 7.03 -11.94 -1.73
C VAL A 53 6.91 -10.43 -1.74
N ALA A 54 6.36 -9.86 -0.66
CA ALA A 54 6.20 -8.43 -0.57
C ALA A 54 7.57 -7.76 -0.42
N SER A 55 8.61 -8.47 0.01
CA SER A 55 9.96 -7.94 0.17
C SER A 55 10.59 -7.55 -1.18
N GLU A 56 10.01 -7.97 -2.30
CA GLU A 56 10.48 -7.64 -3.64
C GLU A 56 9.78 -6.37 -4.13
N TYR A 57 8.87 -5.78 -3.35
CA TYR A 57 8.17 -4.57 -3.73
C TYR A 57 8.15 -3.59 -2.56
N GLU A 58 7.73 -2.35 -2.81
CA GLU A 58 7.65 -1.33 -1.77
C GLU A 58 6.33 -0.58 -1.92
N LEU A 59 5.73 -0.27 -0.77
CA LEU A 59 4.47 0.45 -0.63
C LEU A 59 4.79 1.93 -0.81
N VAL A 60 3.98 2.63 -1.61
CA VAL A 60 4.14 4.03 -1.92
C VAL A 60 2.81 4.75 -1.80
N GLN A 61 2.80 5.92 -1.19
CA GLN A 61 1.64 6.76 -1.00
C GLN A 61 1.74 7.92 -2.00
N LEU A 62 0.64 8.27 -2.68
CA LEU A 62 0.65 9.38 -3.62
C LEU A 62 0.25 10.62 -2.85
N LEU A 63 0.89 11.75 -3.14
CA LEU A 63 0.58 13.02 -2.49
C LEU A 63 0.04 13.98 -3.57
N PRO A 64 -0.94 14.85 -3.27
CA PRO A 64 -1.57 15.77 -4.22
C PRO A 64 -0.70 16.77 -4.99
N GLY A 65 0.54 17.01 -4.60
CA GLY A 65 1.49 17.89 -5.26
C GLY A 65 2.41 17.13 -6.22
N GLU A 66 2.02 15.94 -6.68
CA GLU A 66 2.76 15.07 -7.60
C GLU A 66 4.05 14.55 -6.95
N ARG A 67 3.95 14.09 -5.69
CA ARG A 67 5.07 13.56 -4.93
C ARG A 67 4.72 12.13 -4.53
N GLU A 68 5.69 11.42 -3.98
CA GLU A 68 5.58 10.05 -3.56
C GLU A 68 6.26 9.88 -2.20
N LEU A 69 5.53 9.33 -1.23
CA LEU A 69 6.00 9.07 0.13
C LEU A 69 6.02 7.55 0.26
N THR A 70 7.20 6.96 0.20
CA THR A 70 7.42 5.53 0.29
C THR A 70 7.34 5.08 1.77
N ILE A 71 6.48 4.11 2.06
CA ILE A 71 6.26 3.58 3.40
C ILE A 71 7.21 2.40 3.66
N PRO A 72 8.05 2.44 4.72
CA PRO A 72 8.98 1.35 5.04
C PRO A 72 8.26 0.15 5.68
N ALA A 73 8.92 -1.01 5.66
CA ALA A 73 8.43 -2.28 6.17
C ALA A 73 7.89 -2.28 7.60
N SER A 74 8.62 -1.70 8.55
CA SER A 74 8.24 -1.65 9.97
C SER A 74 7.26 -0.55 10.36
N ALA A 75 6.58 0.05 9.40
CA ALA A 75 5.62 1.12 9.64
C ALA A 75 4.19 0.70 9.29
N ASN A 76 3.26 0.95 10.21
CA ASN A 76 1.84 0.64 10.04
C ASN A 76 1.38 1.64 9.00
N VAL A 77 0.95 1.22 7.80
CA VAL A 77 0.53 2.15 6.76
C VAL A 77 -0.50 3.14 7.31
N PHE A 78 -1.46 2.66 8.10
CA PHE A 78 -2.52 3.44 8.73
C PHE A 78 -2.01 4.72 9.46
N TYR A 79 -0.77 4.71 9.96
CA TYR A 79 -0.12 5.81 10.67
C TYR A 79 1.09 6.39 9.93
N ALA A 80 1.70 5.60 9.06
CA ALA A 80 2.87 5.99 8.28
C ALA A 80 2.47 6.91 7.14
N MET A 81 1.32 6.61 6.51
CA MET A 81 0.79 7.42 5.43
C MET A 81 0.56 8.82 5.97
N ASP A 82 0.77 9.83 5.14
CA ASP A 82 0.59 11.21 5.53
C ASP A 82 -0.87 11.48 5.91
N GLY A 83 -1.79 10.82 5.19
CA GLY A 83 -3.22 10.96 5.40
C GLY A 83 -3.82 12.08 4.55
N ALA A 84 -3.05 12.66 3.61
CA ALA A 84 -3.51 13.74 2.73
C ALA A 84 -4.14 13.19 1.44
N SER A 85 -4.05 11.89 1.21
CA SER A 85 -4.61 11.22 0.05
C SER A 85 -4.72 9.74 0.42
N HIS A 86 -5.87 9.14 0.10
CA HIS A 86 -6.18 7.73 0.34
C HIS A 86 -5.74 6.89 -0.87
N ASP A 87 -4.91 7.47 -1.74
CA ASP A 87 -4.38 6.90 -2.97
C ASP A 87 -2.94 6.48 -2.75
N PHE A 88 -2.61 5.29 -3.23
CA PHE A 88 -1.33 4.64 -3.13
C PHE A 88 -1.00 3.89 -4.41
N LEU A 89 0.20 3.33 -4.46
CA LEU A 89 0.72 2.55 -5.56
C LEU A 89 1.69 1.52 -4.98
N LEU A 90 2.05 0.54 -5.80
CA LEU A 90 2.98 -0.54 -5.45
C LEU A 90 3.95 -0.71 -6.60
N ARG A 91 5.25 -0.89 -6.35
CA ARG A 91 6.25 -1.05 -7.42
C ARG A 91 7.34 -2.00 -6.96
N GLN A 92 7.84 -2.82 -7.89
CA GLN A 92 8.92 -3.77 -7.67
C GLN A 92 10.13 -2.94 -7.19
N ARG A 93 10.81 -3.36 -6.13
CA ARG A 93 11.96 -2.68 -5.56
C ARG A 93 13.21 -3.47 -5.88
N ARG A 94 14.27 -2.78 -6.29
CA ARG A 94 15.53 -3.42 -6.61
C ARG A 94 16.45 -3.05 -5.46
N ARG A 95 16.66 -4.00 -4.54
CA ARG A 95 17.50 -3.86 -3.36
C ARG A 95 17.80 -5.30 -2.91
N SER A 96 19.00 -5.53 -2.41
CA SER A 96 19.45 -6.85 -1.98
C SER A 96 18.84 -7.43 -0.69
N SER A 97 19.16 -8.71 -0.58
CA SER A 97 18.95 -9.83 0.32
C SER A 97 19.42 -9.72 1.76
N THR A 98 19.16 -10.82 2.48
CA THR A 98 19.34 -11.22 3.86
C THR A 98 20.78 -11.21 4.41
N ALA A 99 21.75 -10.53 3.78
CA ALA A 99 23.14 -10.47 4.28
C ALA A 99 23.04 -9.88 5.70
N THR A 100 23.21 -10.77 6.69
CA THR A 100 23.14 -10.64 8.15
C THR A 100 22.88 -9.22 8.64
N SER A 1 -8.34 7.71 15.98
CA SER A 1 -9.46 8.45 16.61
C SER A 1 -10.23 7.48 17.50
N MET A 2 -9.96 7.49 18.81
CA MET A 2 -10.62 6.57 19.74
C MET A 2 -11.76 7.26 20.48
N GLY A 3 -12.58 6.44 21.14
CA GLY A 3 -13.77 6.84 21.88
C GLY A 3 -14.92 5.97 21.40
N PRO A 4 -15.36 6.12 20.13
CA PRO A 4 -16.44 5.32 19.60
C PRO A 4 -15.99 3.87 19.30
N GLY A 5 -14.67 3.58 19.24
CA GLY A 5 -14.11 2.25 19.02
C GLY A 5 -13.85 1.83 17.57
N ALA A 6 -14.26 0.58 17.28
CA ALA A 6 -14.30 -0.33 16.10
C ALA A 6 -14.53 0.26 14.70
N SER A 7 -14.24 1.53 14.48
CA SER A 7 -14.47 2.38 13.34
C SER A 7 -14.06 1.92 11.91
N ASP A 8 -14.37 2.90 11.08
CA ASP A 8 -14.52 3.42 9.73
C ASP A 8 -13.36 3.28 8.76
N CYS A 9 -12.51 2.26 8.97
CA CYS A 9 -11.34 1.97 8.17
C CYS A 9 -11.78 1.95 6.69
N ARG A 10 -11.38 3.01 5.99
CA ARG A 10 -11.65 3.39 4.61
C ARG A 10 -11.11 2.43 3.55
N ILE A 11 -11.48 2.76 2.31
CA ILE A 11 -11.14 2.13 1.05
C ILE A 11 -10.26 3.16 0.32
N ILE A 12 -9.19 2.72 -0.34
CA ILE A 12 -8.24 3.52 -1.10
C ILE A 12 -8.13 2.94 -2.53
N ARG A 13 -7.47 3.67 -3.43
CA ARG A 13 -7.25 3.28 -4.82
C ARG A 13 -5.79 2.87 -4.93
N VAL A 14 -5.48 1.64 -5.36
CA VAL A 14 -4.09 1.19 -5.47
C VAL A 14 -3.75 0.74 -6.89
N GLN A 15 -2.64 1.20 -7.47
CA GLN A 15 -2.18 0.82 -8.81
C GLN A 15 -1.01 -0.16 -8.72
N MET A 16 -0.55 -0.64 -9.88
CA MET A 16 0.55 -1.57 -10.10
C MET A 16 1.32 -1.07 -11.31
N GLU A 17 2.48 -1.67 -11.56
CA GLU A 17 3.46 -1.41 -12.62
C GLU A 17 3.15 -2.13 -13.94
N LEU A 18 1.92 -2.61 -14.11
CA LEU A 18 1.43 -3.36 -15.27
C LEU A 18 1.98 -2.90 -16.62
N GLY A 19 2.08 -1.58 -16.83
CA GLY A 19 2.60 -0.98 -18.04
C GLY A 19 1.55 -0.90 -19.14
N GLU A 20 1.20 -2.04 -19.72
CA GLU A 20 0.22 -2.12 -20.80
C GLU A 20 -1.14 -1.58 -20.33
N ASP A 21 -1.56 -1.96 -19.12
CA ASP A 21 -2.83 -1.59 -18.50
C ASP A 21 -2.76 -0.27 -17.74
N GLY A 22 -1.59 0.39 -17.64
CA GLY A 22 -1.41 1.66 -16.94
C GLY A 22 -1.77 1.53 -15.46
N SER A 23 -2.47 2.51 -14.90
CA SER A 23 -2.88 2.47 -13.49
C SER A 23 -4.01 1.46 -13.32
N VAL A 24 -4.19 0.97 -12.09
CA VAL A 24 -5.23 0.00 -11.78
C VAL A 24 -6.25 0.61 -10.82
N TYR A 25 -5.79 1.24 -9.74
CA TYR A 25 -6.64 1.90 -8.76
C TYR A 25 -7.75 1.03 -8.14
N LYS A 26 -7.40 -0.20 -7.78
CA LYS A 26 -8.31 -1.16 -7.17
C LYS A 26 -8.74 -0.65 -5.80
N SER A 27 -9.99 -0.93 -5.42
CA SER A 27 -10.60 -0.56 -4.16
C SER A 27 -10.07 -1.52 -3.08
N ILE A 28 -9.16 -1.05 -2.22
CA ILE A 28 -8.54 -1.83 -1.15
C ILE A 28 -8.87 -1.22 0.21
N LEU A 29 -9.26 -2.04 1.20
CA LEU A 29 -9.58 -1.60 2.57
C LEU A 29 -8.27 -1.36 3.33
N VAL A 30 -8.26 -0.42 4.27
CA VAL A 30 -7.11 -0.06 5.08
C VAL A 30 -7.61 0.00 6.53
N THR A 31 -7.30 -1.01 7.35
CA THR A 31 -7.74 -1.04 8.73
C THR A 31 -6.75 -0.37 9.68
N SER A 32 -7.18 -0.15 10.94
CA SER A 32 -6.37 0.47 11.98
C SER A 32 -5.04 -0.25 12.20
N GLN A 33 -4.94 -1.56 11.90
CA GLN A 33 -3.73 -2.35 12.08
C GLN A 33 -3.15 -2.89 10.77
N ASP A 34 -3.65 -2.44 9.63
CA ASP A 34 -3.15 -2.92 8.34
C ASP A 34 -1.78 -2.33 8.07
N LYS A 35 -0.72 -3.11 8.23
CA LYS A 35 0.64 -2.65 7.97
C LYS A 35 0.89 -2.63 6.47
N ALA A 36 1.96 -1.97 6.06
CA ALA A 36 2.34 -1.86 4.67
C ALA A 36 2.31 -3.25 3.99
N PRO A 37 3.08 -4.26 4.46
CA PRO A 37 3.09 -5.60 3.86
C PRO A 37 1.76 -6.37 3.98
N SER A 38 0.80 -5.87 4.75
CA SER A 38 -0.52 -6.48 4.93
C SER A 38 -1.39 -6.00 3.79
N VAL A 39 -1.41 -4.69 3.53
CA VAL A 39 -2.20 -4.11 2.45
C VAL A 39 -1.73 -4.69 1.12
N ILE A 40 -0.41 -4.88 0.97
CA ILE A 40 0.20 -5.43 -0.23
C ILE A 40 -0.39 -6.82 -0.49
N SER A 41 -0.54 -7.64 0.56
CA SER A 41 -1.09 -8.98 0.42
C SER A 41 -2.46 -8.93 -0.26
N ARG A 42 -3.29 -7.92 0.05
CA ARG A 42 -4.62 -7.79 -0.55
C ARG A 42 -4.49 -7.36 -2.01
N VAL A 43 -3.64 -6.38 -2.29
CA VAL A 43 -3.40 -5.83 -3.61
C VAL A 43 -3.06 -6.94 -4.60
N LEU A 44 -2.11 -7.80 -4.24
CA LEU A 44 -1.67 -8.92 -5.05
C LEU A 44 -2.85 -9.78 -5.53
N LYS A 45 -3.78 -10.10 -4.63
CA LYS A 45 -4.94 -10.94 -4.98
C LYS A 45 -6.09 -10.16 -5.62
N LYS A 46 -5.89 -8.88 -5.96
CA LYS A 46 -6.90 -8.02 -6.57
C LYS A 46 -6.54 -7.61 -7.99
N ASN A 47 -5.31 -7.91 -8.43
CA ASN A 47 -4.78 -7.60 -9.77
C ASN A 47 -4.48 -8.88 -10.55
N ASN A 48 -5.01 -10.02 -10.10
CA ASN A 48 -4.83 -11.34 -10.72
C ASN A 48 -3.37 -11.81 -10.67
N ARG A 49 -2.63 -11.47 -9.61
CA ARG A 49 -1.24 -11.92 -9.46
C ARG A 49 -1.47 -13.24 -8.74
N ASP A 50 -1.21 -14.34 -9.46
CA ASP A 50 -1.37 -15.76 -9.09
C ASP A 50 -1.10 -16.02 -7.61
N SER A 51 0.14 -15.84 -7.19
CA SER A 51 0.66 -16.01 -5.85
C SER A 51 1.91 -15.16 -5.83
N ALA A 52 2.09 -14.32 -4.82
CA ALA A 52 3.24 -13.45 -4.70
C ALA A 52 3.55 -13.20 -3.23
N VAL A 53 4.65 -12.51 -2.97
CA VAL A 53 5.14 -12.18 -1.64
C VAL A 53 5.20 -10.66 -1.51
N ALA A 54 4.79 -10.13 -0.36
CA ALA A 54 4.77 -8.70 -0.11
C ALA A 54 6.16 -8.17 0.22
N SER A 55 7.16 -9.01 0.52
CA SER A 55 8.51 -8.55 0.81
C SER A 55 9.31 -8.31 -0.48
N GLU A 56 8.78 -8.64 -1.67
CA GLU A 56 9.46 -8.39 -2.94
C GLU A 56 8.99 -7.02 -3.45
N TYR A 57 8.08 -6.33 -2.73
CA TYR A 57 7.59 -5.02 -3.12
C TYR A 57 7.50 -4.11 -1.89
N GLU A 58 7.22 -2.82 -2.08
CA GLU A 58 7.06 -1.88 -0.96
C GLU A 58 5.86 -0.97 -1.21
N LEU A 59 5.19 -0.56 -0.12
CA LEU A 59 4.00 0.29 -0.08
C LEU A 59 4.37 1.75 -0.30
N VAL A 60 3.64 2.40 -1.18
CA VAL A 60 3.85 3.79 -1.54
C VAL A 60 2.50 4.51 -1.62
N GLN A 61 2.46 5.70 -1.02
CA GLN A 61 1.31 6.58 -0.98
C GLN A 61 1.62 7.70 -1.98
N LEU A 62 0.66 8.07 -2.82
CA LEU A 62 0.87 9.15 -3.80
C LEU A 62 0.50 10.42 -3.06
N LEU A 63 1.32 11.46 -3.20
CA LEU A 63 1.11 12.74 -2.56
C LEU A 63 1.00 13.83 -3.63
N PRO A 64 0.35 14.95 -3.33
CA PRO A 64 0.20 16.04 -4.28
C PRO A 64 1.57 16.64 -4.58
N GLY A 65 1.67 17.37 -5.69
CA GLY A 65 2.92 18.00 -6.08
C GLY A 65 3.99 16.98 -6.53
N GLU A 66 3.57 15.86 -7.11
CA GLU A 66 4.39 14.78 -7.61
C GLU A 66 5.32 14.18 -6.56
N ARG A 67 4.80 13.89 -5.36
CA ARG A 67 5.60 13.29 -4.29
C ARG A 67 5.12 11.86 -4.03
N GLU A 68 5.90 11.16 -3.23
CA GLU A 68 5.65 9.80 -2.84
C GLU A 68 6.09 9.71 -1.38
N LEU A 69 5.30 9.02 -0.57
CA LEU A 69 5.57 8.77 0.83
C LEU A 69 5.55 7.25 0.94
N THR A 70 6.74 6.66 1.06
CA THR A 70 6.86 5.21 1.20
C THR A 70 6.52 4.86 2.63
N ILE A 71 5.49 4.03 2.83
CA ILE A 71 5.05 3.62 4.16
C ILE A 71 5.97 2.47 4.60
N PRO A 72 6.68 2.58 5.74
CA PRO A 72 7.58 1.54 6.20
C PRO A 72 6.77 0.33 6.66
N ALA A 73 7.37 -0.85 6.55
CA ALA A 73 6.77 -2.12 6.93
C ALA A 73 6.10 -2.15 8.30
N SER A 74 6.73 -1.54 9.30
CA SER A 74 6.24 -1.52 10.68
C SER A 74 5.14 -0.54 11.05
N ALA A 75 4.60 0.15 10.07
CA ALA A 75 3.58 1.17 10.26
C ALA A 75 2.22 0.80 9.69
N ASN A 76 1.17 1.06 10.48
CA ASN A 76 -0.23 0.78 10.13
C ASN A 76 -0.59 1.87 9.11
N VAL A 77 -0.81 1.52 7.85
CA VAL A 77 -1.13 2.45 6.77
C VAL A 77 -2.24 3.44 7.11
N PHE A 78 -3.35 3.01 7.72
CA PHE A 78 -4.46 3.93 8.05
C PHE A 78 -4.04 5.06 9.01
N TYR A 79 -2.88 4.93 9.65
CA TYR A 79 -2.30 5.89 10.58
C TYR A 79 -1.05 6.55 9.98
N ALA A 80 -0.24 5.79 9.23
CA ALA A 80 0.99 6.24 8.60
C ALA A 80 0.75 7.17 7.41
N MET A 81 -0.29 6.90 6.61
CA MET A 81 -0.62 7.72 5.45
C MET A 81 -0.89 9.15 5.88
N ASP A 82 -0.47 10.08 5.02
CA ASP A 82 -0.64 11.51 5.22
C ASP A 82 -2.11 11.86 5.23
N GLY A 83 -2.83 11.41 4.20
CA GLY A 83 -4.25 11.64 4.03
C GLY A 83 -4.55 12.71 2.99
N ALA A 84 -3.55 13.35 2.39
CA ALA A 84 -3.76 14.40 1.40
C ALA A 84 -4.33 13.83 0.10
N SER A 85 -4.26 12.51 -0.07
CA SER A 85 -4.71 11.78 -1.22
C SER A 85 -5.05 10.36 -0.76
N HIS A 86 -5.93 9.68 -1.49
CA HIS A 86 -6.38 8.32 -1.25
C HIS A 86 -5.86 7.35 -2.32
N ASP A 87 -4.88 7.80 -3.11
CA ASP A 87 -4.25 7.05 -4.19
C ASP A 87 -2.96 6.47 -3.63
N PHE A 88 -2.68 5.21 -3.95
CA PHE A 88 -1.52 4.46 -3.54
C PHE A 88 -1.02 3.61 -4.70
N LEU A 89 0.15 2.99 -4.54
CA LEU A 89 0.74 2.12 -5.53
C LEU A 89 1.58 1.07 -4.82
N LEU A 90 1.90 0.03 -5.58
CA LEU A 90 2.72 -1.09 -5.15
C LEU A 90 3.84 -1.20 -6.16
N ARG A 91 5.10 -1.13 -5.70
CA ARG A 91 6.27 -1.21 -6.55
C ARG A 91 7.27 -2.22 -6.04
N GLN A 92 7.82 -3.03 -6.94
CA GLN A 92 8.80 -4.04 -6.57
C GLN A 92 10.07 -3.42 -5.99
N ARG A 93 10.68 -4.13 -5.04
CA ARG A 93 11.93 -3.78 -4.36
C ARG A 93 12.93 -4.90 -4.68
N ARG A 94 14.23 -4.68 -4.50
CA ARG A 94 15.26 -5.68 -4.80
C ARG A 94 16.00 -6.10 -3.53
N ARG A 95 16.71 -7.23 -3.62
CA ARG A 95 17.50 -7.72 -2.51
C ARG A 95 18.85 -7.03 -2.54
N SER A 96 19.59 -7.11 -1.45
CA SER A 96 20.89 -6.48 -1.24
C SER A 96 21.93 -7.47 -0.71
N SER A 97 23.16 -6.98 -0.56
CA SER A 97 24.32 -7.71 -0.03
C SER A 97 24.02 -8.16 1.41
N THR A 98 24.95 -8.88 2.04
CA THR A 98 24.73 -9.42 3.38
C THR A 98 24.51 -8.37 4.48
N ALA A 99 25.49 -7.53 4.87
CA ALA A 99 25.30 -6.51 5.90
C ALA A 99 26.49 -5.55 5.85
N THR A 100 26.25 -4.24 5.82
CA THR A 100 27.33 -3.25 5.79
C THR A 100 26.87 -2.11 6.69
N SER A 1 -10.29 11.84 19.65
CA SER A 1 -11.69 11.48 19.73
C SER A 1 -12.40 11.83 18.42
N MET A 2 -12.40 10.89 17.47
CA MET A 2 -13.01 10.97 16.15
C MET A 2 -13.79 9.67 16.04
N GLY A 3 -15.11 9.75 15.91
CA GLY A 3 -15.97 8.57 15.85
C GLY A 3 -16.18 8.02 17.28
N PRO A 4 -17.11 7.07 17.49
CA PRO A 4 -17.39 6.52 18.80
C PRO A 4 -16.50 5.36 19.30
N GLY A 5 -15.64 4.70 18.49
CA GLY A 5 -14.82 3.60 19.00
C GLY A 5 -14.16 2.77 17.91
N ALA A 6 -14.67 1.53 17.79
CA ALA A 6 -14.47 0.36 16.94
C ALA A 6 -14.65 0.59 15.43
N SER A 7 -14.43 1.82 15.01
CA SER A 7 -14.59 2.55 13.77
C SER A 7 -14.04 1.96 12.44
N ASP A 8 -14.17 2.85 11.47
CA ASP A 8 -14.12 3.13 10.04
C ASP A 8 -12.94 2.69 9.18
N CYS A 9 -12.21 1.59 9.49
CA CYS A 9 -11.05 1.15 8.68
C CYS A 9 -11.51 1.11 7.19
N ARG A 10 -11.03 2.16 6.51
CA ARG A 10 -11.21 2.63 5.13
C ARG A 10 -10.73 1.67 4.05
N ILE A 11 -11.09 2.00 2.81
CA ILE A 11 -10.73 1.26 1.62
C ILE A 11 -9.96 2.23 0.72
N ILE A 12 -8.70 1.90 0.46
CA ILE A 12 -7.80 2.69 -0.38
C ILE A 12 -7.83 2.13 -1.81
N ARG A 13 -7.19 2.85 -2.73
CA ARG A 13 -7.08 2.52 -4.14
C ARG A 13 -5.61 2.29 -4.43
N VAL A 14 -5.19 1.06 -4.75
CA VAL A 14 -3.77 0.77 -5.01
C VAL A 14 -3.54 0.33 -6.44
N GLN A 15 -2.51 0.89 -7.09
CA GLN A 15 -2.15 0.57 -8.47
C GLN A 15 -0.83 -0.20 -8.51
N MET A 16 -0.52 -0.69 -9.70
CA MET A 16 0.70 -1.42 -10.01
C MET A 16 1.22 -0.88 -11.35
N GLU A 17 2.46 -1.23 -11.67
CA GLU A 17 3.21 -0.87 -12.87
C GLU A 17 2.94 -1.77 -14.08
N LEU A 18 1.80 -2.49 -14.07
CA LEU A 18 1.33 -3.44 -15.09
C LEU A 18 1.69 -3.07 -16.54
N GLY A 19 1.91 -1.80 -16.86
CA GLY A 19 2.27 -1.35 -18.17
C GLY A 19 1.04 -0.96 -18.95
N GLU A 20 0.62 -1.80 -19.89
CA GLU A 20 -0.54 -1.59 -20.77
C GLU A 20 -1.86 -1.44 -20.02
N ASP A 21 -1.97 -2.00 -18.81
CA ASP A 21 -3.18 -1.90 -18.00
C ASP A 21 -3.22 -0.60 -17.21
N GLY A 22 -2.11 0.13 -17.15
CA GLY A 22 -2.02 1.39 -16.42
C GLY A 22 -2.36 1.23 -14.94
N SER A 23 -2.73 2.34 -14.29
CA SER A 23 -3.10 2.31 -12.89
C SER A 23 -4.35 1.46 -12.69
N VAL A 24 -4.39 0.70 -11.59
CA VAL A 24 -5.48 -0.22 -11.28
C VAL A 24 -6.42 0.28 -10.18
N TYR A 25 -5.87 0.96 -9.18
CA TYR A 25 -6.66 1.55 -8.08
C TYR A 25 -7.60 0.58 -7.33
N LYS A 26 -7.14 -0.65 -7.13
CA LYS A 26 -7.88 -1.71 -6.46
C LYS A 26 -8.25 -1.35 -5.03
N SER A 27 -9.46 -1.73 -4.64
CA SER A 27 -10.06 -1.51 -3.34
C SER A 27 -9.38 -2.41 -2.29
N ILE A 28 -8.53 -1.85 -1.43
CA ILE A 28 -7.84 -2.59 -0.37
C ILE A 28 -8.28 -2.03 0.99
N LEU A 29 -8.79 -2.89 1.89
CA LEU A 29 -9.24 -2.50 3.23
C LEU A 29 -7.97 -2.31 4.08
N VAL A 30 -7.83 -1.14 4.70
CA VAL A 30 -6.71 -0.74 5.55
C VAL A 30 -7.21 -0.70 6.98
N THR A 31 -6.75 -1.65 7.79
CA THR A 31 -7.11 -1.73 9.20
C THR A 31 -6.09 -0.92 10.01
N SER A 32 -6.42 -0.57 11.26
CA SER A 32 -5.61 0.22 12.19
C SER A 32 -4.19 -0.31 12.43
N GLN A 33 -3.94 -1.61 12.23
CA GLN A 33 -2.64 -2.27 12.40
C GLN A 33 -2.09 -2.84 11.10
N ASP A 34 -2.71 -2.56 9.96
CA ASP A 34 -2.21 -3.09 8.68
C ASP A 34 -0.93 -2.37 8.30
N LYS A 35 0.20 -3.04 8.49
CA LYS A 35 1.50 -2.49 8.16
C LYS A 35 1.70 -2.53 6.66
N ALA A 36 2.66 -1.76 6.16
CA ALA A 36 2.98 -1.65 4.75
C ALA A 36 2.98 -3.01 4.03
N PRO A 37 3.77 -4.01 4.46
CA PRO A 37 3.82 -5.32 3.81
C PRO A 37 2.50 -6.10 3.88
N SER A 38 1.57 -5.75 4.77
CA SER A 38 0.28 -6.42 4.92
C SER A 38 -0.63 -5.87 3.82
N VAL A 39 -0.54 -4.56 3.55
CA VAL A 39 -1.33 -3.90 2.51
C VAL A 39 -0.90 -4.51 1.17
N ILE A 40 0.41 -4.63 0.95
CA ILE A 40 0.98 -5.19 -0.28
C ILE A 40 0.49 -6.61 -0.51
N SER A 41 0.48 -7.44 0.54
CA SER A 41 0.05 -8.83 0.47
C SER A 41 -1.35 -8.96 -0.13
N ARG A 42 -2.22 -7.98 0.15
CA ARG A 42 -3.58 -7.98 -0.37
C ARG A 42 -3.53 -7.64 -1.87
N VAL A 43 -2.83 -6.58 -2.27
CA VAL A 43 -2.68 -6.14 -3.66
C VAL A 43 -2.13 -7.25 -4.55
N LEU A 44 -1.14 -7.99 -4.04
CA LEU A 44 -0.52 -9.09 -4.78
C LEU A 44 -1.57 -10.12 -5.20
N LYS A 45 -2.59 -10.33 -4.36
CA LYS A 45 -3.68 -11.26 -4.60
C LYS A 45 -4.86 -10.59 -5.32
N LYS A 46 -4.70 -9.41 -5.94
CA LYS A 46 -5.78 -8.72 -6.65
C LYS A 46 -5.47 -8.62 -8.13
N ASN A 47 -4.19 -8.51 -8.50
CA ASN A 47 -3.78 -8.40 -9.91
C ASN A 47 -3.60 -9.79 -10.55
N ASN A 48 -4.13 -10.82 -9.89
CA ASN A 48 -4.13 -12.24 -10.26
C ASN A 48 -2.73 -12.82 -10.46
N ARG A 49 -1.75 -12.31 -9.72
CA ARG A 49 -0.38 -12.82 -9.80
C ARG A 49 -0.36 -14.11 -9.00
N ASP A 50 0.59 -15.00 -9.31
CA ASP A 50 0.72 -16.30 -8.66
C ASP A 50 1.87 -16.32 -7.65
N SER A 51 3.11 -16.17 -8.09
CA SER A 51 4.29 -16.19 -7.25
C SER A 51 4.86 -14.78 -7.12
N ALA A 52 4.63 -14.17 -5.96
CA ALA A 52 5.08 -12.85 -5.59
C ALA A 52 5.27 -12.81 -4.07
N VAL A 53 5.90 -11.75 -3.58
CA VAL A 53 6.19 -11.53 -2.16
C VAL A 53 6.19 -10.02 -1.88
N ALA A 54 5.72 -9.58 -0.71
CA ALA A 54 5.69 -8.18 -0.35
C ALA A 54 7.11 -7.63 -0.22
N SER A 55 8.08 -8.46 0.19
CA SER A 55 9.47 -8.05 0.35
C SER A 55 10.06 -7.53 -0.97
N GLU A 56 9.55 -7.94 -2.13
CA GLU A 56 10.06 -7.46 -3.42
C GLU A 56 9.60 -6.04 -3.72
N TYR A 57 8.73 -5.45 -2.90
CA TYR A 57 8.22 -4.10 -3.15
C TYR A 57 8.24 -3.23 -1.89
N GLU A 58 7.88 -1.96 -2.03
CA GLU A 58 7.78 -1.03 -0.91
C GLU A 58 6.46 -0.27 -1.10
N LEU A 59 5.77 0.02 0.01
CA LEU A 59 4.49 0.73 0.03
C LEU A 59 4.70 2.22 -0.18
N VAL A 60 3.88 2.83 -1.04
CA VAL A 60 3.96 4.24 -1.35
C VAL A 60 2.56 4.83 -1.46
N GLN A 61 2.37 6.01 -0.89
CA GLN A 61 1.13 6.77 -0.90
C GLN A 61 1.27 7.91 -1.90
N LEU A 62 0.17 8.41 -2.48
CA LEU A 62 0.19 9.52 -3.41
C LEU A 62 -0.39 10.75 -2.73
N LEU A 63 0.12 11.91 -3.15
CA LEU A 63 -0.28 13.22 -2.68
C LEU A 63 -0.73 14.10 -3.85
N PRO A 64 -1.71 15.00 -3.66
CA PRO A 64 -2.23 15.86 -4.73
C PRO A 64 -1.23 16.90 -5.24
N GLY A 65 -0.09 17.12 -4.57
CA GLY A 65 0.92 18.09 -5.01
C GLY A 65 1.99 17.43 -5.88
N GLU A 66 1.67 16.34 -6.59
CA GLU A 66 2.58 15.57 -7.43
C GLU A 66 3.74 15.05 -6.57
N ARG A 67 3.42 14.50 -5.40
CA ARG A 67 4.40 13.94 -4.46
C ARG A 67 4.06 12.48 -4.23
N GLU A 68 4.98 11.76 -3.60
CA GLU A 68 4.86 10.37 -3.27
C GLU A 68 5.45 10.22 -1.86
N LEU A 69 4.71 9.63 -0.94
CA LEU A 69 5.14 9.40 0.45
C LEU A 69 5.36 7.90 0.66
N THR A 70 6.62 7.48 0.75
CA THR A 70 6.91 6.07 0.99
C THR A 70 6.63 5.75 2.45
N ILE A 71 5.87 4.68 2.72
CA ILE A 71 5.53 4.23 4.07
C ILE A 71 6.45 3.04 4.40
N PRO A 72 7.20 3.06 5.52
CA PRO A 72 8.09 1.96 5.88
C PRO A 72 7.33 0.72 6.37
N ALA A 73 8.02 -0.42 6.42
CA ALA A 73 7.49 -1.71 6.84
C ALA A 73 6.78 -1.67 8.19
N SER A 74 7.48 -1.24 9.23
CA SER A 74 7.02 -1.13 10.62
C SER A 74 5.99 -0.03 10.93
N ALA A 75 5.32 0.52 9.94
CA ALA A 75 4.34 1.58 10.13
C ALA A 75 2.96 1.15 9.66
N ASN A 76 1.97 1.40 10.52
CA ASN A 76 0.56 1.09 10.27
C ASN A 76 0.13 2.15 9.27
N VAL A 77 -0.13 1.75 8.03
CA VAL A 77 -0.54 2.65 6.96
C VAL A 77 -1.67 3.59 7.39
N PHE A 78 -2.68 3.11 8.12
CA PHE A 78 -3.80 3.91 8.59
C PHE A 78 -3.45 5.19 9.37
N TYR A 79 -2.23 5.27 9.90
CA TYR A 79 -1.74 6.42 10.65
C TYR A 79 -0.58 7.07 9.90
N ALA A 80 0.30 6.27 9.32
CA ALA A 80 1.46 6.72 8.57
C ALA A 80 1.04 7.53 7.34
N MET A 81 -0.02 7.12 6.66
CA MET A 81 -0.53 7.83 5.49
C MET A 81 -0.88 9.27 5.87
N ASP A 82 -0.64 10.18 4.95
CA ASP A 82 -0.91 11.61 5.10
C ASP A 82 -2.40 11.82 5.34
N GLY A 83 -3.23 11.07 4.61
CA GLY A 83 -4.68 11.11 4.72
C GLY A 83 -5.39 12.10 3.81
N ALA A 84 -4.69 12.82 2.94
CA ALA A 84 -5.35 13.76 2.04
C ALA A 84 -5.99 13.01 0.87
N SER A 85 -5.38 11.90 0.47
CA SER A 85 -5.81 11.06 -0.63
C SER A 85 -5.73 9.59 -0.22
N HIS A 86 -6.63 8.79 -0.78
CA HIS A 86 -6.76 7.36 -0.56
C HIS A 86 -6.03 6.54 -1.63
N ASP A 87 -5.23 7.15 -2.50
CA ASP A 87 -4.51 6.45 -3.55
C ASP A 87 -3.09 6.14 -3.11
N PHE A 88 -2.65 4.95 -3.53
CA PHE A 88 -1.35 4.37 -3.25
C PHE A 88 -0.85 3.60 -4.46
N LEU A 89 0.41 3.19 -4.39
CA LEU A 89 1.07 2.43 -5.42
C LEU A 89 2.03 1.43 -4.79
N LEU A 90 2.34 0.40 -5.57
CA LEU A 90 3.25 -0.67 -5.21
C LEU A 90 4.41 -0.64 -6.18
N ARG A 91 5.63 -0.38 -5.68
CA ARG A 91 6.83 -0.28 -6.52
C ARG A 91 7.84 -1.36 -6.17
N GLN A 92 8.33 -2.10 -7.17
CA GLN A 92 9.30 -3.15 -6.93
C GLN A 92 10.58 -2.46 -6.47
N ARG A 93 11.15 -2.91 -5.36
CA ARG A 93 12.36 -2.33 -4.84
C ARG A 93 13.56 -2.97 -5.51
N ARG A 94 14.61 -2.15 -5.56
CA ARG A 94 15.92 -2.46 -6.08
C ARG A 94 16.55 -3.45 -5.10
N ARG A 95 17.78 -3.89 -5.37
CA ARG A 95 18.43 -4.91 -4.57
C ARG A 95 18.48 -4.63 -3.07
N SER A 96 18.13 -5.69 -2.35
CA SER A 96 18.01 -5.89 -0.92
C SER A 96 18.97 -7.00 -0.49
N SER A 97 19.07 -7.26 0.81
CA SER A 97 19.93 -8.29 1.38
C SER A 97 19.04 -9.35 2.03
N THR A 98 19.14 -10.57 1.51
CA THR A 98 18.41 -11.75 1.97
C THR A 98 19.38 -12.82 2.51
N ALA A 99 20.66 -12.48 2.70
CA ALA A 99 21.69 -13.38 3.19
C ALA A 99 22.71 -12.62 4.02
N THR A 100 23.50 -13.39 4.77
CA THR A 100 24.55 -12.93 5.65
C THR A 100 25.73 -13.82 5.31
N SER A 1 -32.86 1.08 14.53
CA SER A 1 -31.76 0.69 15.43
C SER A 1 -30.48 0.70 14.62
N MET A 2 -29.40 1.23 15.16
CA MET A 2 -28.11 1.32 14.46
C MET A 2 -27.05 0.55 15.27
N GLY A 3 -25.87 0.39 14.68
CA GLY A 3 -24.74 -0.29 15.29
C GLY A 3 -23.73 0.73 15.80
N PRO A 4 -22.64 0.27 16.44
CA PRO A 4 -21.61 1.16 16.95
C PRO A 4 -20.76 1.75 15.83
N GLY A 5 -19.84 2.64 16.20
CA GLY A 5 -18.88 3.35 15.37
C GLY A 5 -17.72 3.65 16.32
N ALA A 6 -16.90 2.63 16.58
CA ALA A 6 -15.74 2.68 17.46
C ALA A 6 -14.41 2.45 16.74
N SER A 7 -14.36 2.57 15.41
CA SER A 7 -13.15 2.35 14.64
C SER A 7 -12.67 3.61 13.94
N ASP A 8 -11.36 3.67 13.64
CA ASP A 8 -10.70 4.76 12.93
C ASP A 8 -10.15 4.25 11.59
N CYS A 9 -10.53 3.03 11.20
CA CYS A 9 -10.10 2.32 10.01
C CYS A 9 -10.41 3.03 8.68
N ARG A 10 -9.39 3.62 8.06
CA ARG A 10 -9.51 4.32 6.79
C ARG A 10 -9.32 3.35 5.63
N ILE A 11 -9.65 3.77 4.41
CA ILE A 11 -9.52 2.98 3.20
C ILE A 11 -8.81 3.88 2.19
N ILE A 12 -7.73 3.38 1.62
CA ILE A 12 -6.89 4.06 0.63
C ILE A 12 -7.00 3.37 -0.73
N ARG A 13 -6.36 3.96 -1.73
CA ARG A 13 -6.33 3.47 -3.10
C ARG A 13 -4.89 3.13 -3.46
N VAL A 14 -4.66 1.98 -4.08
CA VAL A 14 -3.30 1.57 -4.46
C VAL A 14 -3.31 0.98 -5.86
N GLN A 15 -2.30 1.30 -6.68
CA GLN A 15 -2.11 0.80 -8.05
C GLN A 15 -0.86 -0.10 -8.11
N MET A 16 -0.67 -0.72 -9.27
CA MET A 16 0.46 -1.59 -9.59
C MET A 16 0.87 -1.34 -11.04
N GLU A 17 1.98 -1.93 -11.46
CA GLU A 17 2.63 -1.88 -12.77
C GLU A 17 1.93 -2.71 -13.86
N LEU A 18 0.66 -3.05 -13.65
CA LEU A 18 -0.21 -3.86 -14.53
C LEU A 18 0.07 -3.66 -16.01
N GLY A 19 0.18 -2.41 -16.46
CA GLY A 19 0.44 -2.08 -17.84
C GLY A 19 -0.84 -2.09 -18.66
N GLU A 20 -1.42 -3.27 -18.90
CA GLU A 20 -2.66 -3.42 -19.67
C GLU A 20 -3.79 -2.65 -18.98
N ASP A 21 -4.14 -3.08 -17.76
CA ASP A 21 -5.20 -2.48 -16.95
C ASP A 21 -4.90 -1.05 -16.52
N GLY A 22 -3.63 -0.62 -16.53
CA GLY A 22 -3.25 0.73 -16.10
C GLY A 22 -3.33 0.83 -14.57
N SER A 23 -3.57 2.01 -14.03
CA SER A 23 -3.67 2.15 -12.57
C SER A 23 -4.90 1.35 -12.13
N VAL A 24 -4.87 0.75 -10.94
CA VAL A 24 -5.99 -0.07 -10.45
C VAL A 24 -6.73 0.66 -9.31
N TYR A 25 -6.00 1.24 -8.36
CA TYR A 25 -6.59 1.98 -7.23
C TYR A 25 -7.62 1.20 -6.41
N LYS A 26 -7.26 -0.04 -6.09
CA LYS A 26 -8.09 -0.94 -5.29
C LYS A 26 -8.25 -0.39 -3.89
N SER A 27 -9.39 -0.67 -3.27
CA SER A 27 -9.72 -0.25 -1.92
C SER A 27 -8.92 -1.09 -0.92
N ILE A 28 -7.86 -0.53 -0.33
CA ILE A 28 -7.02 -1.25 0.65
C ILE A 28 -7.28 -0.65 2.04
N LEU A 29 -7.32 -1.52 3.04
CA LEU A 29 -7.53 -1.18 4.45
C LEU A 29 -6.16 -0.84 5.05
N VAL A 30 -6.10 0.08 6.00
CA VAL A 30 -4.87 0.49 6.66
C VAL A 30 -5.22 0.64 8.13
N THR A 31 -4.82 -0.31 8.98
CA THR A 31 -5.09 -0.26 10.40
C THR A 31 -3.99 0.55 11.11
N SER A 32 -4.14 0.80 12.42
CA SER A 32 -3.18 1.54 13.22
C SER A 32 -1.75 0.95 13.18
N GLN A 33 -1.59 -0.35 12.92
CA GLN A 33 -0.30 -1.03 12.88
C GLN A 33 0.06 -1.56 11.48
N ASP A 34 -0.71 -1.22 10.45
CA ASP A 34 -0.44 -1.71 9.10
C ASP A 34 0.84 -1.09 8.55
N LYS A 35 1.90 -1.90 8.53
CA LYS A 35 3.21 -1.51 8.02
C LYS A 35 3.21 -1.61 6.51
N ALA A 36 4.20 -0.98 5.86
CA ALA A 36 4.34 -1.00 4.41
C ALA A 36 4.23 -2.43 3.87
N PRO A 37 5.11 -3.38 4.25
CA PRO A 37 5.04 -4.76 3.76
C PRO A 37 3.74 -5.50 4.11
N SER A 38 2.95 -4.99 5.05
CA SER A 38 1.68 -5.58 5.47
C SER A 38 0.58 -5.09 4.53
N VAL A 39 0.60 -3.81 4.15
CA VAL A 39 -0.37 -3.22 3.25
C VAL A 39 -0.12 -3.78 1.84
N ILE A 40 1.14 -4.04 1.46
CA ILE A 40 1.50 -4.60 0.17
C ILE A 40 0.82 -5.96 0.00
N SER A 41 0.76 -6.78 1.05
CA SER A 41 0.13 -8.08 1.04
C SER A 41 -1.32 -7.95 0.55
N ARG A 42 -2.03 -6.90 1.00
CA ARG A 42 -3.42 -6.66 0.61
C ARG A 42 -3.51 -6.42 -0.90
N VAL A 43 -2.62 -5.60 -1.44
CA VAL A 43 -2.58 -5.25 -2.85
C VAL A 43 -2.35 -6.50 -3.68
N LEU A 44 -1.38 -7.34 -3.33
CA LEU A 44 -1.11 -8.57 -4.08
C LEU A 44 -2.39 -9.42 -4.16
N LYS A 45 -3.10 -9.56 -3.04
CA LYS A 45 -4.33 -10.34 -2.95
C LYS A 45 -5.48 -9.73 -3.73
N LYS A 46 -5.37 -8.48 -4.20
CA LYS A 46 -6.43 -7.79 -4.92
C LYS A 46 -6.22 -7.82 -6.42
N ASN A 47 -4.98 -8.06 -6.84
CA ASN A 47 -4.54 -8.14 -8.22
C ASN A 47 -4.45 -9.59 -8.66
N ASN A 48 -5.05 -10.51 -7.91
CA ASN A 48 -5.05 -11.96 -8.14
C ASN A 48 -3.62 -12.50 -8.22
N ARG A 49 -2.68 -11.92 -7.45
CA ARG A 49 -1.31 -12.38 -7.45
C ARG A 49 -1.17 -13.07 -6.10
N ASP A 50 -1.19 -14.39 -6.12
CA ASP A 50 -1.10 -15.20 -4.90
C ASP A 50 0.37 -15.36 -4.54
N SER A 51 1.15 -15.91 -5.47
CA SER A 51 2.56 -16.13 -5.24
C SER A 51 3.31 -14.83 -5.54
N ALA A 52 3.69 -14.12 -4.47
CA ALA A 52 4.44 -12.89 -4.49
C ALA A 52 4.92 -12.61 -3.06
N VAL A 53 6.00 -11.84 -2.88
CA VAL A 53 6.53 -11.48 -1.58
C VAL A 53 6.58 -9.96 -1.47
N ALA A 54 5.95 -9.39 -0.44
CA ALA A 54 5.90 -7.95 -0.23
C ALA A 54 7.30 -7.33 -0.07
N SER A 55 8.29 -8.11 0.38
CA SER A 55 9.66 -7.64 0.55
C SER A 55 10.32 -7.32 -0.80
N GLU A 56 9.84 -7.92 -1.91
CA GLU A 56 10.38 -7.69 -3.24
C GLU A 56 9.86 -6.39 -3.85
N TYR A 57 8.92 -5.71 -3.19
CA TYR A 57 8.33 -4.47 -3.66
C TYR A 57 8.45 -3.40 -2.59
N GLU A 58 8.13 -2.15 -2.93
CA GLU A 58 8.20 -1.04 -2.00
C GLU A 58 6.94 -0.18 -2.09
N LEU A 59 6.48 0.28 -0.91
CA LEU A 59 5.31 1.11 -0.67
C LEU A 59 5.68 2.55 -1.01
N VAL A 60 4.85 3.19 -1.82
CA VAL A 60 5.03 4.55 -2.27
C VAL A 60 3.69 5.29 -2.20
N GLN A 61 3.70 6.50 -1.68
CA GLN A 61 2.53 7.38 -1.56
C GLN A 61 2.59 8.39 -2.70
N LEU A 62 1.43 8.81 -3.22
CA LEU A 62 1.32 9.76 -4.31
C LEU A 62 0.98 11.10 -3.72
N LEU A 63 1.81 12.11 -3.98
CA LEU A 63 1.59 13.45 -3.48
C LEU A 63 1.05 14.31 -4.61
N PRO A 64 0.18 15.29 -4.32
CA PRO A 64 -0.43 16.16 -5.34
C PRO A 64 0.52 17.17 -5.98
N GLY A 65 1.76 17.29 -5.48
CA GLY A 65 2.76 18.20 -6.02
C GLY A 65 3.59 17.49 -7.08
N GLU A 66 3.07 16.42 -7.70
CA GLU A 66 3.72 15.58 -8.70
C GLU A 66 5.01 15.00 -8.09
N ARG A 67 4.91 14.62 -6.82
CA ARG A 67 5.99 14.02 -6.03
C ARG A 67 5.55 12.63 -5.59
N GLU A 68 6.47 11.93 -4.95
CA GLU A 68 6.28 10.61 -4.42
C GLU A 68 6.99 10.59 -3.07
N LEU A 69 6.48 9.77 -2.17
CA LEU A 69 7.00 9.55 -0.83
C LEU A 69 7.12 8.05 -0.58
N THR A 70 8.33 7.51 -0.55
CA THR A 70 8.49 6.09 -0.27
C THR A 70 8.26 5.90 1.23
N ILE A 71 7.34 5.02 1.61
CA ILE A 71 7.05 4.75 3.00
C ILE A 71 8.00 3.63 3.43
N PRO A 72 8.90 3.84 4.42
CA PRO A 72 9.85 2.82 4.84
C PRO A 72 9.16 1.63 5.52
N ALA A 73 9.69 0.43 5.29
CA ALA A 73 9.23 -0.86 5.81
C ALA A 73 8.73 -0.82 7.26
N SER A 74 9.58 -0.36 8.18
CA SER A 74 9.32 -0.29 9.60
C SER A 74 8.32 0.78 10.10
N ALA A 75 7.54 1.37 9.21
CA ALA A 75 6.56 2.41 9.54
C ALA A 75 5.13 2.00 9.22
N ASN A 76 4.22 2.29 10.15
CA ASN A 76 2.79 2.02 10.03
C ASN A 76 2.30 3.13 9.09
N VAL A 77 1.86 2.78 7.89
CA VAL A 77 1.41 3.71 6.86
C VAL A 77 0.41 4.73 7.39
N PHE A 78 -0.45 4.32 8.33
CA PHE A 78 -1.47 5.14 8.95
C PHE A 78 -0.88 6.46 9.51
N TYR A 79 0.40 6.47 9.91
CA TYR A 79 1.12 7.63 10.43
C TYR A 79 2.26 8.03 9.50
N ALA A 80 2.87 7.08 8.78
CA ALA A 80 3.97 7.36 7.87
C ALA A 80 3.55 8.26 6.70
N MET A 81 2.29 8.14 6.26
CA MET A 81 1.75 8.93 5.17
C MET A 81 1.85 10.44 5.47
N ASP A 82 2.12 11.24 4.43
CA ASP A 82 2.29 12.71 4.46
C ASP A 82 1.07 13.50 4.95
N GLY A 83 -0.11 12.89 4.90
CA GLY A 83 -1.35 13.52 5.32
C GLY A 83 -2.02 14.34 4.21
N ALA A 84 -1.46 14.33 3.00
CA ALA A 84 -1.96 15.08 1.85
C ALA A 84 -2.70 14.25 0.81
N SER A 85 -2.66 12.91 0.87
CA SER A 85 -3.30 12.08 -0.15
C SER A 85 -3.50 10.64 0.33
N HIS A 86 -4.59 10.01 -0.09
CA HIS A 86 -4.98 8.65 0.23
C HIS A 86 -4.68 7.72 -0.97
N ASP A 87 -3.95 8.22 -1.98
CA ASP A 87 -3.58 7.50 -3.19
C ASP A 87 -2.14 7.03 -3.01
N PHE A 88 -1.85 5.80 -3.41
CA PHE A 88 -0.54 5.14 -3.30
C PHE A 88 -0.29 4.22 -4.50
N LEU A 89 0.92 3.66 -4.60
CA LEU A 89 1.34 2.72 -5.62
C LEU A 89 2.23 1.67 -4.99
N LEU A 90 2.46 0.60 -5.74
CA LEU A 90 3.29 -0.53 -5.38
C LEU A 90 4.22 -0.73 -6.56
N ARG A 91 5.53 -0.85 -6.30
CA ARG A 91 6.53 -1.01 -7.33
C ARG A 91 7.54 -2.10 -6.97
N GLN A 92 7.93 -2.93 -7.93
CA GLN A 92 8.92 -3.96 -7.68
C GLN A 92 10.25 -3.25 -7.40
N ARG A 93 11.03 -3.75 -6.44
CA ARG A 93 12.31 -3.18 -6.03
C ARG A 93 13.46 -4.15 -6.33
N ARG A 94 14.37 -3.84 -7.26
CA ARG A 94 15.49 -4.77 -7.51
C ARG A 94 16.43 -4.62 -6.32
N ARG A 95 16.62 -5.71 -5.61
CA ARG A 95 17.39 -5.89 -4.39
C ARG A 95 18.26 -7.14 -4.40
N SER A 96 18.86 -7.36 -3.24
CA SER A 96 19.80 -8.33 -2.72
C SER A 96 19.26 -9.76 -2.91
N SER A 97 19.98 -10.78 -2.43
CA SER A 97 19.62 -12.17 -2.68
C SER A 97 18.18 -12.53 -2.30
N THR A 98 17.81 -13.75 -2.65
CA THR A 98 16.47 -14.28 -2.59
C THR A 98 15.74 -14.40 -1.26
N ALA A 99 16.31 -14.94 -0.19
CA ALA A 99 15.59 -15.05 1.07
C ALA A 99 16.55 -15.16 2.25
N THR A 100 15.97 -15.15 3.45
CA THR A 100 16.59 -15.27 4.77
C THR A 100 17.95 -14.56 4.84
N SER A 1 -17.49 13.31 3.74
CA SER A 1 -18.25 12.19 4.30
C SER A 1 -17.87 12.02 5.76
N MET A 2 -18.87 11.84 6.64
CA MET A 2 -18.68 11.67 8.08
C MET A 2 -19.46 10.45 8.56
N GLY A 3 -19.16 9.95 9.77
CA GLY A 3 -19.81 8.80 10.37
C GLY A 3 -19.83 8.88 11.88
N PRO A 4 -20.49 7.92 12.56
CA PRO A 4 -20.60 7.90 14.01
C PRO A 4 -19.26 7.80 14.73
N GLY A 5 -18.24 7.17 14.13
CA GLY A 5 -16.91 7.01 14.71
C GLY A 5 -16.57 5.55 14.89
N ALA A 6 -17.55 4.73 15.33
CA ALA A 6 -17.45 3.30 15.59
C ALA A 6 -16.67 2.57 14.49
N SER A 7 -17.06 2.75 13.23
CA SER A 7 -16.38 2.15 12.10
C SER A 7 -15.11 3.00 11.94
N ASP A 8 -13.95 2.48 12.35
CA ASP A 8 -12.68 3.22 12.24
C ASP A 8 -11.78 2.66 11.15
N CYS A 9 -11.94 1.39 10.79
CA CYS A 9 -11.16 0.74 9.75
C CYS A 9 -11.57 1.32 8.40
N ARG A 10 -10.72 2.19 7.81
CA ARG A 10 -10.99 2.83 6.52
C ARG A 10 -10.48 1.96 5.37
N ILE A 11 -10.73 2.37 4.13
CA ILE A 11 -10.32 1.64 2.91
C ILE A 11 -9.47 2.60 2.08
N ILE A 12 -8.40 2.10 1.47
CA ILE A 12 -7.47 2.88 0.63
C ILE A 12 -7.41 2.28 -0.78
N ARG A 13 -6.93 3.06 -1.75
CA ARG A 13 -6.77 2.64 -3.13
C ARG A 13 -5.29 2.43 -3.35
N VAL A 14 -4.94 1.33 -4.01
CA VAL A 14 -3.54 1.01 -4.26
C VAL A 14 -3.36 0.56 -5.71
N GLN A 15 -2.31 1.03 -6.38
CA GLN A 15 -1.96 0.70 -7.77
C GLN A 15 -0.67 -0.13 -7.82
N MET A 16 -0.41 -0.78 -8.95
CA MET A 16 0.78 -1.62 -9.19
C MET A 16 1.55 -1.26 -10.47
N GLU A 17 2.76 -1.78 -10.60
CA GLU A 17 3.75 -1.63 -11.68
C GLU A 17 3.46 -2.38 -12.99
N LEU A 18 2.22 -2.81 -13.16
CA LEU A 18 1.64 -3.60 -14.26
C LEU A 18 2.05 -3.27 -15.68
N GLY A 19 2.60 -2.08 -15.90
CA GLY A 19 3.08 -1.66 -17.19
C GLY A 19 2.00 -1.34 -18.22
N GLU A 20 1.39 -2.36 -18.81
CA GLU A 20 0.37 -2.24 -19.84
C GLU A 20 -1.06 -2.29 -19.28
N ASP A 21 -1.24 -2.62 -18.01
CA ASP A 21 -2.56 -2.70 -17.36
C ASP A 21 -2.79 -1.52 -16.39
N GLY A 22 -1.91 -0.50 -16.48
CA GLY A 22 -1.86 0.75 -15.75
C GLY A 22 -2.27 0.72 -14.27
N SER A 23 -2.97 1.76 -13.84
CA SER A 23 -3.43 1.91 -12.46
C SER A 23 -4.53 0.88 -12.19
N VAL A 24 -4.57 0.41 -10.94
CA VAL A 24 -5.51 -0.60 -10.48
C VAL A 24 -6.48 -0.06 -9.45
N TYR A 25 -5.95 0.63 -8.43
CA TYR A 25 -6.74 1.24 -7.36
C TYR A 25 -7.68 0.26 -6.65
N LYS A 26 -7.17 -0.92 -6.31
CA LYS A 26 -8.01 -1.89 -5.59
C LYS A 26 -8.26 -1.32 -4.21
N SER A 27 -9.47 -1.51 -3.73
CA SER A 27 -9.94 -1.07 -2.44
C SER A 27 -9.49 -2.06 -1.37
N ILE A 28 -8.48 -1.68 -0.57
CA ILE A 28 -7.93 -2.50 0.50
C ILE A 28 -8.33 -1.95 1.87
N LEU A 29 -8.90 -2.80 2.72
CA LEU A 29 -9.32 -2.45 4.08
C LEU A 29 -8.07 -2.32 4.96
N VAL A 30 -7.97 -1.21 5.68
CA VAL A 30 -6.91 -0.84 6.60
C VAL A 30 -7.44 -1.04 8.01
N THR A 31 -6.57 -1.31 8.98
CA THR A 31 -7.00 -1.50 10.36
C THR A 31 -6.02 -0.74 11.25
N SER A 32 -6.45 -0.30 12.43
CA SER A 32 -5.58 0.45 13.32
C SER A 32 -4.33 -0.32 13.77
N GLN A 33 -4.26 -1.65 13.59
CA GLN A 33 -3.12 -2.48 13.97
C GLN A 33 -2.41 -3.14 12.79
N ASP A 34 -2.67 -2.65 11.58
CA ASP A 34 -2.07 -3.11 10.34
C ASP A 34 -0.55 -2.91 10.32
N LYS A 35 0.09 -3.37 9.24
CA LYS A 35 1.48 -3.22 8.95
C LYS A 35 1.58 -3.17 7.44
N ALA A 36 2.56 -2.44 6.92
CA ALA A 36 2.82 -2.29 5.51
C ALA A 36 2.95 -3.67 4.85
N PRO A 37 3.85 -4.59 5.29
CA PRO A 37 3.96 -5.88 4.66
C PRO A 37 2.65 -6.70 4.69
N SER A 38 1.77 -6.45 5.68
CA SER A 38 0.49 -7.14 5.79
C SER A 38 -0.49 -6.53 4.78
N VAL A 39 -0.49 -5.20 4.67
CA VAL A 39 -1.31 -4.40 3.77
C VAL A 39 -0.91 -4.75 2.33
N ILE A 40 0.38 -5.04 2.07
CA ILE A 40 0.89 -5.43 0.76
C ILE A 40 0.35 -6.84 0.45
N SER A 41 0.34 -7.75 1.44
CA SER A 41 -0.15 -9.10 1.24
C SER A 41 -1.61 -9.06 0.73
N ARG A 42 -2.40 -8.05 1.13
CA ARG A 42 -3.78 -7.92 0.67
C ARG A 42 -3.78 -7.63 -0.83
N VAL A 43 -2.99 -6.64 -1.26
CA VAL A 43 -2.87 -6.20 -2.65
C VAL A 43 -2.64 -7.39 -3.57
N LEU A 44 -1.58 -8.15 -3.32
CA LEU A 44 -1.22 -9.32 -4.12
C LEU A 44 -2.43 -10.25 -4.32
N LYS A 45 -3.19 -10.51 -3.25
CA LYS A 45 -4.36 -11.40 -3.32
C LYS A 45 -5.61 -10.72 -3.87
N LYS A 46 -5.59 -9.41 -4.12
CA LYS A 46 -6.75 -8.70 -4.67
C LYS A 46 -6.59 -8.57 -6.18
N ASN A 47 -5.38 -8.77 -6.69
CA ASN A 47 -5.03 -8.68 -8.10
C ASN A 47 -4.87 -10.05 -8.75
N ASN A 48 -5.25 -11.12 -8.05
CA ASN A 48 -5.18 -12.50 -8.52
C ASN A 48 -3.77 -12.88 -8.97
N ARG A 49 -2.75 -12.34 -8.28
CA ARG A 49 -1.36 -12.64 -8.61
C ARG A 49 -1.08 -14.10 -8.27
N ASP A 50 -0.21 -14.73 -9.05
CA ASP A 50 0.20 -16.11 -8.90
C ASP A 50 1.03 -16.29 -7.63
N SER A 51 2.20 -15.67 -7.54
CA SER A 51 3.08 -15.77 -6.39
C SER A 51 4.08 -14.61 -6.35
N ALA A 52 4.12 -13.93 -5.22
CA ALA A 52 4.97 -12.80 -4.88
C ALA A 52 4.92 -12.66 -3.36
N VAL A 53 5.87 -11.93 -2.75
CA VAL A 53 5.93 -11.73 -1.31
C VAL A 53 6.14 -10.26 -0.99
N ALA A 54 5.54 -9.78 0.10
CA ALA A 54 5.65 -8.41 0.53
C ALA A 54 7.08 -8.02 0.90
N SER A 55 7.95 -9.00 1.19
CA SER A 55 9.34 -8.72 1.52
C SER A 55 10.10 -8.15 0.32
N GLU A 56 9.60 -8.32 -0.91
CA GLU A 56 10.22 -7.82 -2.13
C GLU A 56 9.68 -6.44 -2.51
N TYR A 57 8.76 -5.85 -1.75
CA TYR A 57 8.21 -4.54 -2.09
C TYR A 57 8.14 -3.61 -0.89
N GLU A 58 7.85 -2.34 -1.13
CA GLU A 58 7.75 -1.29 -0.13
C GLU A 58 6.43 -0.55 -0.33
N LEU A 59 5.73 -0.26 0.76
CA LEU A 59 4.44 0.43 0.78
C LEU A 59 4.74 1.93 0.67
N VAL A 60 3.97 2.64 -0.15
CA VAL A 60 4.15 4.06 -0.40
C VAL A 60 2.82 4.78 -0.48
N GLN A 61 2.81 6.01 0.02
CA GLN A 61 1.65 6.89 0.04
C GLN A 61 1.86 7.99 -0.98
N LEU A 62 0.78 8.50 -1.57
CA LEU A 62 0.85 9.58 -2.54
C LEU A 62 0.20 10.80 -1.92
N LEU A 63 0.91 11.92 -1.96
CA LEU A 63 0.46 13.18 -1.39
C LEU A 63 -0.08 14.09 -2.51
N PRO A 64 -0.98 15.05 -2.20
CA PRO A 64 -1.53 15.95 -3.20
C PRO A 64 -0.47 16.86 -3.81
N GLY A 65 0.58 17.21 -3.06
CA GLY A 65 1.67 18.07 -3.51
C GLY A 65 2.76 17.30 -4.27
N GLU A 66 2.39 16.25 -5.01
CA GLU A 66 3.24 15.36 -5.80
C GLU A 66 4.38 14.73 -4.99
N ARG A 67 4.16 14.44 -3.71
CA ARG A 67 5.17 13.84 -2.84
C ARG A 67 4.79 12.40 -2.59
N GLU A 68 5.75 11.64 -2.06
CA GLU A 68 5.57 10.25 -1.73
C GLU A 68 6.19 10.01 -0.36
N LEU A 69 5.42 9.42 0.53
CA LEU A 69 5.79 9.11 1.91
C LEU A 69 5.85 7.58 1.99
N THR A 70 7.07 7.04 2.01
CA THR A 70 7.29 5.61 2.10
C THR A 70 7.01 5.16 3.53
N ILE A 71 6.12 4.19 3.70
CA ILE A 71 5.76 3.68 5.03
C ILE A 71 6.70 2.53 5.40
N PRO A 72 7.39 2.57 6.57
CA PRO A 72 8.30 1.51 6.99
C PRO A 72 7.49 0.26 7.34
N ALA A 73 8.13 -0.91 7.28
CA ALA A 73 7.53 -2.22 7.57
C ALA A 73 7.24 -2.50 9.06
N SER A 74 7.44 -1.52 9.94
CA SER A 74 7.21 -1.66 11.38
C SER A 74 6.12 -0.75 11.97
N ALA A 75 5.34 -0.11 11.10
CA ALA A 75 4.29 0.84 11.44
C ALA A 75 2.91 0.50 10.91
N ASN A 76 1.87 0.86 11.65
CA ASN A 76 0.47 0.66 11.29
C ASN A 76 0.13 1.78 10.32
N VAL A 77 -0.02 1.46 9.04
CA VAL A 77 -0.33 2.40 7.96
C VAL A 77 -1.45 3.34 8.38
N PHE A 78 -2.49 2.84 9.05
CA PHE A 78 -3.62 3.63 9.50
C PHE A 78 -3.22 4.92 10.25
N TYR A 79 -2.07 4.95 10.93
CA TYR A 79 -1.54 6.09 11.66
C TYR A 79 -0.25 6.60 11.03
N ALA A 80 0.52 5.73 10.36
CA ALA A 80 1.77 6.10 9.69
C ALA A 80 1.47 7.07 8.56
N MET A 81 0.33 6.86 7.88
CA MET A 81 -0.13 7.70 6.79
C MET A 81 -0.33 9.13 7.26
N ASP A 82 -0.04 10.05 6.35
CA ASP A 82 -0.10 11.49 6.53
C ASP A 82 -1.44 12.02 7.07
N GLY A 83 -2.49 11.88 6.28
CA GLY A 83 -3.85 12.31 6.58
C GLY A 83 -4.48 13.16 5.47
N ALA A 84 -3.80 13.35 4.33
CA ALA A 84 -4.30 14.15 3.21
C ALA A 84 -4.83 13.34 2.05
N SER A 85 -4.50 12.04 1.94
CA SER A 85 -4.98 11.23 0.82
C SER A 85 -5.14 9.75 1.17
N HIS A 86 -5.91 9.04 0.36
CA HIS A 86 -6.20 7.61 0.50
C HIS A 86 -5.63 6.80 -0.66
N ASP A 87 -4.74 7.43 -1.44
CA ASP A 87 -4.09 6.83 -2.60
C ASP A 87 -2.70 6.36 -2.18
N PHE A 88 -2.35 5.16 -2.65
CA PHE A 88 -1.10 4.49 -2.36
C PHE A 88 -0.61 3.70 -3.58
N LEU A 89 0.62 3.22 -3.50
CA LEU A 89 1.24 2.41 -4.54
C LEU A 89 2.11 1.35 -3.90
N LEU A 90 2.43 0.32 -4.68
CA LEU A 90 3.25 -0.80 -4.28
C LEU A 90 4.41 -0.85 -5.27
N ARG A 91 5.65 -0.74 -4.78
CA ARG A 91 6.86 -0.73 -5.60
C ARG A 91 7.87 -1.75 -5.12
N GLN A 92 8.60 -2.38 -6.05
CA GLN A 92 9.59 -3.37 -5.68
C GLN A 92 10.80 -2.73 -5.00
N ARG A 93 11.42 -3.47 -4.07
CA ARG A 93 12.60 -3.08 -3.31
C ARG A 93 13.68 -4.12 -3.61
N ARG A 94 14.75 -3.72 -4.31
CA ARG A 94 15.84 -4.63 -4.66
C ARG A 94 17.14 -3.86 -4.85
N ARG A 95 18.12 -4.10 -3.99
CA ARG A 95 19.45 -3.49 -4.07
C ARG A 95 20.22 -4.36 -5.07
N SER A 96 21.47 -4.00 -5.39
CA SER A 96 22.26 -4.75 -6.36
C SER A 96 22.49 -6.19 -5.87
N SER A 97 22.72 -7.15 -6.78
CA SER A 97 22.92 -8.55 -6.44
C SER A 97 24.11 -9.14 -7.20
N THR A 98 24.65 -10.23 -6.67
CA THR A 98 25.77 -10.97 -7.23
C THR A 98 25.31 -11.52 -8.58
N ALA A 99 24.06 -12.02 -8.63
CA ALA A 99 23.45 -12.53 -9.84
C ALA A 99 22.98 -11.27 -10.55
N THR A 100 23.69 -10.88 -11.59
CA THR A 100 23.38 -9.70 -12.38
C THR A 100 22.01 -9.92 -13.03
N SER A 1 -9.39 13.24 21.23
CA SER A 1 -10.09 11.97 21.49
C SER A 1 -10.84 11.57 20.23
N MET A 2 -10.29 10.61 19.49
CA MET A 2 -10.83 10.08 18.26
C MET A 2 -10.16 8.74 17.98
N GLY A 3 -10.56 8.04 16.92
CA GLY A 3 -10.02 6.74 16.58
C GLY A 3 -10.40 5.74 17.65
N PRO A 4 -11.68 5.43 17.80
CA PRO A 4 -12.15 4.50 18.81
C PRO A 4 -11.55 3.10 18.69
N GLY A 5 -11.72 2.40 17.57
CA GLY A 5 -11.19 1.05 17.36
C GLY A 5 -11.95 0.36 16.23
N ALA A 6 -13.25 0.16 16.43
CA ALA A 6 -14.27 -0.43 15.56
C ALA A 6 -14.71 0.56 14.46
N SER A 7 -13.86 1.54 14.20
CA SER A 7 -13.92 2.70 13.35
C SER A 7 -14.27 2.53 11.87
N ASP A 8 -14.29 3.74 11.31
CA ASP A 8 -14.54 4.54 10.12
C ASP A 8 -13.68 4.14 8.92
N CYS A 9 -13.24 2.88 8.87
CA CYS A 9 -12.32 2.35 7.87
C CYS A 9 -12.77 2.66 6.43
N ARG A 10 -11.80 3.28 5.76
CA ARG A 10 -11.73 3.82 4.41
C ARG A 10 -11.47 2.74 3.37
N ILE A 11 -11.49 3.15 2.11
CA ILE A 11 -11.23 2.37 0.92
C ILE A 11 -10.29 3.29 0.15
N ILE A 12 -9.20 2.74 -0.39
CA ILE A 12 -8.16 3.44 -1.15
C ILE A 12 -7.99 2.75 -2.51
N ARG A 13 -7.17 3.34 -3.38
CA ARG A 13 -6.88 2.88 -4.72
C ARG A 13 -5.41 2.53 -4.91
N VAL A 14 -5.08 1.25 -5.07
CA VAL A 14 -3.71 0.80 -5.24
C VAL A 14 -3.49 0.41 -6.71
N GLN A 15 -2.37 0.84 -7.29
CA GLN A 15 -1.98 0.53 -8.66
C GLN A 15 -0.78 -0.42 -8.62
N MET A 16 -0.39 -0.92 -9.78
CA MET A 16 0.73 -1.84 -9.91
C MET A 16 1.54 -1.53 -11.17
N GLU A 17 2.63 -2.27 -11.30
CA GLU A 17 3.66 -2.29 -12.32
C GLU A 17 3.23 -2.92 -13.64
N LEU A 18 1.91 -3.01 -13.87
CA LEU A 18 1.27 -3.58 -15.06
C LEU A 18 2.03 -3.31 -16.36
N GLY A 19 2.58 -2.11 -16.54
CA GLY A 19 3.34 -1.76 -17.72
C GLY A 19 2.41 -1.26 -18.82
N GLU A 20 1.69 -2.15 -19.49
CA GLU A 20 0.77 -1.83 -20.58
C GLU A 20 -0.41 -1.02 -20.04
N ASP A 21 -1.24 -1.65 -19.20
CA ASP A 21 -2.44 -1.06 -18.61
C ASP A 21 -2.14 0.18 -17.76
N GLY A 22 -0.95 0.24 -17.15
CA GLY A 22 -0.54 1.37 -16.32
C GLY A 22 -1.21 1.33 -14.95
N SER A 23 -1.77 2.46 -14.52
CA SER A 23 -2.43 2.53 -13.23
C SER A 23 -3.66 1.64 -13.21
N VAL A 24 -3.94 1.00 -12.07
CA VAL A 24 -5.09 0.13 -11.91
C VAL A 24 -6.08 0.68 -10.88
N TYR A 25 -5.60 1.19 -9.75
CA TYR A 25 -6.43 1.77 -8.69
C TYR A 25 -7.52 0.85 -8.11
N LYS A 26 -7.16 -0.41 -7.91
CA LYS A 26 -8.06 -1.42 -7.34
C LYS A 26 -8.50 -0.96 -5.96
N SER A 27 -9.77 -1.20 -5.65
CA SER A 27 -10.43 -0.85 -4.40
C SER A 27 -9.94 -1.73 -3.25
N ILE A 28 -9.10 -1.17 -2.36
CA ILE A 28 -8.57 -1.89 -1.21
C ILE A 28 -9.10 -1.22 0.07
N LEU A 29 -9.64 -1.99 1.01
CA LEU A 29 -10.16 -1.53 2.29
C LEU A 29 -8.98 -1.08 3.17
N VAL A 30 -9.19 -0.20 4.15
CA VAL A 30 -8.17 0.33 5.06
C VAL A 30 -8.74 0.25 6.49
N THR A 31 -8.29 -0.71 7.30
CA THR A 31 -8.80 -0.87 8.67
C THR A 31 -7.83 -0.29 9.70
N SER A 32 -8.32 -0.05 10.93
CA SER A 32 -7.57 0.51 12.04
C SER A 32 -6.21 -0.15 12.31
N GLN A 33 -6.06 -1.45 12.05
CA GLN A 33 -4.86 -2.24 12.28
C GLN A 33 -4.23 -2.78 10.99
N ASP A 34 -4.60 -2.25 9.83
CA ASP A 34 -4.08 -2.74 8.57
C ASP A 34 -2.58 -2.58 8.33
N LYS A 35 -1.80 -3.66 8.45
CA LYS A 35 -0.37 -3.57 8.18
C LYS A 35 -0.16 -3.52 6.68
N ALA A 36 0.92 -2.90 6.22
CA ALA A 36 1.24 -2.78 4.82
C ALA A 36 1.10 -4.11 4.08
N PRO A 37 1.76 -5.20 4.48
CA PRO A 37 1.65 -6.47 3.80
C PRO A 37 0.22 -7.06 3.83
N SER A 38 -0.65 -6.64 4.75
CA SER A 38 -2.03 -7.13 4.84
C SER A 38 -2.91 -6.45 3.79
N VAL A 39 -2.51 -5.26 3.37
CA VAL A 39 -3.16 -4.44 2.37
C VAL A 39 -2.70 -5.00 1.02
N ILE A 40 -1.38 -5.16 0.85
CA ILE A 40 -0.72 -5.67 -0.35
C ILE A 40 -1.32 -7.03 -0.74
N SER A 41 -1.59 -7.89 0.24
CA SER A 41 -2.16 -9.21 0.05
C SER A 41 -3.42 -9.15 -0.82
N ARG A 42 -4.24 -8.11 -0.65
CA ARG A 42 -5.47 -7.96 -1.42
C ARG A 42 -5.18 -7.48 -2.83
N VAL A 43 -4.14 -6.68 -3.03
CA VAL A 43 -3.77 -6.16 -4.34
C VAL A 43 -3.45 -7.35 -5.25
N LEU A 44 -2.76 -8.37 -4.72
CA LEU A 44 -2.40 -9.56 -5.48
C LEU A 44 -3.63 -10.27 -6.02
N LYS A 45 -4.62 -10.48 -5.15
CA LYS A 45 -5.86 -11.17 -5.52
C LYS A 45 -6.81 -10.29 -6.33
N LYS A 46 -6.41 -9.06 -6.67
CA LYS A 46 -7.23 -8.15 -7.45
C LYS A 46 -6.65 -7.93 -8.83
N ASN A 47 -5.39 -8.30 -9.07
CA ASN A 47 -4.68 -8.13 -10.34
C ASN A 47 -4.31 -9.47 -11.00
N ASN A 48 -4.91 -10.57 -10.58
CA ASN A 48 -4.71 -11.93 -11.08
C ASN A 48 -3.30 -12.48 -10.82
N ARG A 49 -2.67 -12.11 -9.71
CA ARG A 49 -1.33 -12.59 -9.36
C ARG A 49 -1.52 -13.77 -8.41
N ASP A 50 -1.19 -14.97 -8.86
CA ASP A 50 -1.33 -16.18 -8.06
C ASP A 50 -0.05 -16.45 -7.27
N SER A 51 1.09 -16.75 -7.93
CA SER A 51 2.31 -17.02 -7.19
C SER A 51 2.97 -15.67 -6.93
N ALA A 52 2.78 -15.20 -5.71
CA ALA A 52 3.32 -13.97 -5.18
C ALA A 52 3.09 -13.97 -3.67
N VAL A 53 3.75 -13.06 -2.97
CA VAL A 53 3.64 -12.86 -1.52
C VAL A 53 3.69 -11.36 -1.26
N ALA A 54 3.36 -10.92 -0.05
CA ALA A 54 3.40 -9.52 0.30
C ALA A 54 4.82 -9.14 0.72
N SER A 55 5.55 -10.05 1.38
CA SER A 55 6.92 -9.88 1.87
C SER A 55 7.95 -9.44 0.82
N GLU A 56 7.72 -9.77 -0.45
CA GLU A 56 8.62 -9.42 -1.53
C GLU A 56 8.40 -7.98 -2.00
N TYR A 57 7.40 -7.28 -1.47
CA TYR A 57 7.07 -5.91 -1.83
C TYR A 57 6.82 -5.09 -0.58
N GLU A 58 6.67 -3.79 -0.77
CA GLU A 58 6.37 -2.86 0.32
C GLU A 58 5.35 -1.87 -0.25
N LEU A 59 4.60 -1.21 0.63
CA LEU A 59 3.58 -0.27 0.22
C LEU A 59 4.20 1.09 -0.08
N VAL A 60 3.60 1.84 -0.98
CA VAL A 60 4.10 3.14 -1.43
C VAL A 60 2.93 4.10 -1.58
N GLN A 61 2.94 5.20 -0.84
CA GLN A 61 1.88 6.18 -0.88
C GLN A 61 2.22 7.20 -1.96
N LEU A 62 1.21 7.75 -2.61
CA LEU A 62 1.40 8.76 -3.64
C LEU A 62 1.16 10.08 -2.96
N LEU A 63 2.10 11.01 -3.12
CA LEU A 63 2.00 12.32 -2.50
C LEU A 63 2.28 13.43 -3.50
N PRO A 64 1.64 14.61 -3.32
CA PRO A 64 1.83 15.75 -4.22
C PRO A 64 3.28 16.24 -4.14
N GLY A 65 3.73 17.00 -5.14
CA GLY A 65 5.10 17.50 -5.19
C GLY A 65 6.04 16.37 -5.61
N GLU A 66 5.51 15.38 -6.33
CA GLU A 66 6.17 14.19 -6.85
C GLU A 66 6.86 13.43 -5.70
N ARG A 67 6.19 13.30 -4.54
CA ARG A 67 6.78 12.60 -3.39
C ARG A 67 6.20 11.22 -3.28
N GLU A 68 6.94 10.37 -2.59
CA GLU A 68 6.57 9.00 -2.33
C GLU A 68 6.85 8.71 -0.86
N LEU A 69 5.92 8.04 -0.20
CA LEU A 69 6.06 7.65 1.20
C LEU A 69 5.94 6.13 1.29
N THR A 70 7.07 5.44 1.47
CA THR A 70 7.09 3.99 1.59
C THR A 70 6.67 3.63 3.01
N ILE A 71 5.58 2.87 3.16
CA ILE A 71 5.07 2.48 4.48
C ILE A 71 5.73 1.14 4.86
N PRO A 72 6.46 1.03 5.98
CA PRO A 72 7.10 -0.21 6.38
C PRO A 72 6.06 -1.25 6.82
N ALA A 73 6.45 -2.52 6.77
CA ALA A 73 5.60 -3.65 7.11
C ALA A 73 4.88 -3.55 8.46
N SER A 74 5.59 -3.23 9.53
CA SER A 74 5.03 -3.14 10.88
C SER A 74 4.24 -1.88 11.19
N ALA A 75 3.90 -1.07 10.19
CA ALA A 75 3.14 0.15 10.36
C ALA A 75 1.70 -0.08 9.91
N ASN A 76 0.74 0.33 10.74
CA ASN A 76 -0.68 0.21 10.45
C ASN A 76 -0.93 1.38 9.48
N VAL A 77 -1.15 1.10 8.20
CA VAL A 77 -1.37 2.07 7.13
C VAL A 77 -2.37 3.15 7.49
N PHE A 78 -3.51 2.79 8.07
CA PHE A 78 -4.55 3.74 8.46
C PHE A 78 -4.01 4.89 9.34
N TYR A 79 -2.91 4.66 10.06
CA TYR A 79 -2.24 5.64 10.93
C TYR A 79 -0.90 6.10 10.35
N ALA A 80 -0.32 5.31 9.44
CA ALA A 80 0.96 5.60 8.82
C ALA A 80 0.86 6.54 7.62
N MET A 81 -0.23 6.46 6.86
CA MET A 81 -0.47 7.30 5.70
C MET A 81 -0.49 8.77 6.12
N ASP A 82 0.17 9.63 5.33
CA ASP A 82 0.36 11.07 5.53
C ASP A 82 -0.90 11.91 5.79
N GLY A 83 -2.01 11.55 5.13
CA GLY A 83 -3.28 12.25 5.26
C GLY A 83 -3.53 13.24 4.12
N ALA A 84 -2.80 13.13 3.00
CA ALA A 84 -2.93 14.01 1.85
C ALA A 84 -3.45 13.26 0.61
N SER A 85 -3.53 11.92 0.61
CA SER A 85 -4.01 11.17 -0.54
C SER A 85 -4.56 9.80 -0.14
N HIS A 86 -5.43 9.27 -0.99
CA HIS A 86 -6.09 7.97 -0.89
C HIS A 86 -5.63 7.08 -2.06
N ASP A 87 -4.55 7.45 -2.75
CA ASP A 87 -3.98 6.73 -3.89
C ASP A 87 -2.61 6.20 -3.44
N PHE A 88 -2.31 4.95 -3.78
CA PHE A 88 -1.07 4.27 -3.42
C PHE A 88 -0.63 3.37 -4.58
N LEU A 89 0.56 2.77 -4.48
CA LEU A 89 1.13 1.85 -5.44
C LEU A 89 1.87 0.75 -4.70
N LEU A 90 2.25 -0.28 -5.44
CA LEU A 90 2.99 -1.44 -4.94
C LEU A 90 4.30 -1.61 -5.73
N ARG A 91 5.43 -1.84 -5.05
CA ARG A 91 6.72 -2.04 -5.69
C ARG A 91 7.49 -3.06 -4.89
N GLN A 92 8.31 -3.87 -5.57
CA GLN A 92 9.09 -4.90 -4.88
C GLN A 92 10.13 -4.27 -3.95
N ARG A 93 10.52 -5.01 -2.92
CA ARG A 93 11.54 -4.65 -1.93
C ARG A 93 12.62 -5.70 -2.03
N ARG A 94 13.84 -5.34 -1.70
CA ARG A 94 14.99 -6.23 -1.76
C ARG A 94 16.00 -5.84 -0.69
N ARG A 95 17.04 -6.65 -0.47
CA ARG A 95 18.08 -6.34 0.50
C ARG A 95 18.88 -5.13 0.04
N SER A 96 19.81 -4.68 0.88
CA SER A 96 20.61 -3.51 0.59
C SER A 96 21.49 -3.69 -0.64
N SER A 97 21.27 -2.74 -1.54
CA SER A 97 21.88 -2.46 -2.83
C SER A 97 23.32 -2.00 -2.55
N THR A 98 24.11 -1.69 -3.57
CA THR A 98 25.48 -1.23 -3.33
C THR A 98 25.50 0.10 -2.54
N ALA A 99 24.35 0.77 -2.43
CA ALA A 99 24.18 2.00 -1.68
C ALA A 99 24.45 1.70 -0.19
N THR A 100 24.65 2.75 0.59
CA THR A 100 24.96 2.84 2.01
C THR A 100 26.38 3.39 1.96
N SER A 1 -23.55 9.06 26.16
CA SER A 1 -23.24 8.09 25.11
C SER A 1 -21.99 8.53 24.36
N MET A 2 -21.27 7.59 23.73
CA MET A 2 -20.08 7.91 22.94
C MET A 2 -20.56 8.49 21.60
N GLY A 3 -19.62 8.93 20.75
CA GLY A 3 -19.92 9.50 19.44
C GLY A 3 -19.70 8.44 18.37
N PRO A 4 -20.71 7.66 17.95
CA PRO A 4 -20.56 6.63 16.94
C PRO A 4 -20.10 7.26 15.62
N GLY A 5 -18.88 6.95 15.20
CA GLY A 5 -18.30 7.46 13.97
C GLY A 5 -18.60 6.45 12.88
N ALA A 6 -17.57 5.95 12.19
CA ALA A 6 -17.75 4.95 11.15
C ALA A 6 -17.06 3.68 11.62
N SER A 7 -15.73 3.69 11.71
CA SER A 7 -14.88 2.60 12.18
C SER A 7 -13.47 3.17 12.42
N ASP A 8 -12.59 2.37 13.01
CA ASP A 8 -11.18 2.75 13.28
C ASP A 8 -10.30 2.44 12.06
N CYS A 9 -10.91 2.21 10.89
CA CYS A 9 -10.25 1.88 9.62
C CYS A 9 -10.77 2.75 8.47
N ARG A 10 -10.10 2.67 7.32
CA ARG A 10 -10.42 3.42 6.09
C ARG A 10 -10.21 2.52 4.87
N ILE A 11 -10.54 3.02 3.68
CA ILE A 11 -10.41 2.32 2.41
C ILE A 11 -9.55 3.22 1.51
N ILE A 12 -8.65 2.67 0.71
CA ILE A 12 -7.77 3.40 -0.20
C ILE A 12 -7.75 2.70 -1.55
N ARG A 13 -7.18 3.34 -2.56
CA ARG A 13 -7.06 2.79 -3.90
C ARG A 13 -5.59 2.46 -4.13
N VAL A 14 -5.34 1.36 -4.84
CA VAL A 14 -3.99 0.90 -5.14
C VAL A 14 -3.89 0.42 -6.58
N GLN A 15 -2.83 0.80 -7.26
CA GLN A 15 -2.50 0.47 -8.63
C GLN A 15 -1.15 -0.26 -8.74
N MET A 16 -0.87 -0.67 -9.97
CA MET A 16 0.34 -1.37 -10.43
C MET A 16 0.91 -0.71 -11.70
N GLU A 17 2.05 -1.22 -12.15
CA GLU A 17 2.87 -0.85 -13.32
C GLU A 17 2.51 -1.66 -14.58
N LEU A 18 1.32 -2.28 -14.59
CA LEU A 18 0.80 -3.13 -15.66
C LEU A 18 1.05 -2.65 -17.10
N GLY A 19 1.12 -1.33 -17.33
CA GLY A 19 1.36 -0.78 -18.64
C GLY A 19 0.12 -0.82 -19.52
N GLU A 20 -0.25 -1.99 -20.04
CA GLU A 20 -1.41 -2.19 -20.92
C GLU A 20 -2.69 -1.77 -20.22
N ASP A 21 -3.08 -2.48 -19.14
CA ASP A 21 -4.29 -2.15 -18.37
C ASP A 21 -4.01 -0.87 -17.59
N GLY A 22 -2.78 -0.73 -17.12
CA GLY A 22 -2.28 0.38 -16.36
C GLY A 22 -2.79 0.33 -14.93
N SER A 23 -3.25 1.48 -14.44
CA SER A 23 -3.75 1.62 -13.10
C SER A 23 -5.03 0.80 -12.91
N VAL A 24 -5.18 0.22 -11.71
CA VAL A 24 -6.32 -0.63 -11.34
C VAL A 24 -7.15 -0.02 -10.21
N TYR A 25 -6.53 0.68 -9.25
CA TYR A 25 -7.23 1.34 -8.12
C TYR A 25 -8.13 0.42 -7.26
N LYS A 26 -7.63 -0.74 -6.89
CA LYS A 26 -8.37 -1.69 -6.06
C LYS A 26 -8.62 -1.07 -4.69
N SER A 27 -9.86 -1.17 -4.23
CA SER A 27 -10.27 -0.68 -2.94
C SER A 27 -9.79 -1.69 -1.89
N ILE A 28 -8.79 -1.32 -1.08
CA ILE A 28 -8.21 -2.16 -0.03
C ILE A 28 -8.47 -1.51 1.35
N LEU A 29 -8.60 -2.32 2.41
CA LEU A 29 -8.85 -1.88 3.79
C LEU A 29 -7.53 -1.46 4.46
N VAL A 30 -7.59 -0.43 5.29
CA VAL A 30 -6.49 0.17 6.04
C VAL A 30 -6.89 0.13 7.51
N THR A 31 -6.31 -0.76 8.32
CA THR A 31 -6.62 -0.88 9.75
C THR A 31 -5.58 -0.12 10.57
N SER A 32 -5.92 0.29 11.78
CA SER A 32 -5.05 1.05 12.68
C SER A 32 -3.74 0.33 13.06
N GLN A 33 -3.68 -1.00 12.91
CA GLN A 33 -2.53 -1.87 13.21
C GLN A 33 -1.95 -2.59 11.98
N ASP A 34 -2.29 -2.13 10.78
CA ASP A 34 -1.81 -2.71 9.53
C ASP A 34 -0.28 -2.58 9.38
N LYS A 35 0.29 -3.15 8.31
CA LYS A 35 1.72 -3.09 7.95
C LYS A 35 1.73 -3.20 6.44
N ALA A 36 2.61 -2.46 5.75
CA ALA A 36 2.76 -2.40 4.31
C ALA A 36 2.69 -3.77 3.65
N PRO A 37 3.55 -4.75 3.99
CA PRO A 37 3.54 -6.06 3.37
C PRO A 37 2.24 -6.84 3.61
N SER A 38 1.42 -6.43 4.58
CA SER A 38 0.17 -7.10 4.87
C SER A 38 -0.83 -6.65 3.82
N VAL A 39 -0.85 -5.34 3.52
CA VAL A 39 -1.74 -4.72 2.54
C VAL A 39 -1.42 -5.20 1.13
N ILE A 40 -0.12 -5.26 0.80
CA ILE A 40 0.40 -5.68 -0.50
C ILE A 40 -0.15 -7.06 -0.84
N SER A 41 -0.14 -7.97 0.13
CA SER A 41 -0.64 -9.33 -0.01
C SER A 41 -2.06 -9.31 -0.61
N ARG A 42 -2.97 -8.44 -0.12
CA ARG A 42 -4.33 -8.36 -0.65
C ARG A 42 -4.30 -7.83 -2.09
N VAL A 43 -3.52 -6.79 -2.37
CA VAL A 43 -3.41 -6.15 -3.68
C VAL A 43 -3.06 -7.22 -4.71
N LEU A 44 -2.01 -7.98 -4.45
CA LEU A 44 -1.55 -9.05 -5.33
C LEU A 44 -2.71 -9.97 -5.70
N LYS A 45 -3.48 -10.44 -4.72
CA LYS A 45 -4.58 -11.36 -5.03
C LYS A 45 -5.83 -10.71 -5.57
N LYS A 46 -5.91 -9.37 -5.55
CA LYS A 46 -7.07 -8.67 -6.09
C LYS A 46 -6.83 -8.40 -7.57
N ASN A 47 -5.55 -8.37 -7.97
CA ASN A 47 -5.11 -8.11 -9.33
C ASN A 47 -4.89 -9.39 -10.13
N ASN A 48 -5.39 -10.53 -9.64
CA ASN A 48 -5.29 -11.83 -10.27
C ASN A 48 -3.82 -12.22 -10.56
N ARG A 49 -2.88 -11.80 -9.70
CA ARG A 49 -1.45 -12.09 -9.84
C ARG A 49 -1.27 -13.58 -9.55
N ASP A 50 -0.66 -14.31 -10.47
CA ASP A 50 -0.42 -15.75 -10.41
C ASP A 50 0.32 -16.23 -9.15
N SER A 51 1.45 -15.63 -8.81
CA SER A 51 2.25 -15.99 -7.67
C SER A 51 3.13 -14.78 -7.37
N ALA A 52 3.09 -14.32 -6.13
CA ALA A 52 3.86 -13.18 -5.65
C ALA A 52 3.83 -13.18 -4.12
N VAL A 53 4.75 -12.44 -3.52
CA VAL A 53 4.91 -12.26 -2.09
C VAL A 53 5.21 -10.81 -1.86
N ALA A 54 4.76 -10.22 -0.75
CA ALA A 54 5.02 -8.82 -0.48
C ALA A 54 6.49 -8.55 -0.13
N SER A 55 7.27 -9.56 0.25
CA SER A 55 8.68 -9.42 0.61
C SER A 55 9.53 -8.87 -0.54
N GLU A 56 9.13 -9.12 -1.79
CA GLU A 56 9.84 -8.65 -2.98
C GLU A 56 9.37 -7.25 -3.42
N TYR A 57 8.42 -6.64 -2.69
CA TYR A 57 7.89 -5.32 -3.00
C TYR A 57 7.90 -4.44 -1.74
N GLU A 58 7.58 -3.17 -1.91
CA GLU A 58 7.49 -2.20 -0.83
C GLU A 58 6.34 -1.26 -1.20
N LEU A 59 5.62 -0.79 -0.19
CA LEU A 59 4.45 0.07 -0.37
C LEU A 59 4.83 1.49 -0.75
N VAL A 60 3.99 2.16 -1.55
CA VAL A 60 4.28 3.49 -2.01
C VAL A 60 3.02 4.34 -1.98
N GLN A 61 3.03 5.40 -1.18
CA GLN A 61 1.93 6.34 -1.07
C GLN A 61 2.20 7.43 -2.10
N LEU A 62 1.17 8.04 -2.70
CA LEU A 62 1.37 9.12 -3.67
C LEU A 62 0.93 10.42 -3.03
N LEU A 63 1.68 11.48 -3.29
CA LEU A 63 1.43 12.83 -2.79
C LEU A 63 1.13 13.73 -3.99
N PRO A 64 0.24 14.73 -3.84
CA PRO A 64 -0.14 15.63 -4.94
C PRO A 64 1.02 16.50 -5.44
N GLY A 65 2.12 16.60 -4.69
CA GLY A 65 3.28 17.37 -5.08
C GLY A 65 4.14 16.57 -6.06
N GLU A 66 3.57 15.56 -6.75
CA GLU A 66 4.23 14.67 -7.69
C GLU A 66 5.35 13.94 -6.94
N ARG A 67 5.04 13.45 -5.73
CA ARG A 67 5.98 12.74 -4.86
C ARG A 67 5.41 11.37 -4.55
N GLU A 68 6.27 10.53 -4.02
CA GLU A 68 5.98 9.18 -3.65
C GLU A 68 6.71 8.92 -2.34
N LEU A 69 5.98 8.50 -1.32
CA LEU A 69 6.50 8.20 0.00
C LEU A 69 6.49 6.68 0.14
N THR A 70 7.65 6.02 0.04
CA THR A 70 7.69 4.58 0.19
C THR A 70 7.53 4.30 1.71
N ILE A 71 6.43 3.66 2.11
CA ILE A 71 6.16 3.34 3.51
C ILE A 71 7.03 2.12 3.87
N PRO A 72 7.86 2.17 4.92
CA PRO A 72 8.71 1.05 5.30
C PRO A 72 7.88 -0.13 5.81
N ALA A 73 8.36 -1.35 5.55
CA ALA A 73 7.77 -2.65 5.91
C ALA A 73 7.39 -2.91 7.38
N SER A 74 7.82 -2.06 8.33
CA SER A 74 7.52 -2.20 9.75
C SER A 74 6.68 -1.07 10.35
N ALA A 75 6.03 -0.25 9.53
CA ALA A 75 5.20 0.89 9.94
C ALA A 75 3.72 0.69 9.61
N ASN A 76 2.82 1.10 10.51
CA ASN A 76 1.38 0.96 10.28
C ASN A 76 1.00 2.06 9.30
N VAL A 77 0.61 1.69 8.08
CA VAL A 77 0.24 2.64 7.03
C VAL A 77 -0.79 3.65 7.50
N PHE A 78 -1.78 3.25 8.30
CA PHE A 78 -2.85 4.11 8.81
C PHE A 78 -2.35 5.40 9.49
N TYR A 79 -1.09 5.39 9.97
CA TYR A 79 -0.42 6.51 10.61
C TYR A 79 0.77 6.96 9.77
N ALA A 80 1.52 6.02 9.17
CA ALA A 80 2.68 6.31 8.34
C ALA A 80 2.30 7.19 7.15
N MET A 81 1.13 6.97 6.57
CA MET A 81 0.64 7.75 5.44
C MET A 81 0.57 9.21 5.88
N ASP A 82 1.10 10.09 5.02
CA ASP A 82 1.20 11.53 5.23
C ASP A 82 -0.06 12.23 5.72
N GLY A 83 -1.24 11.78 5.28
CA GLY A 83 -2.50 12.36 5.67
C GLY A 83 -3.02 13.42 4.70
N ALA A 84 -2.54 13.43 3.45
CA ALA A 84 -2.95 14.36 2.41
C ALA A 84 -3.64 13.66 1.24
N SER A 85 -3.52 12.35 1.11
CA SER A 85 -4.15 11.60 0.03
C SER A 85 -4.43 10.16 0.43
N HIS A 86 -5.32 9.53 -0.33
CA HIS A 86 -5.83 8.18 -0.19
C HIS A 86 -5.48 7.24 -1.36
N ASP A 87 -4.50 7.60 -2.19
CA ASP A 87 -4.08 6.79 -3.33
C ASP A 87 -2.66 6.24 -3.09
N PHE A 88 -2.41 5.01 -3.55
CA PHE A 88 -1.15 4.29 -3.39
C PHE A 88 -0.81 3.45 -4.64
N LEU A 89 0.41 2.92 -4.68
CA LEU A 89 0.91 2.06 -5.75
C LEU A 89 1.78 0.96 -5.15
N LEU A 90 1.93 -0.14 -5.87
CA LEU A 90 2.73 -1.30 -5.48
C LEU A 90 3.87 -1.43 -6.48
N ARG A 91 5.11 -1.53 -5.98
CA ARG A 91 6.29 -1.65 -6.82
C ARG A 91 7.28 -2.60 -6.19
N GLN A 92 7.84 -3.48 -7.02
CA GLN A 92 8.85 -4.44 -6.58
C GLN A 92 10.03 -3.62 -6.05
N ARG A 93 10.78 -4.14 -5.09
CA ARG A 93 11.92 -3.43 -4.55
C ARG A 93 13.20 -3.92 -5.25
N ARG A 94 14.34 -3.32 -4.94
CA ARG A 94 15.64 -3.66 -5.51
C ARG A 94 16.60 -3.67 -4.34
N ARG A 95 17.12 -4.85 -3.97
CA ARG A 95 18.02 -5.00 -2.84
C ARG A 95 19.44 -4.43 -3.02
N SER A 96 20.12 -4.55 -1.89
CA SER A 96 21.40 -4.23 -1.31
C SER A 96 22.64 -4.99 -1.77
N SER A 97 23.74 -4.53 -1.17
CA SER A 97 25.10 -5.00 -1.28
C SER A 97 25.20 -6.30 -0.43
N THR A 98 26.34 -6.96 -0.45
CA THR A 98 26.70 -8.22 0.22
C THR A 98 26.71 -8.29 1.77
N ALA A 99 26.10 -7.35 2.50
CA ALA A 99 26.07 -7.36 3.98
C ALA A 99 25.42 -8.62 4.58
N THR A 100 26.25 -9.53 5.11
CA THR A 100 25.96 -10.82 5.75
C THR A 100 25.35 -11.84 4.79
N SER A 1 -12.89 0.87 19.00
CA SER A 1 -13.69 1.34 17.87
C SER A 1 -15.05 1.82 18.36
N MET A 2 -15.42 3.07 18.07
CA MET A 2 -16.69 3.67 18.44
C MET A 2 -17.20 4.43 17.21
N GLY A 3 -18.18 3.90 16.50
CA GLY A 3 -18.74 4.56 15.32
C GLY A 3 -19.82 3.71 14.67
N PRO A 4 -20.61 4.26 13.73
CA PRO A 4 -21.69 3.53 13.06
C PRO A 4 -21.20 2.57 11.95
N GLY A 5 -19.88 2.37 11.81
CA GLY A 5 -19.26 1.51 10.79
C GLY A 5 -18.09 2.25 10.16
N ALA A 6 -18.25 3.56 10.02
CA ALA A 6 -17.34 4.59 9.50
C ALA A 6 -16.11 4.79 10.40
N SER A 7 -15.81 3.82 11.25
CA SER A 7 -14.77 3.70 12.25
C SER A 7 -13.35 3.89 11.67
N ASP A 8 -12.33 3.80 12.52
CA ASP A 8 -10.88 4.00 12.30
C ASP A 8 -10.24 3.07 11.26
N CYS A 9 -11.03 2.39 10.43
CA CYS A 9 -10.62 1.50 9.37
C CYS A 9 -11.12 2.20 8.11
N ARG A 10 -10.23 2.77 7.30
CA ARG A 10 -10.58 3.49 6.08
C ARG A 10 -10.21 2.66 4.85
N ILE A 11 -10.57 3.15 3.66
CA ILE A 11 -10.30 2.47 2.40
C ILE A 11 -9.66 3.50 1.47
N ILE A 12 -8.50 3.14 0.93
CA ILE A 12 -7.68 3.94 0.03
C ILE A 12 -7.70 3.36 -1.39
N ARG A 13 -7.07 4.05 -2.34
CA ARG A 13 -6.96 3.66 -3.75
C ARG A 13 -5.49 3.31 -3.95
N VAL A 14 -5.21 2.15 -4.54
CA VAL A 14 -3.83 1.70 -4.75
C VAL A 14 -3.62 1.16 -6.16
N GLN A 15 -2.62 1.66 -6.89
CA GLN A 15 -2.28 1.20 -8.23
C GLN A 15 -1.13 0.19 -8.11
N MET A 16 -0.77 -0.39 -9.25
CA MET A 16 0.30 -1.36 -9.39
C MET A 16 0.88 -1.27 -10.80
N GLU A 17 1.97 -2.00 -11.02
CA GLU A 17 2.74 -2.11 -12.26
C GLU A 17 2.14 -3.08 -13.30
N LEU A 18 0.84 -3.38 -13.19
CA LEU A 18 0.09 -4.31 -14.05
C LEU A 18 0.53 -4.36 -15.50
N GLY A 19 0.85 -3.22 -16.12
CA GLY A 19 1.32 -3.17 -17.49
C GLY A 19 0.24 -2.73 -18.46
N GLU A 20 -0.34 -3.64 -19.24
CA GLU A 20 -1.37 -3.30 -20.22
C GLU A 20 -2.63 -2.70 -19.57
N ASP A 21 -3.01 -3.18 -18.39
CA ASP A 21 -4.20 -2.70 -17.69
C ASP A 21 -4.06 -1.28 -17.13
N GLY A 22 -2.90 -0.65 -17.24
CA GLY A 22 -2.68 0.70 -16.75
C GLY A 22 -2.74 0.76 -15.23
N SER A 23 -3.46 1.75 -14.70
CA SER A 23 -3.64 1.96 -13.28
C SER A 23 -4.75 1.04 -12.76
N VAL A 24 -4.80 0.80 -11.45
CA VAL A 24 -5.80 -0.07 -10.81
C VAL A 24 -6.71 0.68 -9.83
N TYR A 25 -6.12 1.33 -8.82
CA TYR A 25 -6.85 2.09 -7.79
C TYR A 25 -7.93 1.25 -7.08
N LYS A 26 -7.54 0.05 -6.73
CA LYS A 26 -8.37 -0.93 -6.04
C LYS A 26 -8.67 -0.47 -4.62
N SER A 27 -9.78 -0.96 -4.06
CA SER A 27 -10.25 -0.64 -2.73
C SER A 27 -9.49 -1.46 -1.69
N ILE A 28 -8.55 -0.83 -0.99
CA ILE A 28 -7.76 -1.51 0.02
C ILE A 28 -8.06 -0.96 1.41
N LEU A 29 -8.47 -1.85 2.32
CA LEU A 29 -8.81 -1.59 3.71
C LEU A 29 -7.52 -1.38 4.50
N VAL A 30 -7.44 -0.24 5.20
CA VAL A 30 -6.30 0.18 6.02
C VAL A 30 -6.87 0.48 7.40
N THR A 31 -6.49 -0.34 8.38
CA THR A 31 -6.87 -0.27 9.78
C THR A 31 -5.90 0.66 10.52
N SER A 32 -6.27 1.15 11.70
CA SER A 32 -5.41 2.03 12.49
C SER A 32 -4.14 1.27 12.98
N GLN A 33 -4.12 -0.07 12.88
CA GLN A 33 -3.06 -1.00 13.27
C GLN A 33 -2.46 -1.78 12.08
N ASP A 34 -2.66 -1.31 10.85
CA ASP A 34 -2.12 -1.93 9.65
C ASP A 34 -0.57 -1.88 9.63
N LYS A 35 0.06 -2.48 8.62
CA LYS A 35 1.48 -2.52 8.32
C LYS A 35 1.62 -2.73 6.82
N ALA A 36 2.64 -2.15 6.20
CA ALA A 36 2.91 -2.24 4.76
C ALA A 36 3.00 -3.70 4.29
N PRO A 37 3.86 -4.57 4.86
CA PRO A 37 3.99 -5.96 4.45
C PRO A 37 2.72 -6.81 4.65
N SER A 38 1.66 -6.22 5.17
CA SER A 38 0.37 -6.82 5.41
C SER A 38 -0.67 -6.20 4.45
N VAL A 39 -0.71 -4.87 4.29
CA VAL A 39 -1.65 -4.25 3.37
C VAL A 39 -1.28 -4.63 1.94
N ILE A 40 0.01 -4.78 1.61
CA ILE A 40 0.46 -5.14 0.27
C ILE A 40 -0.19 -6.46 -0.16
N SER A 41 -0.42 -7.39 0.77
CA SER A 41 -1.04 -8.66 0.44
C SER A 41 -2.43 -8.41 -0.14
N ARG A 42 -3.16 -7.46 0.46
CA ARG A 42 -4.51 -7.09 0.02
C ARG A 42 -4.47 -6.66 -1.43
N VAL A 43 -3.48 -5.86 -1.82
CA VAL A 43 -3.32 -5.34 -3.18
C VAL A 43 -3.16 -6.49 -4.15
N LEU A 44 -2.18 -7.36 -3.90
CA LEU A 44 -1.89 -8.51 -4.74
C LEU A 44 -3.15 -9.35 -4.94
N LYS A 45 -3.88 -9.63 -3.86
CA LYS A 45 -5.11 -10.44 -3.94
C LYS A 45 -6.32 -9.68 -4.48
N LYS A 46 -6.24 -8.36 -4.64
CA LYS A 46 -7.34 -7.55 -5.15
C LYS A 46 -7.30 -7.49 -6.66
N ASN A 47 -6.17 -7.92 -7.21
CA ASN A 47 -5.90 -7.99 -8.63
C ASN A 47 -6.03 -9.44 -9.09
N ASN A 48 -6.57 -10.31 -8.22
CA ASN A 48 -6.80 -11.73 -8.43
C ASN A 48 -5.50 -12.44 -8.84
N ARG A 49 -4.35 -12.01 -8.32
CA ARG A 49 -3.06 -12.66 -8.64
C ARG A 49 -3.10 -14.10 -8.14
N ASP A 50 -2.23 -14.95 -8.68
CA ASP A 50 -2.17 -16.36 -8.26
C ASP A 50 -1.67 -16.42 -6.82
N SER A 51 -0.42 -16.01 -6.60
CA SER A 51 0.24 -15.98 -5.31
C SER A 51 1.49 -15.11 -5.43
N ALA A 52 1.63 -14.15 -4.52
CA ALA A 52 2.74 -13.22 -4.45
C ALA A 52 2.95 -12.88 -2.97
N VAL A 53 4.16 -12.49 -2.60
CA VAL A 53 4.54 -12.11 -1.25
C VAL A 53 4.65 -10.61 -1.17
N ALA A 54 4.54 -10.04 0.03
CA ALA A 54 4.66 -8.61 0.21
C ALA A 54 6.10 -8.16 0.34
N SER A 55 6.98 -8.99 0.90
CA SER A 55 8.40 -8.73 1.13
C SER A 55 9.21 -8.39 -0.14
N GLU A 56 8.67 -8.73 -1.32
CA GLU A 56 9.25 -8.47 -2.62
C GLU A 56 8.90 -7.06 -3.10
N TYR A 57 8.01 -6.35 -2.41
CA TYR A 57 7.55 -5.01 -2.74
C TYR A 57 7.63 -4.09 -1.52
N GLU A 58 7.33 -2.81 -1.70
CA GLU A 58 7.32 -1.80 -0.63
C GLU A 58 6.11 -0.89 -0.91
N LEU A 59 5.51 -0.34 0.14
CA LEU A 59 4.33 0.52 0.07
C LEU A 59 4.77 1.97 -0.23
N VAL A 60 3.98 2.71 -1.02
CA VAL A 60 4.32 4.08 -1.41
C VAL A 60 3.06 4.94 -1.40
N GLN A 61 3.22 6.19 -0.97
CA GLN A 61 2.16 7.19 -0.89
C GLN A 61 2.38 8.23 -1.99
N LEU A 62 1.31 8.87 -2.48
CA LEU A 62 1.42 9.90 -3.51
C LEU A 62 1.00 11.21 -2.87
N LEU A 63 1.80 12.24 -3.07
CA LEU A 63 1.56 13.57 -2.51
C LEU A 63 1.14 14.56 -3.61
N PRO A 64 0.35 15.59 -3.27
CA PRO A 64 -0.14 16.59 -4.21
C PRO A 64 0.96 17.30 -4.99
N GLY A 65 2.16 17.42 -4.43
CA GLY A 65 3.29 18.07 -5.06
C GLY A 65 4.01 17.17 -6.07
N GLU A 66 3.34 16.12 -6.56
CA GLU A 66 3.86 15.14 -7.52
C GLU A 66 5.06 14.42 -6.92
N ARG A 67 4.97 14.08 -5.63
CA ARG A 67 6.01 13.37 -4.90
C ARG A 67 5.48 12.04 -4.44
N GLU A 68 6.40 11.25 -3.91
CA GLU A 68 6.15 9.94 -3.39
C GLU A 68 6.80 9.87 -2.02
N LEU A 69 6.09 9.29 -1.06
CA LEU A 69 6.56 9.09 0.30
C LEU A 69 6.51 7.58 0.50
N THR A 70 7.67 6.93 0.46
CA THR A 70 7.75 5.49 0.63
C THR A 70 7.54 5.18 2.11
N ILE A 71 6.60 4.28 2.43
CA ILE A 71 6.28 3.90 3.80
C ILE A 71 7.10 2.67 4.23
N PRO A 72 7.82 2.72 5.36
CA PRO A 72 8.62 1.59 5.83
C PRO A 72 7.72 0.51 6.45
N ALA A 73 8.19 -0.74 6.38
CA ALA A 73 7.53 -1.93 6.87
C ALA A 73 6.75 -1.84 8.20
N SER A 74 7.41 -1.60 9.34
CA SER A 74 6.76 -1.54 10.67
C SER A 74 5.94 -0.30 11.00
N ALA A 75 5.56 0.51 10.02
CA ALA A 75 4.77 1.70 10.26
C ALA A 75 3.32 1.37 9.96
N ASN A 76 2.38 1.99 10.65
CA ASN A 76 0.95 1.78 10.41
C ASN A 76 0.65 2.78 9.32
N VAL A 77 0.46 2.32 8.07
CA VAL A 77 0.18 3.17 6.93
C VAL A 77 -0.81 4.27 7.30
N PHE A 78 -1.89 3.94 8.03
CA PHE A 78 -2.91 4.90 8.44
C PHE A 78 -2.34 6.20 9.02
N TYR A 79 -1.25 6.15 9.81
CA TYR A 79 -0.62 7.32 10.42
C TYR A 79 0.69 7.67 9.72
N ALA A 80 1.33 6.69 9.05
CA ALA A 80 2.57 6.91 8.34
C ALA A 80 2.31 7.87 7.19
N MET A 81 1.24 7.61 6.43
CA MET A 81 0.81 8.44 5.32
C MET A 81 0.52 9.84 5.84
N ASP A 82 0.84 10.84 5.01
CA ASP A 82 0.67 12.26 5.28
C ASP A 82 -0.79 12.66 5.36
N GLY A 83 -1.68 11.82 4.83
CA GLY A 83 -3.12 12.06 4.82
C GLY A 83 -3.53 13.15 3.85
N ALA A 84 -2.62 13.60 2.97
CA ALA A 84 -2.90 14.66 2.01
C ALA A 84 -3.84 14.17 0.92
N SER A 85 -3.72 12.88 0.60
CA SER A 85 -4.47 12.19 -0.42
C SER A 85 -4.75 10.76 0.02
N HIS A 86 -5.54 10.04 -0.77
CA HIS A 86 -5.90 8.64 -0.56
C HIS A 86 -5.36 7.78 -1.70
N ASP A 87 -4.43 8.30 -2.50
CA ASP A 87 -3.80 7.64 -3.63
C ASP A 87 -2.50 7.03 -3.13
N PHE A 88 -2.29 5.76 -3.45
CA PHE A 88 -1.13 4.97 -3.08
C PHE A 88 -0.71 4.13 -4.28
N LEU A 89 0.44 3.47 -4.18
CA LEU A 89 0.94 2.61 -5.23
C LEU A 89 1.78 1.50 -4.60
N LEU A 90 1.98 0.43 -5.37
CA LEU A 90 2.76 -0.73 -5.02
C LEU A 90 3.76 -1.01 -6.13
N ARG A 91 5.01 -1.32 -5.79
CA ARG A 91 6.10 -1.63 -6.73
C ARG A 91 7.08 -2.55 -6.03
N GLN A 92 7.75 -3.37 -6.82
CA GLN A 92 8.76 -4.30 -6.38
C GLN A 92 9.87 -3.50 -5.71
N ARG A 93 10.49 -4.04 -4.66
CA ARG A 93 11.58 -3.38 -3.95
C ARG A 93 12.87 -4.11 -4.20
N ARG A 94 13.98 -3.40 -4.06
CA ARG A 94 15.31 -3.96 -4.24
C ARG A 94 15.90 -4.27 -2.87
N ARG A 95 17.02 -4.99 -2.84
CA ARG A 95 17.74 -5.37 -1.64
C ARG A 95 19.23 -5.34 -1.98
N SER A 96 20.05 -4.91 -1.02
CA SER A 96 21.49 -4.81 -1.12
C SER A 96 22.12 -6.20 -1.29
N SER A 97 23.36 -6.24 -1.76
CA SER A 97 24.11 -7.46 -1.94
C SER A 97 25.58 -7.04 -1.92
N THR A 98 26.23 -7.30 -0.80
CA THR A 98 27.65 -7.01 -0.57
C THR A 98 28.44 -8.30 -0.34
N ALA A 99 27.75 -9.38 0.00
CA ALA A 99 28.27 -10.70 0.25
C ALA A 99 27.13 -11.68 -0.01
N THR A 100 27.47 -12.89 -0.41
CA THR A 100 26.58 -13.99 -0.71
C THR A 100 27.22 -15.23 -0.10
N SER A 1 -15.02 15.07 11.26
CA SER A 1 -14.61 14.36 12.47
C SER A 1 -15.16 15.04 13.71
N MET A 2 -16.13 14.40 14.36
CA MET A 2 -16.79 14.85 15.58
C MET A 2 -17.01 13.57 16.39
N GLY A 3 -16.51 13.52 17.62
CA GLY A 3 -16.64 12.35 18.48
C GLY A 3 -15.69 11.22 18.06
N PRO A 4 -15.55 10.18 18.89
CA PRO A 4 -14.69 9.04 18.60
C PRO A 4 -15.41 8.09 17.64
N GLY A 5 -14.68 7.09 17.18
CA GLY A 5 -15.16 6.05 16.29
C GLY A 5 -14.60 4.73 16.76
N ALA A 6 -15.29 3.62 16.47
CA ALA A 6 -14.86 2.28 16.86
C ALA A 6 -14.55 1.46 15.61
N SER A 7 -15.54 1.27 14.74
CA SER A 7 -15.32 0.52 13.51
C SER A 7 -15.35 1.60 12.42
N ASP A 8 -14.17 1.99 11.97
CA ASP A 8 -13.93 3.01 10.95
C ASP A 8 -13.23 2.52 9.69
N CYS A 9 -13.24 1.20 9.44
CA CYS A 9 -12.56 0.62 8.29
C CYS A 9 -13.07 1.29 7.01
N ARG A 10 -12.08 1.70 6.22
CA ARG A 10 -12.18 2.40 4.94
C ARG A 10 -11.56 1.52 3.86
N ILE A 11 -11.63 1.96 2.60
CA ILE A 11 -11.07 1.26 1.45
C ILE A 11 -10.21 2.30 0.73
N ILE A 12 -9.09 1.87 0.14
CA ILE A 12 -8.13 2.67 -0.61
C ILE A 12 -8.01 2.13 -2.04
N ARG A 13 -7.24 2.81 -2.89
CA ARG A 13 -7.00 2.44 -4.29
C ARG A 13 -5.51 2.15 -4.39
N VAL A 14 -5.10 0.99 -4.89
CA VAL A 14 -3.68 0.67 -5.00
C VAL A 14 -3.36 0.10 -6.39
N GLN A 15 -2.30 0.61 -7.00
CA GLN A 15 -1.81 0.18 -8.32
C GLN A 15 -0.71 -0.87 -8.10
N MET A 16 -0.21 -1.40 -9.20
CA MET A 16 0.88 -2.37 -9.21
C MET A 16 1.74 -2.11 -10.45
N GLU A 17 2.96 -2.64 -10.39
CA GLU A 17 4.05 -2.58 -11.35
C GLU A 17 3.93 -3.54 -12.53
N LEU A 18 2.72 -4.03 -12.81
CA LEU A 18 2.40 -4.97 -13.89
C LEU A 18 3.14 -4.71 -15.20
N GLY A 19 3.59 -3.47 -15.42
CA GLY A 19 4.32 -3.01 -16.58
C GLY A 19 3.63 -1.74 -16.96
N GLU A 20 3.51 -1.52 -18.27
CA GLU A 20 2.83 -0.36 -18.80
C GLU A 20 1.31 -0.55 -18.75
N ASP A 21 0.82 -1.53 -17.98
CA ASP A 21 -0.63 -1.75 -17.84
C ASP A 21 -1.30 -0.55 -17.15
N GLY A 22 -0.52 0.28 -16.44
CA GLY A 22 -0.97 1.49 -15.77
C GLY A 22 -1.49 1.29 -14.35
N SER A 23 -2.02 2.38 -13.81
CA SER A 23 -2.58 2.45 -12.47
C SER A 23 -3.84 1.60 -12.37
N VAL A 24 -3.72 0.44 -11.72
CA VAL A 24 -4.84 -0.47 -11.57
C VAL A 24 -5.84 0.10 -10.54
N TYR A 25 -5.35 0.64 -9.41
CA TYR A 25 -6.20 1.23 -8.37
C TYR A 25 -7.31 0.30 -7.82
N LYS A 26 -6.94 -0.95 -7.54
CA LYS A 26 -7.84 -1.98 -7.01
C LYS A 26 -8.35 -1.61 -5.61
N SER A 27 -9.54 -2.09 -5.27
CA SER A 27 -10.20 -1.85 -4.00
C SER A 27 -9.55 -2.69 -2.90
N ILE A 28 -8.78 -2.05 -2.01
CA ILE A 28 -8.12 -2.70 -0.87
C ILE A 28 -8.69 -2.12 0.43
N LEU A 29 -9.17 -2.97 1.34
CA LEU A 29 -9.72 -2.60 2.65
C LEU A 29 -8.58 -2.13 3.55
N VAL A 30 -8.85 -1.35 4.60
CA VAL A 30 -7.88 -0.80 5.56
C VAL A 30 -8.44 -1.04 6.95
N THR A 31 -7.60 -1.48 7.88
CA THR A 31 -7.98 -1.78 9.26
C THR A 31 -7.06 -1.09 10.27
N SER A 32 -7.46 -1.06 11.55
CA SER A 32 -6.71 -0.44 12.64
C SER A 32 -5.31 -1.03 12.88
N GLN A 33 -5.04 -2.25 12.42
CA GLN A 33 -3.73 -2.91 12.56
C GLN A 33 -3.07 -3.23 11.23
N ASP A 34 -3.60 -2.74 10.11
CA ASP A 34 -3.04 -3.05 8.79
C ASP A 34 -1.64 -2.50 8.59
N LYS A 35 -0.63 -3.37 8.66
CA LYS A 35 0.76 -3.01 8.45
C LYS A 35 1.00 -3.03 6.96
N ALA A 36 1.95 -2.25 6.48
CA ALA A 36 2.27 -2.16 5.05
C ALA A 36 2.34 -3.52 4.37
N PRO A 37 3.19 -4.47 4.80
CA PRO A 37 3.31 -5.78 4.17
C PRO A 37 2.04 -6.62 4.25
N SER A 38 1.11 -6.31 5.16
CA SER A 38 -0.14 -7.04 5.29
C SER A 38 -1.05 -6.55 4.16
N VAL A 39 -1.09 -5.23 3.95
CA VAL A 39 -1.89 -4.58 2.92
C VAL A 39 -1.39 -5.02 1.55
N ILE A 40 -0.06 -5.03 1.34
CA ILE A 40 0.59 -5.42 0.09
C ILE A 40 0.09 -6.79 -0.36
N SER A 41 0.01 -7.74 0.58
CA SER A 41 -0.45 -9.09 0.33
C SER A 41 -1.78 -9.09 -0.43
N ARG A 42 -2.72 -8.21 -0.04
CA ARG A 42 -4.00 -8.12 -0.70
C ARG A 42 -3.86 -7.57 -2.11
N VAL A 43 -3.02 -6.56 -2.35
CA VAL A 43 -2.85 -5.97 -3.67
C VAL A 43 -2.41 -7.05 -4.66
N LEU A 44 -1.43 -7.86 -4.25
CA LEU A 44 -0.90 -8.95 -5.05
C LEU A 44 -2.05 -9.90 -5.40
N LYS A 45 -2.86 -10.27 -4.39
CA LYS A 45 -4.00 -11.17 -4.52
C LYS A 45 -5.19 -10.51 -5.22
N LYS A 46 -5.07 -9.26 -5.67
CA LYS A 46 -6.13 -8.50 -6.35
C LYS A 46 -5.83 -8.24 -7.82
N ASN A 47 -4.64 -8.61 -8.30
CA ASN A 47 -4.20 -8.41 -9.68
C ASN A 47 -4.11 -9.74 -10.44
N ASN A 48 -4.74 -10.80 -9.93
CA ASN A 48 -4.75 -12.14 -10.51
C ASN A 48 -3.32 -12.69 -10.65
N ARG A 49 -2.43 -12.35 -9.70
CA ARG A 49 -1.06 -12.81 -9.68
C ARG A 49 -1.11 -14.14 -8.92
N ASP A 50 -0.27 -15.10 -9.29
CA ASP A 50 -0.22 -16.44 -8.69
C ASP A 50 0.01 -16.37 -7.19
N SER A 51 1.15 -15.83 -6.77
CA SER A 51 1.60 -15.65 -5.40
C SER A 51 2.78 -14.68 -5.45
N ALA A 52 3.12 -14.07 -4.32
CA ALA A 52 4.23 -13.13 -4.20
C ALA A 52 4.56 -12.90 -2.72
N VAL A 53 5.62 -12.12 -2.47
CA VAL A 53 6.13 -11.77 -1.15
C VAL A 53 6.02 -10.26 -0.96
N ALA A 54 5.41 -9.82 0.14
CA ALA A 54 5.25 -8.41 0.41
C ALA A 54 6.58 -7.75 0.78
N SER A 55 7.52 -8.47 1.41
CA SER A 55 8.83 -7.94 1.80
C SER A 55 9.66 -7.43 0.61
N GLU A 56 9.38 -7.90 -0.61
CA GLU A 56 10.07 -7.49 -1.82
C GLU A 56 9.60 -6.12 -2.26
N TYR A 57 8.53 -5.58 -1.68
CA TYR A 57 8.00 -4.29 -2.06
C TYR A 57 7.80 -3.39 -0.84
N GLU A 58 7.52 -2.12 -1.08
CA GLU A 58 7.31 -1.12 -0.06
C GLU A 58 6.01 -0.40 -0.40
N LEU A 59 5.19 -0.18 0.64
CA LEU A 59 3.91 0.48 0.54
C LEU A 59 4.18 1.97 0.47
N VAL A 60 3.55 2.65 -0.49
CA VAL A 60 3.72 4.07 -0.73
C VAL A 60 2.37 4.73 -0.88
N GLN A 61 2.18 5.84 -0.18
CA GLN A 61 0.97 6.64 -0.21
C GLN A 61 1.14 7.71 -1.29
N LEU A 62 0.10 7.93 -2.10
CA LEU A 62 0.09 8.93 -3.16
C LEU A 62 -0.63 10.13 -2.59
N LEU A 63 -0.06 11.32 -2.80
CA LEU A 63 -0.61 12.57 -2.31
C LEU A 63 -0.61 13.63 -3.43
N PRO A 64 -1.44 14.66 -3.29
CA PRO A 64 -1.50 15.75 -4.27
C PRO A 64 -0.22 16.60 -4.13
N GLY A 65 0.04 17.52 -5.07
CA GLY A 65 1.22 18.36 -5.00
C GLY A 65 2.52 17.58 -5.21
N GLU A 66 2.44 16.47 -5.96
CA GLU A 66 3.47 15.51 -6.34
C GLU A 66 4.21 14.92 -5.13
N ARG A 67 3.50 14.72 -4.02
CA ARG A 67 4.11 14.17 -2.82
C ARG A 67 3.88 12.66 -2.79
N GLU A 68 4.71 11.95 -2.04
CA GLU A 68 4.63 10.51 -1.87
C GLU A 68 5.13 10.20 -0.46
N LEU A 69 4.30 9.50 0.33
CA LEU A 69 4.64 9.14 1.70
C LEU A 69 4.90 7.63 1.76
N THR A 70 6.16 7.21 1.83
CA THR A 70 6.49 5.79 1.92
C THR A 70 6.17 5.33 3.34
N ILE A 71 5.32 4.32 3.47
CA ILE A 71 4.91 3.76 4.74
C ILE A 71 5.85 2.59 5.03
N PRO A 72 6.66 2.63 6.10
CA PRO A 72 7.57 1.54 6.41
C PRO A 72 6.79 0.31 6.88
N ALA A 73 7.48 -0.84 6.86
CA ALA A 73 6.94 -2.14 7.23
C ALA A 73 6.06 -2.20 8.48
N SER A 74 6.62 -1.90 9.66
CA SER A 74 5.88 -1.97 10.92
C SER A 74 4.92 -0.81 11.21
N ALA A 75 4.59 -0.01 10.22
CA ALA A 75 3.69 1.13 10.39
C ALA A 75 2.26 0.76 9.99
N ASN A 76 1.31 1.02 10.89
CA ASN A 76 -0.11 0.76 10.68
C ASN A 76 -0.56 1.80 9.65
N VAL A 77 -0.83 1.38 8.41
CA VAL A 77 -1.24 2.25 7.31
C VAL A 77 -2.37 3.19 7.74
N PHE A 78 -3.40 2.70 8.44
CA PHE A 78 -4.52 3.53 8.89
C PHE A 78 -4.10 4.77 9.73
N TYR A 79 -2.93 4.75 10.39
CA TYR A 79 -2.40 5.84 11.22
C TYR A 79 -1.13 6.46 10.60
N ALA A 80 -0.44 5.72 9.74
CA ALA A 80 0.78 6.15 9.06
C ALA A 80 0.41 7.05 7.88
N MET A 81 -0.63 6.68 7.13
CA MET A 81 -1.08 7.46 6.00
C MET A 81 -1.48 8.86 6.48
N ASP A 82 -1.32 9.84 5.61
CA ASP A 82 -1.65 11.22 5.88
C ASP A 82 -3.14 11.38 6.15
N GLY A 83 -3.95 10.96 5.17
CA GLY A 83 -5.40 11.03 5.24
C GLY A 83 -6.04 12.01 4.25
N ALA A 84 -5.28 12.81 3.50
CA ALA A 84 -5.82 13.76 2.53
C ALA A 84 -6.23 13.03 1.25
N SER A 85 -5.63 11.87 1.03
CA SER A 85 -5.85 11.03 -0.13
C SER A 85 -5.98 9.57 0.32
N HIS A 86 -6.61 8.77 -0.53
CA HIS A 86 -6.86 7.34 -0.36
C HIS A 86 -6.17 6.50 -1.44
N ASP A 87 -5.21 7.08 -2.18
CA ASP A 87 -4.52 6.36 -3.25
C ASP A 87 -3.13 5.94 -2.78
N PHE A 88 -2.65 4.79 -3.26
CA PHE A 88 -1.36 4.23 -2.93
C PHE A 88 -0.77 3.50 -4.14
N LEU A 89 0.49 3.10 -4.02
CA LEU A 89 1.26 2.39 -5.03
C LEU A 89 2.14 1.38 -4.33
N LEU A 90 2.51 0.34 -5.07
CA LEU A 90 3.37 -0.74 -4.60
C LEU A 90 4.64 -0.77 -5.47
N ARG A 91 5.84 -0.60 -4.90
CA ARG A 91 7.10 -0.57 -5.62
C ARG A 91 8.11 -1.54 -5.02
N GLN A 92 8.95 -2.15 -5.86
CA GLN A 92 9.95 -3.11 -5.42
C GLN A 92 11.07 -2.42 -4.65
N ARG A 93 11.51 -3.05 -3.56
CA ARG A 93 12.59 -2.59 -2.69
C ARG A 93 13.68 -3.67 -2.77
N ARG A 94 14.77 -3.43 -3.49
CA ARG A 94 15.82 -4.45 -3.62
C ARG A 94 17.22 -3.92 -3.38
N ARG A 95 17.75 -4.24 -2.21
CA ARG A 95 19.10 -3.88 -1.79
C ARG A 95 19.91 -5.09 -2.21
N SER A 96 20.68 -4.99 -3.30
CA SER A 96 21.48 -6.11 -3.81
C SER A 96 22.99 -5.84 -3.68
N SER A 97 23.74 -6.93 -3.79
CA SER A 97 25.17 -7.13 -3.71
C SER A 97 25.78 -7.39 -5.10
N THR A 98 27.09 -7.57 -5.10
CA THR A 98 27.97 -7.79 -6.24
C THR A 98 27.64 -9.06 -7.02
N ALA A 99 27.58 -10.22 -6.36
CA ALA A 99 27.31 -11.53 -6.93
C ALA A 99 26.63 -12.42 -5.88
N THR A 100 26.27 -13.63 -6.29
CA THR A 100 25.65 -14.64 -5.45
C THR A 100 26.77 -15.63 -5.07
N SER A 1 -19.74 14.13 2.74
CA SER A 1 -20.48 12.90 2.48
C SER A 1 -20.82 12.22 3.78
N MET A 2 -22.12 12.05 4.03
CA MET A 2 -22.62 11.40 5.24
C MET A 2 -22.05 9.99 5.24
N GLY A 3 -21.73 9.49 6.43
CA GLY A 3 -21.16 8.17 6.64
C GLY A 3 -20.70 8.10 8.08
N PRO A 4 -21.55 7.67 9.03
CA PRO A 4 -21.20 7.59 10.44
C PRO A 4 -20.29 6.41 10.79
N GLY A 5 -19.93 5.52 9.86
CA GLY A 5 -19.07 4.36 10.07
C GLY A 5 -17.69 4.79 10.55
N ALA A 6 -17.51 4.88 11.86
CA ALA A 6 -16.30 5.28 12.58
C ALA A 6 -15.40 4.12 12.95
N SER A 7 -15.57 2.93 12.36
CA SER A 7 -14.70 1.81 12.71
C SER A 7 -13.26 2.27 12.40
N ASP A 8 -12.34 1.80 13.21
CA ASP A 8 -10.89 2.04 13.28
C ASP A 8 -10.11 1.56 12.05
N CYS A 9 -10.81 1.33 10.95
CA CYS A 9 -10.30 0.89 9.68
C CYS A 9 -10.71 1.94 8.63
N ARG A 10 -9.78 2.79 8.20
CA ARG A 10 -10.05 3.82 7.18
C ARG A 10 -9.55 3.22 5.89
N ILE A 11 -10.45 2.79 5.01
CA ILE A 11 -10.13 2.20 3.72
C ILE A 11 -9.33 3.25 2.91
N ILE A 12 -8.42 2.76 2.07
CA ILE A 12 -7.55 3.58 1.23
C ILE A 12 -7.60 3.04 -0.20
N ARG A 13 -6.93 3.69 -1.16
CA ARG A 13 -6.84 3.26 -2.56
C ARG A 13 -5.37 2.88 -2.75
N VAL A 14 -5.09 1.87 -3.57
CA VAL A 14 -3.74 1.40 -3.83
C VAL A 14 -3.61 1.01 -5.31
N GLN A 15 -2.56 1.46 -6.00
CA GLN A 15 -2.30 1.13 -7.41
C GLN A 15 -1.09 0.20 -7.50
N MET A 16 -1.01 -0.51 -8.62
CA MET A 16 0.06 -1.47 -8.93
C MET A 16 0.84 -0.95 -10.12
N GLU A 17 1.99 -1.56 -10.32
CA GLU A 17 2.98 -1.34 -11.36
C GLU A 17 2.61 -2.03 -12.69
N LEU A 18 1.33 -2.40 -12.85
CA LEU A 18 0.77 -3.11 -14.02
C LEU A 18 1.27 -2.62 -15.37
N GLY A 19 1.57 -1.33 -15.50
CA GLY A 19 2.05 -0.76 -16.75
C GLY A 19 0.91 -0.59 -17.74
N GLU A 20 0.61 -1.64 -18.51
CA GLU A 20 -0.41 -1.71 -19.53
C GLU A 20 -1.77 -1.24 -19.00
N ASP A 21 -2.32 -1.98 -18.03
CA ASP A 21 -3.62 -1.72 -17.43
C ASP A 21 -3.67 -0.42 -16.62
N GLY A 22 -2.52 0.13 -16.22
CA GLY A 22 -2.45 1.36 -15.45
C GLY A 22 -2.79 1.13 -13.99
N SER A 23 -3.23 2.20 -13.33
CA SER A 23 -3.61 2.18 -11.92
C SER A 23 -4.77 1.22 -11.63
N VAL A 24 -4.89 0.82 -10.37
CA VAL A 24 -5.95 -0.10 -9.92
C VAL A 24 -6.90 0.52 -8.89
N TYR A 25 -6.34 1.19 -7.88
CA TYR A 25 -7.08 1.85 -6.80
C TYR A 25 -8.06 0.93 -6.07
N LYS A 26 -7.60 -0.27 -5.76
CA LYS A 26 -8.43 -1.26 -5.04
C LYS A 26 -8.69 -0.70 -3.65
N SER A 27 -9.84 -0.99 -3.06
CA SER A 27 -10.17 -0.53 -1.73
C SER A 27 -9.59 -1.56 -0.79
N ILE A 28 -8.48 -1.23 -0.15
CA ILE A 28 -7.83 -2.12 0.78
C ILE A 28 -8.19 -1.69 2.19
N LEU A 29 -8.55 -2.70 3.00
CA LEU A 29 -8.90 -2.52 4.38
C LEU A 29 -7.60 -2.20 5.11
N VAL A 30 -7.65 -1.31 6.10
CA VAL A 30 -6.53 -0.90 6.91
C VAL A 30 -6.97 -1.18 8.35
N THR A 31 -6.08 -1.63 9.23
CA THR A 31 -6.42 -1.91 10.62
C THR A 31 -5.37 -1.25 11.50
N SER A 32 -5.75 -0.84 12.72
CA SER A 32 -4.89 -0.16 13.67
C SER A 32 -3.50 -0.78 13.93
N GLN A 33 -3.31 -2.09 13.69
CA GLN A 33 -2.03 -2.79 13.89
C GLN A 33 -1.43 -3.36 12.60
N ASP A 34 -2.01 -3.06 11.44
CA ASP A 34 -1.52 -3.59 10.17
C ASP A 34 -0.16 -3.06 9.75
N LYS A 35 0.75 -3.96 9.41
CA LYS A 35 2.07 -3.59 8.94
C LYS A 35 2.04 -3.48 7.43
N ALA A 36 3.09 -2.90 6.83
CA ALA A 36 3.19 -2.75 5.39
C ALA A 36 2.91 -4.12 4.73
N PRO A 37 3.63 -5.21 5.06
CA PRO A 37 3.37 -6.51 4.46
C PRO A 37 1.96 -7.07 4.76
N SER A 38 1.22 -6.54 5.74
CA SER A 38 -0.13 -7.00 6.05
C SER A 38 -1.06 -6.39 5.00
N VAL A 39 -0.88 -5.10 4.72
CA VAL A 39 -1.65 -4.35 3.73
C VAL A 39 -1.33 -4.94 2.36
N ILE A 40 -0.06 -5.20 2.05
CA ILE A 40 0.39 -5.75 0.78
C ILE A 40 -0.28 -7.13 0.57
N SER A 41 -0.37 -7.95 1.62
CA SER A 41 -0.99 -9.26 1.53
C SER A 41 -2.43 -9.11 1.00
N ARG A 42 -3.18 -8.11 1.47
CA ARG A 42 -4.54 -7.88 1.02
C ARG A 42 -4.50 -7.41 -0.44
N VAL A 43 -3.57 -6.51 -0.81
CA VAL A 43 -3.43 -5.98 -2.16
C VAL A 43 -3.23 -7.12 -3.15
N LEU A 44 -2.29 -8.02 -2.88
CA LEU A 44 -2.03 -9.15 -3.78
C LEU A 44 -3.33 -9.93 -4.04
N LYS A 45 -4.15 -10.14 -3.02
CA LYS A 45 -5.42 -10.88 -3.19
C LYS A 45 -6.58 -10.03 -3.67
N LYS A 46 -6.31 -8.80 -4.10
CA LYS A 46 -7.26 -7.84 -4.64
C LYS A 46 -6.92 -7.54 -6.11
N ASN A 47 -5.80 -8.06 -6.63
CA ASN A 47 -5.32 -7.85 -8.00
C ASN A 47 -5.31 -9.16 -8.80
N ASN A 48 -5.98 -10.22 -8.31
CA ASN A 48 -6.08 -11.54 -8.93
C ASN A 48 -4.72 -12.17 -9.27
N ARG A 49 -3.69 -11.92 -8.44
CA ARG A 49 -2.34 -12.44 -8.65
C ARG A 49 -2.30 -13.90 -8.21
N ASP A 50 -1.71 -14.77 -9.02
CA ASP A 50 -1.61 -16.20 -8.78
C ASP A 50 -0.92 -16.57 -7.47
N SER A 51 0.37 -16.27 -7.32
CA SER A 51 1.10 -16.61 -6.10
C SER A 51 2.29 -15.67 -5.95
N ALA A 52 2.18 -14.71 -5.04
CA ALA A 52 3.21 -13.73 -4.74
C ALA A 52 3.28 -13.52 -3.22
N VAL A 53 4.32 -12.85 -2.71
CA VAL A 53 4.49 -12.58 -1.30
C VAL A 53 4.78 -11.11 -1.04
N ALA A 54 4.36 -10.59 0.10
CA ALA A 54 4.58 -9.21 0.47
C ALA A 54 6.05 -8.92 0.68
N SER A 55 6.86 -9.92 1.04
CA SER A 55 8.30 -9.76 1.27
C SER A 55 9.06 -9.35 0.00
N GLU A 56 8.47 -9.51 -1.18
CA GLU A 56 9.07 -9.15 -2.46
C GLU A 56 8.69 -7.71 -2.87
N TYR A 57 7.88 -7.00 -2.06
CA TYR A 57 7.46 -5.62 -2.37
C TYR A 57 7.52 -4.72 -1.13
N GLU A 58 7.31 -3.42 -1.27
CA GLU A 58 7.32 -2.48 -0.15
C GLU A 58 6.09 -1.56 -0.27
N LEU A 59 5.57 -1.07 0.85
CA LEU A 59 4.37 -0.21 0.88
C LEU A 59 4.81 1.25 0.79
N VAL A 60 4.13 2.02 -0.06
CA VAL A 60 4.43 3.42 -0.30
C VAL A 60 3.12 4.20 -0.32
N GLN A 61 3.19 5.40 0.22
CA GLN A 61 2.08 6.35 0.30
C GLN A 61 2.37 7.48 -0.70
N LEU A 62 1.33 8.12 -1.24
CA LEU A 62 1.46 9.22 -2.20
C LEU A 62 1.12 10.52 -1.48
N LEU A 63 2.01 11.52 -1.52
CA LEU A 63 1.76 12.81 -0.87
C LEU A 63 1.30 13.84 -1.90
N PRO A 64 0.54 14.88 -1.51
CA PRO A 64 0.07 15.90 -2.45
C PRO A 64 1.22 16.75 -3.00
N GLY A 65 2.39 16.76 -2.35
CA GLY A 65 3.58 17.50 -2.78
C GLY A 65 4.43 16.71 -3.77
N GLU A 66 3.84 15.67 -4.39
CA GLU A 66 4.46 14.77 -5.36
C GLU A 66 5.59 14.01 -4.67
N ARG A 67 5.42 13.68 -3.38
CA ARG A 67 6.42 12.96 -2.57
C ARG A 67 5.95 11.54 -2.36
N GLU A 68 6.87 10.73 -1.86
CA GLU A 68 6.66 9.34 -1.56
C GLU A 68 7.13 9.08 -0.13
N LEU A 69 6.30 8.45 0.69
CA LEU A 69 6.64 8.12 2.06
C LEU A 69 6.53 6.60 2.12
N THR A 70 7.67 5.93 2.14
CA THR A 70 7.76 4.49 2.17
C THR A 70 7.53 3.99 3.59
N ILE A 71 6.46 3.23 3.80
CA ILE A 71 6.09 2.68 5.09
C ILE A 71 6.89 1.38 5.32
N PRO A 72 7.75 1.31 6.36
CA PRO A 72 8.55 0.11 6.62
C PRO A 72 7.71 -1.06 7.14
N ALA A 73 8.22 -2.28 6.97
CA ALA A 73 7.58 -3.54 7.36
C ALA A 73 7.29 -3.74 8.84
N SER A 74 7.74 -2.89 9.76
CA SER A 74 7.51 -3.05 11.20
C SER A 74 6.66 -1.94 11.83
N ALA A 75 6.08 -1.10 10.98
CA ALA A 75 5.27 0.06 11.36
C ALA A 75 3.82 -0.15 10.97
N ASN A 76 2.90 0.27 11.84
CA ASN A 76 1.46 0.14 11.62
C ASN A 76 1.09 1.16 10.55
N VAL A 77 0.66 0.79 9.34
CA VAL A 77 0.31 1.74 8.28
C VAL A 77 -0.67 2.76 8.78
N PHE A 78 -1.72 2.32 9.51
CA PHE A 78 -2.74 3.18 10.07
C PHE A 78 -2.18 4.38 10.89
N TYR A 79 -0.94 4.32 11.38
CA TYR A 79 -0.26 5.37 12.15
C TYR A 79 0.95 5.92 11.38
N ALA A 80 1.71 5.06 10.70
CA ALA A 80 2.89 5.41 9.93
C ALA A 80 2.54 6.36 8.79
N MET A 81 1.36 6.17 8.18
CA MET A 81 0.89 7.03 7.10
C MET A 81 0.80 8.49 7.58
N ASP A 82 1.17 9.41 6.70
CA ASP A 82 1.21 10.86 6.90
C ASP A 82 -0.11 11.44 7.42
N GLY A 83 -1.20 11.29 6.67
CA GLY A 83 -2.53 11.80 7.03
C GLY A 83 -3.09 12.78 5.98
N ALA A 84 -2.31 13.13 4.95
CA ALA A 84 -2.72 14.06 3.91
C ALA A 84 -3.39 13.40 2.73
N SER A 85 -3.23 12.09 2.51
CA SER A 85 -3.83 11.44 1.36
C SER A 85 -4.12 9.95 1.59
N HIS A 86 -5.23 9.48 1.03
CA HIS A 86 -5.68 8.09 1.12
C HIS A 86 -5.24 7.27 -0.10
N ASP A 87 -4.27 7.78 -0.89
CA ASP A 87 -3.74 7.14 -2.09
C ASP A 87 -2.37 6.53 -1.77
N PHE A 88 -2.15 5.27 -2.19
CA PHE A 88 -0.93 4.48 -1.96
C PHE A 88 -0.55 3.64 -3.21
N LEU A 89 0.58 2.93 -3.18
CA LEU A 89 1.04 2.09 -4.28
C LEU A 89 1.89 0.92 -3.79
N LEU A 90 2.06 -0.11 -4.63
CA LEU A 90 2.87 -1.30 -4.34
C LEU A 90 3.99 -1.43 -5.37
N ARG A 91 5.25 -1.54 -4.92
CA ARG A 91 6.44 -1.62 -5.75
C ARG A 91 7.32 -2.78 -5.31
N GLN A 92 7.92 -3.49 -6.26
CA GLN A 92 8.80 -4.60 -5.91
C GLN A 92 10.05 -4.04 -5.23
N ARG A 93 10.48 -4.67 -4.14
CA ARG A 93 11.69 -4.29 -3.42
C ARG A 93 12.77 -5.18 -4.01
N ARG A 94 14.03 -4.75 -4.07
CA ARG A 94 15.06 -5.59 -4.67
C ARG A 94 16.33 -5.71 -3.83
N ARG A 95 16.84 -6.94 -3.86
CA ARG A 95 18.03 -7.53 -3.28
C ARG A 95 19.24 -6.89 -3.99
N SER A 96 20.46 -7.27 -3.64
CA SER A 96 21.65 -6.66 -4.21
C SER A 96 21.72 -6.84 -5.73
N SER A 97 22.43 -5.90 -6.34
CA SER A 97 22.69 -5.76 -7.76
C SER A 97 24.20 -5.85 -7.95
N THR A 98 24.63 -5.99 -9.21
CA THR A 98 26.03 -6.07 -9.62
C THR A 98 26.38 -4.86 -10.50
N ALA A 99 25.51 -3.85 -10.52
CA ALA A 99 25.64 -2.61 -11.27
C ALA A 99 26.89 -1.81 -10.89
N THR A 100 27.12 -0.71 -11.61
CA THR A 100 28.21 0.22 -11.45
C THR A 100 27.54 1.58 -11.49
N SER A 1 -16.74 10.13 21.66
CA SER A 1 -17.35 8.99 22.35
C SER A 1 -17.15 7.75 21.49
N MET A 2 -16.66 6.65 22.06
CA MET A 2 -16.40 5.39 21.35
C MET A 2 -16.95 4.22 22.19
N GLY A 3 -16.91 2.98 21.68
CA GLY A 3 -17.40 1.82 22.42
C GLY A 3 -17.90 0.70 21.49
N PRO A 4 -19.05 0.88 20.81
CA PRO A 4 -19.61 -0.14 19.92
C PRO A 4 -18.76 -0.40 18.67
N GLY A 5 -18.38 0.60 17.87
CA GLY A 5 -17.58 0.34 16.66
C GLY A 5 -16.94 1.57 16.04
N ALA A 6 -16.08 2.24 16.79
CA ALA A 6 -15.31 3.42 16.44
C ALA A 6 -14.14 3.12 15.47
N SER A 7 -14.15 1.97 14.78
CA SER A 7 -13.11 1.53 13.86
C SER A 7 -12.92 2.56 12.73
N ASP A 8 -11.83 3.31 12.80
CA ASP A 8 -11.44 4.37 11.85
C ASP A 8 -10.90 3.83 10.52
N CYS A 9 -11.09 2.55 10.18
CA CYS A 9 -10.55 2.02 8.92
C CYS A 9 -11.10 2.76 7.69
N ARG A 10 -10.20 3.18 6.80
CA ARG A 10 -10.48 3.92 5.56
C ARG A 10 -10.16 3.03 4.36
N ILE A 11 -10.41 3.48 3.13
CA ILE A 11 -10.14 2.73 1.90
C ILE A 11 -9.23 3.60 1.03
N ILE A 12 -8.34 2.99 0.25
CA ILE A 12 -7.38 3.66 -0.65
C ILE A 12 -7.40 2.99 -2.03
N ARG A 13 -6.77 3.62 -3.02
CA ARG A 13 -6.66 3.13 -4.39
C ARG A 13 -5.19 2.87 -4.66
N VAL A 14 -4.87 1.73 -5.25
CA VAL A 14 -3.49 1.36 -5.55
C VAL A 14 -3.37 0.90 -7.01
N GLN A 15 -2.36 1.37 -7.73
CA GLN A 15 -2.11 1.00 -9.12
C GLN A 15 -0.86 0.15 -9.21
N MET A 16 -0.76 -0.63 -10.29
CA MET A 16 0.34 -1.53 -10.61
C MET A 16 0.80 -1.14 -12.01
N GLU A 17 1.94 -1.67 -12.44
CA GLU A 17 2.57 -1.41 -13.73
C GLU A 17 2.09 -2.29 -14.88
N LEU A 18 0.93 -2.92 -14.71
CA LEU A 18 0.30 -3.83 -15.68
C LEU A 18 0.53 -3.38 -17.14
N GLY A 19 0.47 -2.08 -17.41
CA GLY A 19 0.69 -1.49 -18.71
C GLY A 19 -0.53 -1.65 -19.59
N GLU A 20 -0.73 -2.86 -20.11
CA GLU A 20 -1.83 -3.23 -21.00
C GLU A 20 -3.21 -2.90 -20.43
N ASP A 21 -3.35 -2.77 -19.11
CA ASP A 21 -4.61 -2.43 -18.44
C ASP A 21 -4.59 -1.09 -17.68
N GLY A 22 -3.52 -0.30 -17.81
CA GLY A 22 -3.38 1.00 -17.17
C GLY A 22 -3.44 0.97 -15.65
N SER A 23 -3.75 2.12 -15.04
CA SER A 23 -3.86 2.27 -13.60
C SER A 23 -4.98 1.36 -13.12
N VAL A 24 -4.70 0.52 -12.13
CA VAL A 24 -5.70 -0.43 -11.62
C VAL A 24 -6.64 0.20 -10.59
N TYR A 25 -6.09 0.99 -9.64
CA TYR A 25 -6.84 1.68 -8.58
C TYR A 25 -7.74 0.76 -7.75
N LYS A 26 -7.18 -0.38 -7.36
CA LYS A 26 -7.87 -1.38 -6.54
C LYS A 26 -8.19 -0.78 -5.18
N SER A 27 -9.43 -0.97 -4.72
CA SER A 27 -9.90 -0.49 -3.44
C SER A 27 -9.33 -1.37 -2.32
N ILE A 28 -8.33 -0.89 -1.59
CA ILE A 28 -7.72 -1.64 -0.50
C ILE A 28 -8.16 -1.01 0.84
N LEU A 29 -8.55 -1.84 1.80
CA LEU A 29 -8.97 -1.41 3.13
C LEU A 29 -7.71 -1.15 3.96
N VAL A 30 -7.66 -0.05 4.70
CA VAL A 30 -6.53 0.33 5.56
C VAL A 30 -7.02 0.23 7.00
N THR A 31 -6.61 -0.83 7.72
CA THR A 31 -6.99 -0.99 9.11
C THR A 31 -6.15 0.04 9.90
N SER A 32 -6.62 0.57 11.02
CA SER A 32 -5.83 1.56 11.78
C SER A 32 -4.48 1.00 12.30
N GLN A 33 -4.32 -0.31 12.31
CA GLN A 33 -3.13 -1.05 12.73
C GLN A 33 -2.47 -1.84 11.60
N ASP A 34 -2.77 -1.53 10.34
CA ASP A 34 -2.20 -2.16 9.15
C ASP A 34 -0.67 -2.03 9.11
N LYS A 35 -0.04 -2.61 8.10
CA LYS A 35 1.39 -2.52 7.84
C LYS A 35 1.50 -2.47 6.33
N ALA A 36 2.46 -1.71 5.81
CA ALA A 36 2.70 -1.56 4.37
C ALA A 36 2.70 -2.92 3.64
N PRO A 37 3.51 -3.91 4.05
CA PRO A 37 3.55 -5.20 3.37
C PRO A 37 2.23 -5.98 3.48
N SER A 38 1.39 -5.67 4.46
CA SER A 38 0.10 -6.33 4.63
C SER A 38 -0.81 -5.78 3.54
N VAL A 39 -0.76 -4.46 3.33
CA VAL A 39 -1.52 -3.76 2.33
C VAL A 39 -1.04 -4.23 0.95
N ILE A 40 0.27 -4.44 0.76
CA ILE A 40 0.82 -4.93 -0.50
C ILE A 40 0.22 -6.32 -0.76
N SER A 41 0.13 -7.20 0.25
CA SER A 41 -0.45 -8.53 0.06
C SER A 41 -1.90 -8.38 -0.45
N ARG A 42 -2.66 -7.38 0.02
CA ARG A 42 -4.04 -7.16 -0.45
C ARG A 42 -4.02 -6.85 -1.95
N VAL A 43 -3.06 -6.04 -2.39
CA VAL A 43 -2.90 -5.65 -3.78
C VAL A 43 -2.54 -6.88 -4.62
N LEU A 44 -1.62 -7.72 -4.16
CA LEU A 44 -1.22 -8.92 -4.89
C LEU A 44 -2.44 -9.83 -5.10
N LYS A 45 -3.28 -10.02 -4.08
CA LYS A 45 -4.47 -10.87 -4.17
C LYS A 45 -5.63 -10.20 -4.90
N LYS A 46 -5.40 -9.04 -5.53
CA LYS A 46 -6.39 -8.29 -6.29
C LYS A 46 -6.05 -8.20 -7.77
N ASN A 47 -4.79 -8.42 -8.15
CA ASN A 47 -4.30 -8.35 -9.53
C ASN A 47 -4.10 -9.74 -10.14
N ASN A 48 -4.66 -10.78 -9.50
CA ASN A 48 -4.57 -12.19 -9.93
C ASN A 48 -3.13 -12.61 -10.11
N ARG A 49 -2.22 -12.08 -9.30
CA ARG A 49 -0.80 -12.43 -9.41
C ARG A 49 -0.64 -13.85 -8.89
N ASP A 50 0.11 -14.64 -9.65
CA ASP A 50 0.42 -16.04 -9.46
C ASP A 50 0.85 -16.45 -8.05
N SER A 51 2.01 -16.01 -7.56
CA SER A 51 2.55 -16.30 -6.24
C SER A 51 3.67 -15.29 -6.04
N ALA A 52 3.44 -14.26 -5.22
CA ALA A 52 4.44 -13.24 -4.94
C ALA A 52 4.33 -12.85 -3.47
N VAL A 53 5.32 -12.11 -2.98
CA VAL A 53 5.41 -11.66 -1.60
C VAL A 53 5.63 -10.15 -1.55
N ALA A 54 5.25 -9.53 -0.45
CA ALA A 54 5.41 -8.10 -0.25
C ALA A 54 6.87 -7.71 0.00
N SER A 55 7.75 -8.68 0.28
CA SER A 55 9.16 -8.40 0.53
C SER A 55 9.89 -8.01 -0.76
N GLU A 56 9.42 -8.45 -1.93
CA GLU A 56 10.03 -8.14 -3.21
C GLU A 56 9.63 -6.75 -3.73
N TYR A 57 8.70 -6.06 -3.06
CA TYR A 57 8.25 -4.74 -3.48
C TYR A 57 8.25 -3.75 -2.34
N GLU A 58 7.94 -2.50 -2.66
CA GLU A 58 7.90 -1.39 -1.72
C GLU A 58 6.60 -0.62 -1.92
N LEU A 59 6.01 -0.13 -0.83
CA LEU A 59 4.78 0.64 -0.81
C LEU A 59 5.14 2.11 -1.02
N VAL A 60 4.35 2.83 -1.81
CA VAL A 60 4.59 4.23 -2.16
C VAL A 60 3.26 4.96 -2.22
N GLN A 61 3.25 6.20 -1.73
CA GLN A 61 2.07 7.06 -1.73
C GLN A 61 2.16 8.03 -2.88
N LEU A 62 1.04 8.46 -3.43
CA LEU A 62 1.00 9.45 -4.53
C LEU A 62 0.69 10.74 -3.81
N LEU A 63 1.45 11.80 -4.06
CA LEU A 63 1.26 13.08 -3.40
C LEU A 63 1.03 14.19 -4.42
N PRO A 64 0.22 15.22 -4.09
CA PRO A 64 -0.05 16.31 -5.00
C PRO A 64 1.24 17.09 -5.25
N GLY A 65 1.34 17.69 -6.43
CA GLY A 65 2.50 18.45 -6.84
C GLY A 65 3.57 17.56 -7.44
N GLU A 66 3.17 16.47 -8.11
CA GLU A 66 4.04 15.48 -8.76
C GLU A 66 5.02 14.86 -7.76
N ARG A 67 4.55 14.46 -6.58
CA ARG A 67 5.40 13.86 -5.55
C ARG A 67 4.93 12.45 -5.27
N GLU A 68 5.73 11.74 -4.46
CA GLU A 68 5.45 10.38 -4.04
C GLU A 68 6.23 10.13 -2.75
N LEU A 69 5.61 9.49 -1.76
CA LEU A 69 6.16 9.18 -0.44
C LEU A 69 6.31 7.67 -0.20
N THR A 70 7.54 7.19 -0.11
CA THR A 70 7.82 5.77 0.13
C THR A 70 7.60 5.39 1.60
N ILE A 71 6.68 4.46 1.89
CA ILE A 71 6.35 4.01 3.26
C ILE A 71 7.14 2.73 3.59
N PRO A 72 7.91 2.66 4.69
CA PRO A 72 8.70 1.48 5.05
C PRO A 72 7.85 0.28 5.49
N ALA A 73 8.43 -0.93 5.45
CA ALA A 73 7.76 -2.17 5.81
C ALA A 73 7.42 -2.32 7.29
N SER A 74 7.98 -1.49 8.16
CA SER A 74 7.76 -1.49 9.61
C SER A 74 6.81 -0.40 10.06
N ALA A 75 6.05 0.19 9.15
CA ALA A 75 5.11 1.26 9.44
C ALA A 75 3.69 0.91 9.02
N ASN A 76 2.74 1.50 9.75
CA ASN A 76 1.30 1.37 9.56
C ASN A 76 0.97 2.43 8.52
N VAL A 77 0.48 2.07 7.34
CA VAL A 77 0.12 3.02 6.30
C VAL A 77 -0.83 4.05 6.90
N PHE A 78 -1.79 3.63 7.71
CA PHE A 78 -2.77 4.51 8.33
C PHE A 78 -2.15 5.67 9.11
N TYR A 79 -0.91 5.53 9.58
CA TYR A 79 -0.20 6.57 10.34
C TYR A 79 0.92 7.20 9.53
N ALA A 80 1.59 6.37 8.72
CA ALA A 80 2.70 6.77 7.88
C ALA A 80 2.28 7.63 6.69
N MET A 81 1.09 7.39 6.13
CA MET A 81 0.62 8.15 4.99
C MET A 81 0.55 9.62 5.37
N ASP A 82 1.01 10.46 4.44
CA ASP A 82 1.12 11.90 4.55
C ASP A 82 -0.09 12.60 5.15
N GLY A 83 -1.24 12.46 4.50
CA GLY A 83 -2.49 13.09 4.90
C GLY A 83 -3.06 14.02 3.82
N ALA A 84 -2.42 14.07 2.64
CA ALA A 84 -2.79 14.92 1.51
C ALA A 84 -3.29 14.13 0.29
N SER A 85 -3.32 12.80 0.39
CA SER A 85 -3.76 11.93 -0.69
C SER A 85 -4.12 10.54 -0.17
N HIS A 86 -4.98 9.87 -0.92
CA HIS A 86 -5.48 8.53 -0.66
C HIS A 86 -5.06 7.56 -1.76
N ASP A 87 -4.25 7.99 -2.73
CA ASP A 87 -3.79 7.15 -3.84
C ASP A 87 -2.39 6.65 -3.52
N PHE A 88 -2.09 5.43 -4.00
CA PHE A 88 -0.84 4.74 -3.78
C PHE A 88 -0.45 3.95 -5.03
N LEU A 89 0.76 3.37 -5.03
CA LEU A 89 1.29 2.56 -6.11
C LEU A 89 2.16 1.46 -5.49
N LEU A 90 2.45 0.45 -6.30
CA LEU A 90 3.30 -0.69 -5.95
C LEU A 90 4.34 -0.90 -7.05
N ARG A 91 5.63 -1.01 -6.69
CA ARG A 91 6.79 -1.22 -7.57
C ARG A 91 7.81 -2.08 -6.83
N GLN A 92 8.56 -2.90 -7.55
CA GLN A 92 9.57 -3.75 -6.97
C GLN A 92 10.73 -2.94 -6.37
N ARG A 93 11.43 -3.55 -5.42
CA ARG A 93 12.58 -2.97 -4.74
C ARG A 93 13.86 -3.69 -5.12
N ARG A 94 14.99 -3.08 -4.74
CA ARG A 94 16.34 -3.61 -4.91
C ARG A 94 16.45 -4.83 -3.98
N ARG A 95 17.59 -5.55 -3.95
CA ARG A 95 17.71 -6.76 -3.13
C ARG A 95 17.40 -6.48 -1.65
N SER A 96 17.08 -7.56 -0.92
CA SER A 96 16.70 -7.58 0.48
C SER A 96 17.81 -7.09 1.40
N SER A 97 17.46 -6.96 2.68
CA SER A 97 18.31 -6.51 3.77
C SER A 97 19.52 -7.41 3.92
N THR A 98 20.52 -6.88 4.61
CA THR A 98 21.79 -7.48 4.93
C THR A 98 21.68 -8.62 5.96
N ALA A 99 20.47 -8.94 6.43
CA ALA A 99 20.20 -9.99 7.40
C ALA A 99 20.34 -11.38 6.75
N THR A 100 20.31 -12.43 7.56
CA THR A 100 20.40 -13.81 7.04
C THR A 100 19.10 -14.12 6.30
N SER A 1 -10.93 10.35 23.66
CA SER A 1 -12.25 9.80 23.39
C SER A 1 -12.22 9.05 22.07
N MET A 2 -12.74 7.82 22.03
CA MET A 2 -12.79 6.98 20.83
C MET A 2 -14.10 6.22 20.92
N GLY A 3 -15.09 6.58 20.12
CA GLY A 3 -16.39 5.91 20.14
C GLY A 3 -17.35 6.62 19.20
N PRO A 4 -17.78 7.85 19.52
CA PRO A 4 -18.69 8.62 18.68
C PRO A 4 -17.90 9.12 17.46
N GLY A 5 -17.71 8.25 16.47
CA GLY A 5 -17.00 8.47 15.23
C GLY A 5 -17.80 7.82 14.10
N ALA A 6 -17.12 7.19 13.16
CA ALA A 6 -17.73 6.50 12.03
C ALA A 6 -17.43 5.00 12.10
N SER A 7 -16.15 4.64 11.93
CA SER A 7 -15.62 3.30 11.96
C SER A 7 -14.10 3.39 12.09
N ASP A 8 -13.42 2.25 12.20
CA ASP A 8 -11.97 2.15 12.30
C ASP A 8 -11.39 1.70 10.95
N CYS A 9 -11.99 0.71 10.27
CA CYS A 9 -11.49 0.22 8.97
C CYS A 9 -11.65 1.27 7.86
N ARG A 10 -10.70 1.37 6.93
CA ARG A 10 -10.72 2.33 5.80
C ARG A 10 -10.51 1.59 4.47
N ILE A 11 -10.63 2.29 3.35
CA ILE A 11 -10.43 1.74 2.00
C ILE A 11 -9.63 2.77 1.20
N ILE A 12 -8.61 2.33 0.47
CA ILE A 12 -7.73 3.13 -0.37
C ILE A 12 -7.71 2.57 -1.81
N ARG A 13 -7.13 3.30 -2.76
CA ARG A 13 -7.02 2.90 -4.16
C ARG A 13 -5.57 2.61 -4.46
N VAL A 14 -5.28 1.49 -5.13
CA VAL A 14 -3.90 1.11 -5.46
C VAL A 14 -3.76 0.65 -6.90
N GLN A 15 -2.71 1.09 -7.59
CA GLN A 15 -2.42 0.71 -8.97
C GLN A 15 -1.10 -0.07 -9.02
N MET A 16 -0.79 -0.59 -10.20
CA MET A 16 0.44 -1.37 -10.43
C MET A 16 1.04 -1.10 -11.82
N GLU A 17 2.19 -1.70 -12.07
CA GLU A 17 3.04 -1.67 -13.26
C GLU A 17 2.65 -2.72 -14.31
N LEU A 18 1.41 -3.22 -14.22
CA LEU A 18 0.84 -4.23 -15.10
C LEU A 18 1.30 -4.06 -16.55
N GLY A 19 1.29 -2.83 -17.07
CA GLY A 19 1.71 -2.50 -18.42
C GLY A 19 0.59 -1.87 -19.21
N GLU A 20 -0.07 -2.66 -20.04
CA GLU A 20 -1.17 -2.21 -20.90
C GLU A 20 -2.40 -1.73 -20.11
N ASP A 21 -2.53 -2.14 -18.84
CA ASP A 21 -3.65 -1.75 -17.96
C ASP A 21 -3.38 -0.36 -17.41
N GLY A 22 -2.33 -0.23 -16.59
CA GLY A 22 -1.91 1.03 -15.99
C GLY A 22 -2.54 1.36 -14.64
N SER A 23 -3.30 2.46 -14.55
CA SER A 23 -3.89 2.80 -13.27
C SER A 23 -5.08 1.89 -12.97
N VAL A 24 -4.81 0.92 -12.09
CA VAL A 24 -5.77 -0.07 -11.66
C VAL A 24 -6.72 0.51 -10.62
N TYR A 25 -6.18 1.15 -9.60
CA TYR A 25 -6.98 1.79 -8.52
C TYR A 25 -7.97 0.85 -7.84
N LYS A 26 -7.53 -0.35 -7.51
CA LYS A 26 -8.36 -1.35 -6.83
C LYS A 26 -8.63 -0.87 -5.41
N SER A 27 -9.87 -1.06 -4.94
CA SER A 27 -10.29 -0.69 -3.60
C SER A 27 -9.71 -1.73 -2.64
N ILE A 28 -8.73 -1.35 -1.83
CA ILE A 28 -8.07 -2.20 -0.82
C ILE A 28 -8.42 -1.71 0.59
N LEU A 29 -8.76 -2.63 1.49
CA LEU A 29 -9.10 -2.37 2.90
C LEU A 29 -7.82 -2.02 3.67
N VAL A 30 -7.93 -1.22 4.73
CA VAL A 30 -6.85 -0.77 5.58
C VAL A 30 -7.34 -0.88 7.03
N THR A 31 -6.60 -1.59 7.89
CA THR A 31 -6.92 -1.76 9.30
C THR A 31 -5.83 -1.08 10.12
N SER A 32 -6.06 -0.86 11.41
CA SER A 32 -5.12 -0.22 12.30
C SER A 32 -3.75 -0.92 12.31
N GLN A 33 -3.71 -2.25 12.20
CA GLN A 33 -2.47 -3.05 12.20
C GLN A 33 -2.07 -3.52 10.81
N ASP A 34 -2.68 -3.01 9.74
CA ASP A 34 -2.31 -3.46 8.39
C ASP A 34 -0.96 -2.89 7.96
N LYS A 35 0.09 -3.72 7.97
CA LYS A 35 1.44 -3.32 7.57
C LYS A 35 1.52 -3.25 6.04
N ALA A 36 2.49 -2.53 5.46
CA ALA A 36 2.62 -2.41 4.02
C ALA A 36 2.63 -3.79 3.34
N PRO A 37 3.53 -4.72 3.68
CA PRO A 37 3.54 -6.03 3.05
C PRO A 37 2.26 -6.84 3.30
N SER A 38 1.42 -6.46 4.26
CA SER A 38 0.17 -7.13 4.58
C SER A 38 -0.90 -6.56 3.63
N VAL A 39 -0.91 -5.24 3.40
CA VAL A 39 -1.85 -4.62 2.49
C VAL A 39 -1.50 -5.09 1.07
N ILE A 40 -0.20 -5.08 0.71
CA ILE A 40 0.33 -5.49 -0.58
C ILE A 40 -0.12 -6.94 -0.89
N SER A 41 -0.16 -7.82 0.11
CA SER A 41 -0.57 -9.21 -0.11
C SER A 41 -1.97 -9.25 -0.75
N ARG A 42 -2.88 -8.32 -0.39
CA ARG A 42 -4.23 -8.27 -0.95
C ARG A 42 -4.13 -7.81 -2.41
N VAL A 43 -3.34 -6.77 -2.72
CA VAL A 43 -3.15 -6.22 -4.07
C VAL A 43 -2.77 -7.35 -5.03
N LEU A 44 -1.91 -8.28 -4.63
CA LEU A 44 -1.50 -9.40 -5.48
C LEU A 44 -2.74 -10.20 -5.90
N LYS A 45 -3.64 -10.50 -4.95
CA LYS A 45 -4.88 -11.25 -5.15
C LYS A 45 -5.94 -10.47 -5.91
N LYS A 46 -5.62 -9.23 -6.32
CA LYS A 46 -6.50 -8.36 -7.09
C LYS A 46 -5.95 -8.06 -8.48
N ASN A 47 -4.67 -8.34 -8.76
CA ASN A 47 -4.00 -8.07 -10.04
C ASN A 47 -3.64 -9.33 -10.81
N ASN A 48 -4.21 -10.49 -10.47
CA ASN A 48 -3.97 -11.77 -11.12
C ASN A 48 -2.54 -12.25 -10.95
N ARG A 49 -1.95 -12.00 -9.78
CA ARG A 49 -0.58 -12.40 -9.46
C ARG A 49 -0.67 -13.40 -8.32
N ASP A 50 -0.47 -14.68 -8.63
CA ASP A 50 -0.52 -15.75 -7.63
C ASP A 50 0.86 -15.90 -7.04
N SER A 51 1.84 -16.33 -7.84
CA SER A 51 3.20 -16.51 -7.36
C SER A 51 3.86 -15.14 -7.38
N ALA A 52 3.93 -14.53 -6.20
CA ALA A 52 4.51 -13.24 -5.89
C ALA A 52 4.59 -13.18 -4.36
N VAL A 53 5.46 -12.35 -3.81
CA VAL A 53 5.60 -12.17 -2.37
C VAL A 53 5.72 -10.67 -2.13
N ALA A 54 5.04 -10.14 -1.13
CA ALA A 54 5.08 -8.72 -0.80
C ALA A 54 6.51 -8.30 -0.48
N SER A 55 7.34 -9.21 0.02
CA SER A 55 8.74 -8.96 0.35
C SER A 55 9.57 -8.56 -0.88
N GLU A 56 9.10 -8.78 -2.11
CA GLU A 56 9.80 -8.38 -3.33
C GLU A 56 9.32 -7.00 -3.78
N TYR A 57 8.43 -6.33 -3.03
CA TYR A 57 7.90 -5.00 -3.33
C TYR A 57 7.90 -4.11 -2.07
N GLU A 58 7.61 -2.82 -2.25
CA GLU A 58 7.51 -1.84 -1.17
C GLU A 58 6.29 -0.98 -1.49
N LEU A 59 5.56 -0.51 -0.47
CA LEU A 59 4.37 0.31 -0.65
C LEU A 59 4.74 1.78 -0.85
N VAL A 60 3.86 2.54 -1.51
CA VAL A 60 4.03 3.94 -1.80
C VAL A 60 2.67 4.62 -1.69
N GLN A 61 2.65 5.82 -1.12
CA GLN A 61 1.49 6.66 -0.95
C GLN A 61 1.72 7.87 -1.84
N LEU A 62 0.72 8.33 -2.59
CA LEU A 62 0.89 9.50 -3.44
C LEU A 62 0.35 10.70 -2.65
N LEU A 63 0.99 11.86 -2.79
CA LEU A 63 0.64 13.11 -2.11
C LEU A 63 0.12 14.13 -3.12
N PRO A 64 -0.79 15.04 -2.71
CA PRO A 64 -1.36 16.07 -3.57
C PRO A 64 -0.38 17.26 -3.76
N GLY A 65 0.82 16.95 -4.24
CA GLY A 65 1.90 17.88 -4.48
C GLY A 65 3.00 17.23 -5.30
N GLU A 66 2.66 16.18 -6.08
CA GLU A 66 3.59 15.43 -6.92
C GLU A 66 4.68 14.76 -6.08
N ARG A 67 4.31 14.21 -4.91
CA ARG A 67 5.22 13.51 -4.01
C ARG A 67 4.74 12.07 -3.87
N GLU A 68 5.66 11.19 -3.48
CA GLU A 68 5.41 9.78 -3.31
C GLU A 68 6.18 9.37 -2.05
N LEU A 69 5.44 9.20 -0.96
CA LEU A 69 5.91 8.84 0.36
C LEU A 69 5.99 7.32 0.41
N THR A 70 7.20 6.79 0.33
CA THR A 70 7.39 5.34 0.39
C THR A 70 7.17 4.89 1.84
N ILE A 71 6.19 4.03 2.04
CA ILE A 71 5.83 3.48 3.34
C ILE A 71 6.79 2.30 3.58
N PRO A 72 7.64 2.32 4.62
CA PRO A 72 8.58 1.23 4.87
C PRO A 72 7.82 -0.02 5.32
N ALA A 73 8.32 -1.20 4.96
CA ALA A 73 7.77 -2.53 5.27
C ALA A 73 7.62 -2.90 6.75
N SER A 74 8.02 -2.04 7.68
CA SER A 74 7.98 -2.22 9.13
C SER A 74 7.03 -1.26 9.87
N ALA A 75 6.10 -0.63 9.15
CA ALA A 75 5.14 0.36 9.65
C ALA A 75 3.67 0.09 9.26
N ASN A 76 2.74 0.22 10.20
CA ASN A 76 1.30 0.00 9.94
C ASN A 76 0.82 1.19 9.08
N VAL A 77 0.41 0.91 7.84
CA VAL A 77 -0.04 1.90 6.84
C VAL A 77 -1.03 2.91 7.36
N PHE A 78 -2.05 2.48 8.11
CA PHE A 78 -3.08 3.36 8.66
C PHE A 78 -2.52 4.52 9.50
N TYR A 79 -1.28 4.41 9.97
CA TYR A 79 -0.57 5.40 10.77
C TYR A 79 0.55 6.03 9.95
N ALA A 80 1.25 5.22 9.14
CA ALA A 80 2.35 5.68 8.31
C ALA A 80 1.88 6.70 7.26
N MET A 81 0.73 6.46 6.63
CA MET A 81 0.18 7.36 5.63
C MET A 81 -0.07 8.78 6.17
N ASP A 82 0.13 9.78 5.32
CA ASP A 82 -0.04 11.20 5.64
C ASP A 82 -1.48 11.63 5.90
N GLY A 83 -2.45 10.85 5.41
CA GLY A 83 -3.87 11.14 5.57
C GLY A 83 -4.38 12.28 4.69
N ALA A 84 -3.60 12.72 3.69
CA ALA A 84 -4.01 13.78 2.79
C ALA A 84 -4.83 13.17 1.64
N SER A 85 -4.40 12.00 1.15
CA SER A 85 -5.01 11.28 0.06
C SER A 85 -5.03 9.76 0.31
N HIS A 86 -5.85 9.06 -0.48
CA HIS A 86 -6.08 7.63 -0.43
C HIS A 86 -5.51 6.90 -1.67
N ASP A 87 -4.74 7.57 -2.53
CA ASP A 87 -4.12 6.96 -3.71
C ASP A 87 -2.73 6.48 -3.32
N PHE A 88 -2.46 5.21 -3.63
CA PHE A 88 -1.24 4.48 -3.36
C PHE A 88 -0.86 3.68 -4.62
N LEU A 89 0.32 3.07 -4.62
CA LEU A 89 0.80 2.24 -5.72
C LEU A 89 1.69 1.13 -5.17
N LEU A 90 2.07 0.19 -6.04
CA LEU A 90 2.94 -0.92 -5.71
C LEU A 90 4.15 -0.90 -6.65
N ARG A 91 5.36 -1.06 -6.11
CA ARG A 91 6.60 -1.05 -6.86
C ARG A 91 7.52 -2.17 -6.39
N GLN A 92 8.06 -2.96 -7.32
CA GLN A 92 8.97 -4.04 -6.95
C GLN A 92 10.30 -3.43 -6.50
N ARG A 93 10.93 -4.03 -5.49
CA ARG A 93 12.22 -3.62 -4.95
C ARG A 93 13.27 -4.58 -5.50
N ARG A 94 14.50 -4.12 -5.68
CA ARG A 94 15.59 -4.95 -6.20
C ARG A 94 16.28 -5.70 -5.07
N ARG A 95 17.05 -6.74 -5.40
CA ARG A 95 17.78 -7.54 -4.42
C ARG A 95 18.99 -6.71 -3.98
N SER A 96 18.96 -6.14 -2.77
CA SER A 96 20.03 -5.34 -2.19
C SER A 96 19.99 -5.62 -0.67
N SER A 97 21.03 -5.27 0.07
CA SER A 97 21.12 -5.51 1.51
C SER A 97 21.71 -4.28 2.21
N THR A 98 21.15 -3.91 3.36
CA THR A 98 21.58 -2.76 4.13
C THR A 98 22.12 -3.13 5.52
N ALA A 99 21.91 -4.37 6.01
CA ALA A 99 22.39 -4.81 7.32
C ALA A 99 22.63 -6.32 7.30
N THR A 100 23.17 -6.85 8.40
CA THR A 100 23.47 -8.26 8.61
C THR A 100 23.19 -8.54 10.10
N SER A 1 -25.48 13.91 3.06
CA SER A 1 -25.77 13.35 4.37
C SER A 1 -24.62 13.68 5.34
N MET A 2 -24.72 13.20 6.59
CA MET A 2 -23.78 13.34 7.69
C MET A 2 -23.99 12.11 8.58
N GLY A 3 -23.00 11.71 9.37
CA GLY A 3 -23.12 10.55 10.24
C GLY A 3 -21.82 10.18 10.94
N PRO A 4 -21.91 9.30 11.96
CA PRO A 4 -20.76 8.84 12.73
C PRO A 4 -19.92 7.83 11.94
N GLY A 5 -18.85 7.33 12.56
CA GLY A 5 -17.96 6.36 11.93
C GLY A 5 -16.60 6.28 12.62
N ALA A 6 -16.58 6.30 13.96
CA ALA A 6 -15.38 6.23 14.79
C ALA A 6 -14.66 4.88 14.75
N SER A 7 -14.94 4.01 13.78
CA SER A 7 -14.31 2.71 13.61
C SER A 7 -12.82 2.94 13.37
N ASP A 8 -11.97 2.37 14.20
CA ASP A 8 -10.53 2.53 14.10
C ASP A 8 -9.95 1.90 12.83
N CYS A 9 -10.66 0.97 12.18
CA CYS A 9 -10.18 0.37 10.95
C CYS A 9 -10.71 1.20 9.78
N ARG A 10 -9.90 1.33 8.72
CA ARG A 10 -10.23 2.10 7.52
C ARG A 10 -9.86 1.30 6.29
N ILE A 11 -10.17 1.81 5.11
CA ILE A 11 -9.86 1.20 3.81
C ILE A 11 -9.08 2.25 3.04
N ILE A 12 -8.15 1.80 2.21
CA ILE A 12 -7.27 2.60 1.37
C ILE A 12 -7.32 2.06 -0.06
N ARG A 13 -6.75 2.82 -1.00
CA ARG A 13 -6.69 2.50 -2.41
C ARG A 13 -5.25 2.21 -2.77
N VAL A 14 -4.96 1.08 -3.43
CA VAL A 14 -3.58 0.73 -3.79
C VAL A 14 -3.50 0.37 -5.28
N GLN A 15 -2.59 1.00 -6.03
CA GLN A 15 -2.38 0.74 -7.46
C GLN A 15 -1.30 -0.32 -7.58
N MET A 16 -0.99 -0.76 -8.79
CA MET A 16 0.05 -1.74 -9.03
C MET A 16 0.64 -1.53 -10.41
N GLU A 17 1.70 -2.28 -10.66
CA GLU A 17 2.57 -2.33 -11.82
C GLU A 17 2.04 -2.97 -13.10
N LEU A 18 0.72 -3.07 -13.26
CA LEU A 18 0.07 -3.61 -14.46
C LEU A 18 0.46 -2.84 -15.73
N GLY A 19 1.35 -1.85 -15.63
CA GLY A 19 1.83 -0.96 -16.66
C GLY A 19 0.93 0.24 -16.48
N GLU A 20 0.67 0.99 -17.54
CA GLU A 20 -0.24 2.13 -17.47
C GLU A 20 -1.63 1.69 -17.94
N ASP A 21 -1.87 0.37 -18.01
CA ASP A 21 -3.11 -0.28 -18.42
C ASP A 21 -4.30 0.35 -17.69
N GLY A 22 -4.17 0.66 -16.40
CA GLY A 22 -5.22 1.29 -15.62
C GLY A 22 -4.84 1.38 -14.13
N SER A 23 -5.45 2.33 -13.42
CA SER A 23 -5.20 2.52 -12.00
C SER A 23 -5.98 1.45 -11.24
N VAL A 24 -5.31 0.46 -10.66
CA VAL A 24 -5.99 -0.61 -9.93
C VAL A 24 -6.80 -0.03 -8.76
N TYR A 25 -6.14 0.62 -7.80
CA TYR A 25 -6.78 1.27 -6.64
C TYR A 25 -7.72 0.36 -5.85
N LYS A 26 -7.26 -0.87 -5.59
CA LYS A 26 -8.11 -1.80 -4.84
C LYS A 26 -8.27 -1.31 -3.42
N SER A 27 -9.41 -1.74 -2.91
CA SER A 27 -9.83 -1.45 -1.55
C SER A 27 -9.16 -2.44 -0.61
N ILE A 28 -8.16 -1.99 0.14
CA ILE A 28 -7.43 -2.82 1.10
C ILE A 28 -7.73 -2.23 2.49
N LEU A 29 -7.98 -3.08 3.49
CA LEU A 29 -8.27 -2.69 4.87
C LEU A 29 -6.97 -2.18 5.52
N VAL A 30 -7.04 -1.48 6.63
CA VAL A 30 -5.89 -0.98 7.38
C VAL A 30 -6.22 -1.14 8.85
N THR A 31 -5.60 -2.12 9.50
CA THR A 31 -5.83 -2.36 10.93
C THR A 31 -4.92 -1.42 11.74
N SER A 32 -5.21 -1.26 13.04
CA SER A 32 -4.41 -0.40 13.90
C SER A 32 -2.99 -0.96 14.11
N GLN A 33 -2.78 -2.26 13.88
CA GLN A 33 -1.53 -2.99 14.03
C GLN A 33 -1.00 -3.53 12.70
N ASP A 34 -1.52 -3.02 11.59
CA ASP A 34 -1.09 -3.44 10.27
C ASP A 34 0.39 -3.09 10.07
N LYS A 35 1.00 -3.49 8.96
CA LYS A 35 2.39 -3.17 8.66
C LYS A 35 2.54 -3.21 7.16
N ALA A 36 3.46 -2.42 6.60
CA ALA A 36 3.68 -2.32 5.16
C ALA A 36 3.67 -3.68 4.45
N PRO A 37 4.53 -4.64 4.83
CA PRO A 37 4.58 -5.94 4.17
C PRO A 37 3.31 -6.78 4.32
N SER A 38 2.42 -6.45 5.25
CA SER A 38 1.19 -7.19 5.48
C SER A 38 0.15 -6.70 4.47
N VAL A 39 0.12 -5.39 4.20
CA VAL A 39 -0.80 -4.79 3.25
C VAL A 39 -0.45 -5.28 1.84
N ILE A 40 0.85 -5.34 1.54
CA ILE A 40 1.37 -5.76 0.24
C ILE A 40 0.84 -7.16 -0.09
N SER A 41 0.92 -8.07 0.90
CA SER A 41 0.50 -9.45 0.77
C SER A 41 -0.88 -9.54 0.12
N ARG A 42 -1.86 -8.78 0.62
CA ARG A 42 -3.22 -8.81 0.09
C ARG A 42 -3.32 -8.16 -1.29
N VAL A 43 -2.63 -7.05 -1.55
CA VAL A 43 -2.69 -6.36 -2.85
C VAL A 43 -2.30 -7.31 -3.96
N LEU A 44 -1.30 -8.16 -3.74
CA LEU A 44 -0.85 -9.13 -4.74
C LEU A 44 -2.03 -10.02 -5.13
N LYS A 45 -2.81 -10.47 -4.13
CA LYS A 45 -3.97 -11.32 -4.30
C LYS A 45 -5.14 -10.59 -4.94
N LYS A 46 -5.05 -9.26 -5.13
CA LYS A 46 -6.09 -8.47 -5.77
C LYS A 46 -5.75 -8.20 -7.23
N ASN A 47 -4.53 -8.56 -7.65
CA ASN A 47 -3.94 -8.42 -8.97
C ASN A 47 -3.62 -9.80 -9.58
N ASN A 48 -4.22 -10.86 -9.02
CA ASN A 48 -4.08 -12.27 -9.37
C ASN A 48 -2.62 -12.73 -9.34
N ARG A 49 -1.79 -12.18 -8.45
CA ARG A 49 -0.40 -12.56 -8.33
C ARG A 49 -0.37 -13.61 -7.23
N ASP A 50 -0.23 -14.88 -7.58
CA ASP A 50 -0.20 -15.92 -6.56
C ASP A 50 1.21 -16.05 -5.99
N SER A 51 2.18 -16.48 -6.81
CA SER A 51 3.56 -16.60 -6.39
C SER A 51 4.06 -15.17 -6.32
N ALA A 52 4.20 -14.61 -5.13
CA ALA A 52 4.63 -13.23 -4.97
C ALA A 52 5.09 -12.97 -3.54
N VAL A 53 6.39 -12.79 -3.33
CA VAL A 53 6.93 -12.52 -2.01
C VAL A 53 6.81 -11.02 -1.76
N ALA A 54 6.07 -10.62 -0.72
CA ALA A 54 5.84 -9.21 -0.38
C ALA A 54 7.17 -8.49 -0.13
N SER A 55 8.21 -9.21 0.29
CA SER A 55 9.53 -8.70 0.58
C SER A 55 10.25 -8.17 -0.67
N GLU A 56 9.90 -8.66 -1.87
CA GLU A 56 10.49 -8.19 -3.12
C GLU A 56 9.86 -6.88 -3.58
N TYR A 57 8.82 -6.39 -2.89
CA TYR A 57 8.16 -5.13 -3.23
C TYR A 57 8.07 -4.25 -1.99
N GLU A 58 7.64 -2.99 -2.13
CA GLU A 58 7.55 -2.11 -0.96
C GLU A 58 6.33 -1.20 -1.03
N LEU A 59 5.88 -0.74 0.14
CA LEU A 59 4.72 0.12 0.36
C LEU A 59 5.11 1.58 0.17
N VAL A 60 4.29 2.31 -0.58
CA VAL A 60 4.48 3.72 -0.90
C VAL A 60 3.11 4.40 -0.87
N GLN A 61 3.05 5.62 -0.34
CA GLN A 61 1.86 6.45 -0.23
C GLN A 61 1.94 7.55 -1.31
N LEU A 62 0.81 8.01 -1.84
CA LEU A 62 0.77 9.07 -2.86
C LEU A 62 0.20 10.33 -2.22
N LEU A 63 1.00 11.39 -2.22
CA LEU A 63 0.62 12.69 -1.66
C LEU A 63 0.02 13.52 -2.80
N PRO A 64 -0.92 14.44 -2.50
CA PRO A 64 -1.54 15.26 -3.54
C PRO A 64 -0.56 16.23 -4.18
N GLY A 65 0.51 16.61 -3.48
CA GLY A 65 1.55 17.52 -3.96
C GLY A 65 2.54 16.84 -4.90
N GLU A 66 2.16 15.72 -5.53
CA GLU A 66 2.99 14.95 -6.45
C GLU A 66 4.25 14.45 -5.75
N ARG A 67 4.10 13.97 -4.51
CA ARG A 67 5.21 13.44 -3.72
C ARG A 67 4.88 11.98 -3.38
N GLU A 68 5.89 11.24 -2.92
CA GLU A 68 5.77 9.83 -2.58
C GLU A 68 6.45 9.55 -1.23
N LEU A 69 5.68 9.12 -0.24
CA LEU A 69 6.12 8.79 1.13
C LEU A 69 6.20 7.27 1.24
N THR A 70 7.41 6.72 1.24
CA THR A 70 7.60 5.29 1.36
C THR A 70 7.36 4.92 2.83
N ILE A 71 6.51 3.92 3.09
CA ILE A 71 6.20 3.48 4.44
C ILE A 71 7.18 2.35 4.82
N PRO A 72 7.86 2.43 5.98
CA PRO A 72 8.81 1.42 6.42
C PRO A 72 8.13 0.12 6.83
N ALA A 73 8.85 -0.99 6.66
CA ALA A 73 8.39 -2.35 6.97
C ALA A 73 8.16 -2.64 8.45
N SER A 74 8.49 -1.72 9.34
CA SER A 74 8.35 -1.86 10.78
C SER A 74 7.36 -0.89 11.42
N ALA A 75 6.50 -0.26 10.61
CA ALA A 75 5.53 0.71 11.06
C ALA A 75 4.10 0.40 10.62
N ASN A 76 3.16 0.72 11.51
CA ASN A 76 1.74 0.52 11.27
C ASN A 76 1.27 1.65 10.37
N VAL A 77 0.87 1.29 9.14
CA VAL A 77 0.40 2.20 8.10
C VAL A 77 -0.59 3.23 8.63
N PHE A 78 -1.52 2.86 9.51
CA PHE A 78 -2.52 3.77 10.06
C PHE A 78 -1.92 5.04 10.70
N TYR A 79 -0.70 4.92 11.24
CA TYR A 79 0.04 6.00 11.89
C TYR A 79 1.20 6.47 11.02
N ALA A 80 1.76 5.61 10.16
CA ALA A 80 2.87 5.97 9.29
C ALA A 80 2.40 6.84 8.13
N MET A 81 1.19 6.59 7.62
CA MET A 81 0.64 7.37 6.52
C MET A 81 0.58 8.84 6.97
N ASP A 82 0.84 9.74 6.03
CA ASP A 82 0.88 11.17 6.26
C ASP A 82 -0.34 11.72 6.94
N GLY A 83 -1.51 11.28 6.48
CA GLY A 83 -2.80 11.70 6.98
C GLY A 83 -3.46 12.68 5.98
N ALA A 84 -2.94 12.79 4.75
CA ALA A 84 -3.43 13.67 3.71
C ALA A 84 -4.27 12.91 2.69
N SER A 85 -4.02 11.61 2.47
CA SER A 85 -4.80 10.84 1.50
C SER A 85 -4.73 9.33 1.77
N HIS A 86 -5.77 8.60 1.36
CA HIS A 86 -5.91 7.16 1.50
C HIS A 86 -5.35 6.41 0.29
N ASP A 87 -4.54 7.04 -0.58
CA ASP A 87 -3.99 6.43 -1.79
C ASP A 87 -2.56 5.97 -1.60
N PHE A 88 -2.22 4.81 -2.17
CA PHE A 88 -0.92 4.14 -2.11
C PHE A 88 -0.63 3.35 -3.39
N LEU A 89 0.57 2.78 -3.49
CA LEU A 89 1.02 1.95 -4.59
C LEU A 89 1.90 0.82 -4.08
N LEU A 90 2.22 -0.08 -5.02
CA LEU A 90 3.09 -1.22 -4.77
C LEU A 90 4.05 -1.42 -5.95
N ARG A 91 5.38 -1.50 -5.73
CA ARG A 91 6.41 -1.66 -6.78
C ARG A 91 7.56 -2.51 -6.30
N GLN A 92 8.32 -3.13 -7.22
CA GLN A 92 9.48 -3.97 -6.88
C GLN A 92 10.50 -3.09 -6.16
N ARG A 93 11.13 -3.59 -5.11
CA ARG A 93 12.13 -2.87 -4.32
C ARG A 93 13.47 -3.56 -4.39
N ARG A 94 14.57 -2.82 -4.27
CA ARG A 94 15.92 -3.35 -4.30
C ARG A 94 16.89 -2.34 -3.70
N ARG A 95 18.14 -2.76 -3.60
CA ARG A 95 19.34 -2.08 -3.14
C ARG A 95 20.29 -2.30 -4.34
N SER A 96 21.51 -1.76 -4.39
CA SER A 96 22.35 -2.04 -5.57
C SER A 96 22.74 -3.53 -5.46
N SER A 97 22.11 -4.43 -6.22
CA SER A 97 22.38 -5.86 -6.17
C SER A 97 21.94 -6.63 -7.42
N THR A 98 22.41 -7.87 -7.48
CA THR A 98 22.26 -8.94 -8.47
C THR A 98 21.51 -10.16 -7.91
N ALA A 99 20.76 -10.03 -6.80
CA ALA A 99 20.08 -11.17 -6.18
C ALA A 99 19.14 -11.88 -7.16
N THR A 100 19.13 -13.21 -7.02
CA THR A 100 18.40 -14.20 -7.80
C THR A 100 16.90 -13.87 -7.93
N SER A 1 -27.30 8.80 3.06
CA SER A 1 -26.49 8.60 4.28
C SER A 1 -26.57 9.88 5.11
N MET A 2 -26.57 9.76 6.44
CA MET A 2 -26.62 10.89 7.36
C MET A 2 -26.10 10.42 8.72
N GLY A 3 -25.31 11.24 9.40
CA GLY A 3 -24.75 10.89 10.72
C GLY A 3 -23.74 9.75 10.57
N PRO A 4 -22.48 10.03 10.21
CA PRO A 4 -21.46 9.00 10.03
C PRO A 4 -20.96 8.43 11.37
N GLY A 5 -20.08 7.43 11.30
CA GLY A 5 -19.51 6.76 12.46
C GLY A 5 -18.14 7.30 12.88
N ALA A 6 -17.70 6.83 14.02
CA ALA A 6 -16.47 7.12 14.76
C ALA A 6 -15.56 5.88 14.88
N SER A 7 -15.76 4.84 14.07
CA SER A 7 -15.00 3.59 14.13
C SER A 7 -13.49 3.78 13.96
N ASP A 8 -12.75 2.81 14.52
CA ASP A 8 -11.29 2.71 14.58
C ASP A 8 -10.59 2.31 13.29
N CYS A 9 -11.28 1.72 12.31
CA CYS A 9 -10.67 1.28 11.06
C CYS A 9 -11.10 2.13 9.86
N ARG A 10 -10.23 2.23 8.87
CA ARG A 10 -10.42 3.00 7.64
C ARG A 10 -10.01 2.14 6.44
N ILE A 11 -10.19 2.62 5.21
CA ILE A 11 -9.84 1.88 4.00
C ILE A 11 -9.05 2.80 3.07
N ILE A 12 -8.09 2.24 2.34
CA ILE A 12 -7.22 2.94 1.38
C ILE A 12 -7.29 2.25 0.02
N ARG A 13 -6.83 2.91 -1.03
CA ARG A 13 -6.82 2.38 -2.40
C ARG A 13 -5.36 2.11 -2.72
N VAL A 14 -5.07 1.02 -3.42
CA VAL A 14 -3.71 0.68 -3.77
C VAL A 14 -3.60 0.19 -5.21
N GLN A 15 -2.62 0.70 -5.95
CA GLN A 15 -2.33 0.35 -7.34
C GLN A 15 -0.99 -0.39 -7.39
N MET A 16 -0.67 -0.90 -8.58
CA MET A 16 0.57 -1.63 -8.86
C MET A 16 1.14 -1.23 -10.21
N GLU A 17 2.32 -1.76 -10.53
CA GLU A 17 3.17 -1.58 -11.72
C GLU A 17 2.67 -2.28 -13.00
N LEU A 18 1.39 -2.65 -13.04
CA LEU A 18 0.72 -3.34 -14.16
C LEU A 18 1.21 -2.88 -15.54
N GLY A 19 1.51 -1.60 -15.67
CA GLY A 19 1.96 -0.99 -16.90
C GLY A 19 0.86 -0.09 -17.42
N GLU A 20 0.70 -0.12 -18.73
CA GLU A 20 -0.26 0.67 -19.50
C GLU A 20 -1.73 0.26 -19.29
N ASP A 21 -1.97 -0.76 -18.47
CA ASP A 21 -3.31 -1.25 -18.15
C ASP A 21 -4.08 -0.17 -17.38
N GLY A 22 -3.39 0.52 -16.47
CA GLY A 22 -3.92 1.59 -15.62
C GLY A 22 -3.80 1.25 -14.14
N SER A 23 -4.18 2.20 -13.28
CA SER A 23 -4.13 2.01 -11.84
C SER A 23 -5.19 0.99 -11.42
N VAL A 24 -4.96 0.26 -10.31
CA VAL A 24 -5.92 -0.73 -9.83
C VAL A 24 -6.77 -0.17 -8.71
N TYR A 25 -6.14 0.54 -7.76
CA TYR A 25 -6.86 1.19 -6.65
C TYR A 25 -7.77 0.27 -5.81
N LYS A 26 -7.31 -0.94 -5.53
CA LYS A 26 -8.09 -1.90 -4.74
C LYS A 26 -8.26 -1.40 -3.31
N SER A 27 -9.48 -1.49 -2.79
CA SER A 27 -9.87 -1.06 -1.46
C SER A 27 -9.34 -2.03 -0.37
N ILE A 28 -8.31 -1.62 0.36
CA ILE A 28 -7.69 -2.41 1.44
C ILE A 28 -7.95 -1.77 2.81
N LEU A 29 -8.55 -2.54 3.72
CA LEU A 29 -8.87 -2.16 5.11
C LEU A 29 -7.55 -1.92 5.85
N VAL A 30 -7.49 -0.89 6.73
CA VAL A 30 -6.32 -0.54 7.53
C VAL A 30 -6.69 -0.66 9.00
N THR A 31 -5.80 -1.24 9.79
CA THR A 31 -5.95 -1.44 11.24
C THR A 31 -4.75 -0.79 11.94
N SER A 32 -4.86 -0.56 13.25
CA SER A 32 -3.79 0.06 14.05
C SER A 32 -2.48 -0.75 14.05
N GLN A 33 -2.49 -2.02 13.67
CA GLN A 33 -1.30 -2.88 13.63
C GLN A 33 -0.91 -3.34 12.24
N ASP A 34 -1.58 -2.83 11.21
CA ASP A 34 -1.26 -3.23 9.85
C ASP A 34 0.08 -2.65 9.41
N LYS A 35 1.12 -3.50 9.38
CA LYS A 35 2.44 -3.08 8.94
C LYS A 35 2.42 -3.05 7.43
N ALA A 36 3.33 -2.32 6.80
CA ALA A 36 3.41 -2.23 5.34
C ALA A 36 3.38 -3.63 4.70
N PRO A 37 4.27 -4.58 5.06
CA PRO A 37 4.25 -5.91 4.46
C PRO A 37 2.95 -6.71 4.72
N SER A 38 2.14 -6.32 5.72
CA SER A 38 0.88 -6.99 6.04
C SER A 38 -0.16 -6.49 5.05
N VAL A 39 -0.17 -5.19 4.77
CA VAL A 39 -1.10 -4.59 3.84
C VAL A 39 -0.77 -5.11 2.43
N ILE A 40 0.51 -5.20 2.09
CA ILE A 40 1.00 -5.68 0.80
C ILE A 40 0.46 -7.10 0.54
N SER A 41 0.45 -7.97 1.55
CA SER A 41 -0.04 -9.34 1.45
C SER A 41 -1.48 -9.36 0.89
N ARG A 42 -2.29 -8.34 1.22
CA ARG A 42 -3.68 -8.24 0.73
C ARG A 42 -3.68 -7.73 -0.70
N VAL A 43 -2.91 -6.69 -1.01
CA VAL A 43 -2.85 -6.11 -2.36
C VAL A 43 -2.48 -7.18 -3.36
N LEU A 44 -1.44 -7.96 -3.09
CA LEU A 44 -0.98 -9.02 -3.98
C LEU A 44 -2.14 -9.97 -4.30
N LYS A 45 -2.93 -10.36 -3.30
CA LYS A 45 -4.06 -11.27 -3.51
C LYS A 45 -5.35 -10.56 -3.89
N LYS A 46 -5.35 -9.23 -4.11
CA LYS A 46 -6.54 -8.46 -4.50
C LYS A 46 -6.47 -8.10 -5.98
N ASN A 47 -5.33 -8.34 -6.63
CA ASN A 47 -5.12 -8.04 -8.02
C ASN A 47 -4.98 -9.31 -8.87
N ASN A 48 -5.37 -10.47 -8.32
CA ASN A 48 -5.28 -11.77 -9.00
C ASN A 48 -3.84 -12.02 -9.46
N ARG A 49 -2.84 -11.55 -8.70
CA ARG A 49 -1.44 -11.76 -9.06
C ARG A 49 -1.22 -13.27 -8.94
N ASP A 50 -0.40 -13.85 -9.81
CA ASP A 50 -0.18 -15.30 -9.80
C ASP A 50 0.36 -15.78 -8.46
N SER A 51 1.56 -15.34 -8.13
CA SER A 51 2.28 -15.65 -6.92
C SER A 51 3.20 -14.47 -6.63
N ALA A 52 3.31 -14.07 -5.36
CA ALA A 52 4.16 -12.97 -4.93
C ALA A 52 4.31 -13.04 -3.40
N VAL A 53 5.29 -12.34 -2.86
CA VAL A 53 5.55 -12.28 -1.42
C VAL A 53 5.82 -10.82 -1.09
N ALA A 54 5.36 -10.33 0.06
CA ALA A 54 5.55 -8.95 0.45
C ALA A 54 7.03 -8.59 0.51
N SER A 55 7.93 -9.55 0.78
CA SER A 55 9.37 -9.29 0.85
C SER A 55 9.96 -8.76 -0.47
N GLU A 56 9.31 -9.04 -1.60
CA GLU A 56 9.74 -8.60 -2.92
C GLU A 56 9.23 -7.20 -3.25
N TYR A 57 8.44 -6.55 -2.37
CA TYR A 57 7.94 -5.20 -2.66
C TYR A 57 8.07 -4.28 -1.45
N GLU A 58 7.91 -2.98 -1.69
CA GLU A 58 7.96 -1.91 -0.69
C GLU A 58 6.75 -1.00 -0.94
N LEU A 59 6.07 -0.63 0.15
CA LEU A 59 4.89 0.23 0.11
C LEU A 59 5.24 1.69 -0.15
N VAL A 60 4.32 2.43 -0.77
CA VAL A 60 4.48 3.83 -1.12
C VAL A 60 3.12 4.52 -1.00
N GLN A 61 3.10 5.76 -0.52
CA GLN A 61 1.89 6.57 -0.38
C GLN A 61 1.91 7.68 -1.43
N LEU A 62 0.75 8.15 -1.88
CA LEU A 62 0.62 9.23 -2.86
C LEU A 62 0.34 10.50 -2.07
N LEU A 63 1.17 11.52 -2.21
CA LEU A 63 0.97 12.80 -1.49
C LEU A 63 0.27 13.77 -2.45
N PRO A 64 -0.56 14.69 -1.94
CA PRO A 64 -1.26 15.65 -2.78
C PRO A 64 -0.35 16.62 -3.53
N GLY A 65 0.90 16.79 -3.10
CA GLY A 65 1.88 17.67 -3.74
C GLY A 65 2.73 16.91 -4.76
N GLU A 66 2.19 15.83 -5.35
CA GLU A 66 2.84 14.95 -6.33
C GLU A 66 4.15 14.38 -5.77
N ARG A 67 4.13 13.95 -4.51
CA ARG A 67 5.30 13.37 -3.82
C ARG A 67 5.02 11.93 -3.45
N GLU A 68 6.05 11.18 -3.07
CA GLU A 68 5.94 9.78 -2.71
C GLU A 68 6.57 9.54 -1.34
N LEU A 69 5.76 9.02 -0.41
CA LEU A 69 6.19 8.69 0.94
C LEU A 69 6.35 7.18 0.99
N THR A 70 7.58 6.71 0.98
CA THR A 70 7.85 5.28 1.04
C THR A 70 7.70 4.81 2.48
N ILE A 71 6.74 3.92 2.73
CA ILE A 71 6.45 3.40 4.07
C ILE A 71 7.37 2.18 4.33
N PRO A 72 8.22 2.21 5.36
CA PRO A 72 9.14 1.11 5.66
C PRO A 72 8.48 -0.11 6.30
N ALA A 73 9.20 -1.23 6.22
CA ALA A 73 8.85 -2.56 6.72
C ALA A 73 8.58 -2.66 8.22
N SER A 74 8.88 -1.65 9.02
CA SER A 74 8.67 -1.67 10.47
C SER A 74 7.63 -0.66 10.95
N ALA A 75 6.84 -0.13 10.03
CA ALA A 75 5.84 0.88 10.31
C ALA A 75 4.42 0.42 10.02
N ASN A 76 3.52 0.67 10.99
CA ASN A 76 2.10 0.38 10.92
C ASN A 76 1.53 1.51 10.08
N VAL A 77 1.06 1.21 8.87
CA VAL A 77 0.53 2.16 7.90
C VAL A 77 -0.38 3.20 8.54
N PHE A 78 -1.30 2.78 9.41
CA PHE A 78 -2.25 3.66 10.10
C PHE A 78 -1.62 4.86 10.82
N TYR A 79 -0.33 4.77 11.18
CA TYR A 79 0.44 5.83 11.84
C TYR A 79 1.59 6.30 10.94
N ALA A 80 2.05 5.44 10.02
CA ALA A 80 3.15 5.74 9.11
C ALA A 80 2.72 6.71 8.02
N MET A 81 1.48 6.56 7.52
CA MET A 81 0.92 7.41 6.48
C MET A 81 0.88 8.88 6.93
N ASP A 82 1.03 9.78 5.96
CA ASP A 82 1.05 11.24 6.16
C ASP A 82 -0.28 11.85 6.62
N GLY A 83 -1.38 11.13 6.44
CA GLY A 83 -2.69 11.61 6.83
C GLY A 83 -3.30 12.63 5.85
N ALA A 84 -2.67 12.86 4.68
CA ALA A 84 -3.15 13.80 3.69
C ALA A 84 -4.01 13.10 2.62
N SER A 85 -3.62 11.91 2.18
CA SER A 85 -4.30 11.13 1.15
C SER A 85 -4.51 9.67 1.60
N HIS A 86 -5.43 8.94 0.97
CA HIS A 86 -5.76 7.54 1.25
C HIS A 86 -5.41 6.64 0.06
N ASP A 87 -4.63 7.15 -0.87
CA ASP A 87 -4.24 6.46 -2.08
C ASP A 87 -2.77 6.09 -1.91
N PHE A 88 -2.43 4.85 -2.24
CA PHE A 88 -1.11 4.23 -2.13
C PHE A 88 -0.80 3.47 -3.42
N LEU A 89 0.44 2.99 -3.52
CA LEU A 89 0.93 2.21 -4.64
C LEU A 89 1.92 1.19 -4.10
N LEU A 90 2.17 0.11 -4.84
CA LEU A 90 3.09 -0.95 -4.47
C LEU A 90 4.17 -1.03 -5.54
N ARG A 91 5.44 -1.14 -5.12
CA ARG A 91 6.56 -1.21 -6.06
C ARG A 91 7.48 -2.36 -5.75
N GLN A 92 7.94 -3.05 -6.79
CA GLN A 92 8.86 -4.16 -6.66
C GLN A 92 10.14 -3.56 -6.07
N ARG A 93 10.60 -4.15 -4.98
CA ARG A 93 11.78 -3.71 -4.28
C ARG A 93 12.99 -3.83 -5.19
N ARG A 94 13.77 -2.76 -5.25
CA ARG A 94 14.98 -2.72 -6.05
C ARG A 94 16.06 -3.46 -5.26
N ARG A 95 17.05 -3.99 -5.97
CA ARG A 95 18.12 -4.75 -5.36
C ARG A 95 19.37 -3.94 -5.00
N SER A 96 20.23 -4.70 -4.36
CA SER A 96 21.54 -4.70 -3.73
C SER A 96 22.36 -5.67 -4.61
N SER A 97 23.62 -6.01 -4.32
CA SER A 97 24.36 -6.93 -5.20
C SER A 97 23.48 -8.17 -5.38
N THR A 98 23.10 -8.33 -6.65
CA THR A 98 22.24 -9.31 -7.28
C THR A 98 22.80 -10.72 -7.19
N ALA A 99 23.92 -10.96 -7.87
CA ALA A 99 24.68 -12.17 -7.96
C ALA A 99 26.03 -11.80 -8.57
N THR A 100 27.02 -12.68 -8.41
CA THR A 100 28.39 -12.54 -8.90
C THR A 100 28.87 -11.11 -8.68
N SER A 1 1.19 13.79 10.95
CA SER A 1 -0.11 14.45 11.08
C SER A 1 -0.84 13.77 12.24
N MET A 2 -1.89 12.99 11.98
CA MET A 2 -2.71 12.23 12.92
C MET A 2 -3.40 11.11 12.12
N GLY A 3 -4.13 10.23 12.81
CA GLY A 3 -4.85 9.14 12.17
C GLY A 3 -5.98 9.64 11.27
N PRO A 4 -6.47 8.78 10.34
CA PRO A 4 -7.54 9.16 9.43
C PRO A 4 -8.87 9.49 10.11
N GLY A 5 -9.23 8.87 11.24
CA GLY A 5 -10.48 9.15 11.91
C GLY A 5 -10.81 8.15 13.02
N ALA A 6 -12.10 7.87 13.19
CA ALA A 6 -12.65 6.96 14.20
C ALA A 6 -13.23 5.68 13.58
N SER A 7 -13.07 5.48 12.26
CA SER A 7 -13.55 4.32 11.53
C SER A 7 -12.80 3.06 12.02
N ASP A 8 -13.28 1.88 11.64
CA ASP A 8 -12.70 0.56 11.98
C ASP A 8 -12.21 -0.19 10.73
N CYS A 9 -12.70 0.18 9.55
CA CYS A 9 -12.34 -0.39 8.26
C CYS A 9 -12.52 0.72 7.23
N ARG A 10 -11.67 0.76 6.20
CA ARG A 10 -11.69 1.76 5.14
C ARG A 10 -11.28 1.09 3.83
N ILE A 11 -11.38 1.82 2.71
CA ILE A 11 -11.01 1.33 1.40
C ILE A 11 -10.00 2.31 0.82
N ILE A 12 -8.99 1.78 0.14
CA ILE A 12 -7.92 2.53 -0.48
C ILE A 12 -7.71 2.02 -1.90
N ARG A 13 -7.17 2.87 -2.79
CA ARG A 13 -6.89 2.56 -4.18
C ARG A 13 -5.42 2.22 -4.25
N VAL A 14 -5.05 1.05 -4.77
CA VAL A 14 -3.66 0.62 -4.86
C VAL A 14 -3.27 0.21 -6.27
N GLN A 15 -2.19 0.79 -6.80
CA GLN A 15 -1.65 0.49 -8.13
C GLN A 15 -0.46 -0.50 -7.99
N MET A 16 0.08 -0.93 -9.11
CA MET A 16 1.20 -1.87 -9.23
C MET A 16 2.02 -1.53 -10.47
N GLU A 17 3.22 -2.11 -10.56
CA GLU A 17 4.23 -1.99 -11.61
C GLU A 17 3.90 -2.74 -12.89
N LEU A 18 2.64 -3.10 -13.07
CA LEU A 18 2.11 -3.87 -14.20
C LEU A 18 2.71 -3.47 -15.55
N GLY A 19 3.05 -2.19 -15.74
CA GLY A 19 3.65 -1.67 -16.95
C GLY A 19 2.54 -1.43 -17.96
N GLU A 20 2.05 -2.53 -18.50
CA GLU A 20 1.00 -2.72 -19.50
C GLU A 20 -0.33 -2.04 -19.18
N ASP A 21 -0.61 -1.80 -17.91
CA ASP A 21 -1.87 -1.21 -17.45
C ASP A 21 -1.72 0.17 -16.79
N GLY A 22 -0.50 0.72 -16.74
CA GLY A 22 -0.26 2.00 -16.10
C GLY A 22 -0.50 1.83 -14.59
N SER A 23 -1.61 2.37 -14.10
CA SER A 23 -2.01 2.28 -12.70
C SER A 23 -3.27 1.41 -12.63
N VAL A 24 -3.41 0.69 -11.52
CA VAL A 24 -4.53 -0.22 -11.30
C VAL A 24 -5.55 0.33 -10.32
N TYR A 25 -5.11 0.91 -9.21
CA TYR A 25 -6.02 1.52 -8.21
C TYR A 25 -7.13 0.59 -7.68
N LYS A 26 -6.78 -0.68 -7.45
CA LYS A 26 -7.70 -1.69 -6.94
C LYS A 26 -8.21 -1.27 -5.56
N SER A 27 -9.52 -1.43 -5.30
CA SER A 27 -10.12 -1.09 -4.02
C SER A 27 -9.74 -2.18 -3.00
N ILE A 28 -8.84 -1.87 -2.08
CA ILE A 28 -8.37 -2.76 -1.03
C ILE A 28 -9.00 -2.31 0.29
N LEU A 29 -9.47 -3.27 1.09
CA LEU A 29 -10.11 -3.07 2.39
C LEU A 29 -9.05 -3.12 3.50
N VAL A 30 -8.76 -2.02 4.17
CA VAL A 30 -7.82 -1.88 5.28
C VAL A 30 -8.65 -1.96 6.56
N THR A 31 -8.12 -2.52 7.65
CA THR A 31 -8.82 -2.67 8.91
C THR A 31 -7.95 -2.22 10.08
N SER A 32 -8.58 -2.02 11.24
CA SER A 32 -7.94 -1.59 12.48
C SER A 32 -6.71 -2.42 12.87
N GLN A 33 -6.63 -3.69 12.49
CA GLN A 33 -5.54 -4.61 12.81
C GLN A 33 -4.74 -5.10 11.60
N ASP A 34 -4.82 -4.40 10.47
CA ASP A 34 -4.06 -4.75 9.28
C ASP A 34 -2.54 -4.64 9.57
N LYS A 35 -1.72 -5.00 8.58
CA LYS A 35 -0.26 -4.89 8.60
C LYS A 35 0.10 -4.68 7.14
N ALA A 36 1.14 -3.91 6.84
CA ALA A 36 1.58 -3.63 5.48
C ALA A 36 1.63 -4.90 4.62
N PRO A 37 2.35 -5.97 5.00
CA PRO A 37 2.43 -7.19 4.19
C PRO A 37 1.07 -7.89 4.02
N SER A 38 0.11 -7.65 4.92
CA SER A 38 -1.22 -8.23 4.85
C SER A 38 -2.00 -7.48 3.75
N VAL A 39 -1.83 -6.16 3.72
CA VAL A 39 -2.45 -5.27 2.76
C VAL A 39 -1.85 -5.51 1.37
N ILE A 40 -0.56 -5.83 1.26
CA ILE A 40 0.12 -6.13 -0.01
C ILE A 40 -0.52 -7.39 -0.60
N SER A 41 -0.68 -8.43 0.22
CA SER A 41 -1.26 -9.72 -0.16
C SER A 41 -2.60 -9.50 -0.88
N ARG A 42 -3.43 -8.57 -0.43
CA ARG A 42 -4.73 -8.27 -1.03
C ARG A 42 -4.62 -7.85 -2.49
N VAL A 43 -3.67 -6.99 -2.82
CA VAL A 43 -3.45 -6.46 -4.16
C VAL A 43 -3.05 -7.59 -5.11
N LEU A 44 -2.09 -8.42 -4.70
CA LEU A 44 -1.61 -9.51 -5.53
C LEU A 44 -2.79 -10.40 -5.95
N LYS A 45 -3.72 -10.68 -5.02
CA LYS A 45 -4.88 -11.52 -5.28
C LYS A 45 -6.04 -10.76 -5.93
N LYS A 46 -5.81 -9.55 -6.42
CA LYS A 46 -6.79 -8.71 -7.12
C LYS A 46 -6.36 -8.48 -8.57
N ASN A 47 -5.11 -8.80 -8.93
CA ASN A 47 -4.57 -8.59 -10.28
C ASN A 47 -4.33 -9.91 -11.01
N ASN A 48 -4.88 -11.02 -10.50
CA ASN A 48 -4.78 -12.36 -11.07
C ASN A 48 -3.34 -12.83 -11.29
N ARG A 49 -2.43 -12.39 -10.40
CA ARG A 49 -1.03 -12.77 -10.46
C ARG A 49 -0.96 -14.25 -10.07
N ASP A 50 0.03 -15.01 -10.53
CA ASP A 50 0.14 -16.42 -10.16
C ASP A 50 0.39 -16.50 -8.66
N SER A 51 1.55 -16.01 -8.24
CA SER A 51 2.01 -15.96 -6.87
C SER A 51 3.15 -14.94 -6.87
N ALA A 52 3.36 -14.31 -5.72
CA ALA A 52 4.37 -13.31 -5.44
C ALA A 52 4.39 -13.23 -3.92
N VAL A 53 5.54 -13.44 -3.28
CA VAL A 53 5.62 -13.38 -1.84
C VAL A 53 5.55 -11.91 -1.43
N ALA A 54 4.59 -11.51 -0.60
CA ALA A 54 4.43 -10.14 -0.15
C ALA A 54 5.65 -9.59 0.61
N SER A 55 6.62 -10.45 0.93
CA SER A 55 7.85 -10.08 1.63
C SER A 55 8.93 -9.63 0.63
N GLU A 56 8.66 -9.72 -0.68
CA GLU A 56 9.52 -9.31 -1.79
C GLU A 56 9.05 -7.94 -2.31
N TYR A 57 7.94 -7.40 -1.79
CA TYR A 57 7.43 -6.10 -2.23
C TYR A 57 7.17 -5.24 -1.00
N GLU A 58 6.90 -3.95 -1.21
CA GLU A 58 6.65 -3.01 -0.12
C GLU A 58 5.32 -2.26 -0.27
N LEU A 59 4.93 -1.57 0.80
CA LEU A 59 3.72 -0.78 0.97
C LEU A 59 4.12 0.70 0.92
N VAL A 60 3.46 1.47 0.07
CA VAL A 60 3.74 2.89 -0.11
C VAL A 60 2.45 3.69 -0.21
N GLN A 61 2.41 4.85 0.47
CA GLN A 61 1.28 5.77 0.48
C GLN A 61 1.59 6.89 -0.50
N LEU A 62 0.59 7.38 -1.24
CA LEU A 62 0.76 8.45 -2.21
C LEU A 62 0.20 9.71 -1.59
N LEU A 63 1.07 10.68 -1.38
CA LEU A 63 0.70 11.95 -0.76
C LEU A 63 0.42 13.02 -1.82
N PRO A 64 -0.32 14.10 -1.50
CA PRO A 64 -0.68 15.15 -2.44
C PRO A 64 0.53 15.82 -3.11
N GLY A 65 1.51 16.25 -2.31
CA GLY A 65 2.73 16.91 -2.78
C GLY A 65 3.73 15.96 -3.43
N GLU A 66 3.23 14.87 -4.05
CA GLU A 66 3.99 13.82 -4.72
C GLU A 66 5.01 13.16 -3.79
N ARG A 67 4.65 13.03 -2.50
CA ARG A 67 5.52 12.39 -1.52
C ARG A 67 5.12 10.92 -1.49
N GLU A 68 6.05 10.09 -1.02
CA GLU A 68 5.87 8.67 -0.92
C GLU A 68 6.19 8.31 0.54
N LEU A 69 5.22 7.81 1.28
CA LEU A 69 5.40 7.43 2.68
C LEU A 69 5.41 5.90 2.68
N THR A 70 6.58 5.29 2.81
CA THR A 70 6.74 3.84 2.81
C THR A 70 6.31 3.31 4.17
N ILE A 71 5.27 2.48 4.20
CA ILE A 71 4.73 1.89 5.41
C ILE A 71 5.53 0.63 5.73
N PRO A 72 6.22 0.52 6.87
CA PRO A 72 7.02 -0.65 7.20
C PRO A 72 6.18 -1.89 7.54
N ALA A 73 6.82 -3.05 7.50
CA ALA A 73 6.21 -4.35 7.75
C ALA A 73 5.46 -4.48 9.08
N SER A 74 5.98 -3.94 10.18
CA SER A 74 5.35 -4.05 11.50
C SER A 74 4.32 -2.98 11.82
N ALA A 75 3.86 -2.26 10.81
CA ALA A 75 2.90 -1.19 10.97
C ALA A 75 1.55 -1.51 10.33
N ASN A 76 0.48 -1.15 11.03
CA ASN A 76 -0.90 -1.33 10.60
C ASN A 76 -1.19 -0.05 9.81
N VAL A 77 -1.32 -0.21 8.50
CA VAL A 77 -1.58 0.83 7.51
C VAL A 77 -2.65 1.79 8.00
N PHE A 78 -3.74 1.29 8.57
CA PHE A 78 -4.87 2.06 9.07
C PHE A 78 -4.46 3.24 9.98
N TYR A 79 -3.35 3.11 10.70
CA TYR A 79 -2.82 4.16 11.59
C TYR A 79 -1.50 4.71 11.04
N ALA A 80 -0.75 3.90 10.29
CA ALA A 80 0.53 4.31 9.72
C ALA A 80 0.34 5.38 8.66
N MET A 81 -0.71 5.24 7.83
CA MET A 81 -1.02 6.18 6.77
C MET A 81 -1.26 7.58 7.37
N ASP A 82 -0.87 8.61 6.62
CA ASP A 82 -1.01 10.01 7.01
C ASP A 82 -2.47 10.46 7.12
N GLY A 83 -3.39 9.67 6.55
CA GLY A 83 -4.82 9.99 6.56
C GLY A 83 -5.15 11.12 5.58
N ALA A 84 -4.15 11.68 4.88
CA ALA A 84 -4.28 12.75 3.90
C ALA A 84 -4.76 12.22 2.57
N SER A 85 -4.65 10.90 2.32
CA SER A 85 -5.05 10.30 1.07
C SER A 85 -5.34 8.81 1.23
N HIS A 86 -6.18 8.31 0.33
CA HIS A 86 -6.60 6.94 0.21
C HIS A 86 -5.94 6.29 -1.02
N ASP A 87 -4.92 6.91 -1.61
CA ASP A 87 -4.19 6.40 -2.79
C ASP A 87 -2.87 5.81 -2.30
N PHE A 88 -2.52 4.62 -2.80
CA PHE A 88 -1.35 3.85 -2.45
C PHE A 88 -0.77 3.12 -3.67
N LEU A 89 0.39 2.48 -3.49
CA LEU A 89 1.04 1.70 -4.54
C LEU A 89 1.76 0.49 -3.97
N LEU A 90 2.16 -0.42 -4.85
CA LEU A 90 2.89 -1.65 -4.56
C LEU A 90 4.02 -1.72 -5.58
N ARG A 91 5.24 -2.00 -5.11
CA ARG A 91 6.46 -2.09 -5.92
C ARG A 91 7.38 -3.12 -5.30
N GLN A 92 8.26 -3.72 -6.11
CA GLN A 92 9.22 -4.69 -5.63
C GLN A 92 10.10 -3.99 -4.59
N ARG A 93 10.50 -4.70 -3.54
CA ARG A 93 11.35 -4.13 -2.50
C ARG A 93 12.78 -4.54 -2.83
N ARG A 94 13.71 -3.69 -2.45
CA ARG A 94 15.14 -3.80 -2.63
C ARG A 94 15.76 -3.39 -1.31
N ARG A 95 17.08 -3.45 -1.23
CA ARG A 95 17.80 -3.03 -0.03
C ARG A 95 17.39 -1.54 0.14
N SER A 96 17.59 -0.91 1.29
CA SER A 96 17.13 0.48 1.47
C SER A 96 17.85 1.39 0.48
N SER A 97 17.07 1.76 -0.54
CA SER A 97 17.41 2.56 -1.69
C SER A 97 16.19 3.40 -2.04
N THR A 98 16.27 4.69 -1.74
CA THR A 98 15.22 5.67 -2.03
C THR A 98 15.50 6.21 -3.43
N ALA A 99 16.71 6.75 -3.64
CA ALA A 99 17.18 7.27 -4.92
C ALA A 99 17.54 6.08 -5.81
N THR A 100 17.66 6.30 -7.11
CA THR A 100 17.97 5.26 -8.08
C THR A 100 19.01 5.79 -9.06
N SER A 1 -18.10 1.75 25.10
CA SER A 1 -17.61 3.08 24.74
C SER A 1 -18.78 4.07 24.83
N MET A 2 -18.59 5.31 24.37
CA MET A 2 -19.56 6.39 24.35
C MET A 2 -19.23 7.18 23.09
N GLY A 3 -20.24 7.72 22.41
CA GLY A 3 -20.02 8.49 21.19
C GLY A 3 -19.97 7.53 20.00
N PRO A 4 -21.11 7.22 19.35
CA PRO A 4 -21.12 6.32 18.22
C PRO A 4 -20.36 6.91 17.03
N GLY A 5 -19.99 6.04 16.09
CA GLY A 5 -19.26 6.38 14.88
C GLY A 5 -19.35 5.22 13.91
N ALA A 6 -18.96 5.42 12.65
CA ALA A 6 -19.03 4.36 11.66
C ALA A 6 -17.95 3.29 11.91
N SER A 7 -16.68 3.60 11.78
CA SER A 7 -15.55 2.66 11.98
C SER A 7 -14.24 3.43 12.11
N ASP A 8 -13.14 2.73 12.38
CA ASP A 8 -11.80 3.31 12.52
C ASP A 8 -10.94 3.02 11.30
N CYS A 9 -11.34 2.06 10.46
CA CYS A 9 -10.63 1.67 9.24
C CYS A 9 -10.89 2.68 8.11
N ARG A 10 -10.05 2.67 7.07
CA ARG A 10 -10.14 3.56 5.91
C ARG A 10 -9.99 2.73 4.64
N ILE A 11 -10.12 3.35 3.47
CA ILE A 11 -9.99 2.70 2.18
C ILE A 11 -9.09 3.61 1.34
N ILE A 12 -8.19 3.02 0.57
CA ILE A 12 -7.24 3.71 -0.31
C ILE A 12 -7.34 3.12 -1.72
N ARG A 13 -6.69 3.75 -2.69
CA ARG A 13 -6.67 3.32 -4.09
C ARG A 13 -5.25 2.88 -4.34
N VAL A 14 -5.03 1.69 -4.91
CA VAL A 14 -3.68 1.22 -5.17
C VAL A 14 -3.55 0.74 -6.62
N GLN A 15 -2.52 1.21 -7.33
CA GLN A 15 -2.20 0.83 -8.70
C GLN A 15 -1.04 -0.17 -8.63
N MET A 16 -0.73 -0.80 -9.76
CA MET A 16 0.36 -1.77 -9.88
C MET A 16 0.98 -1.64 -11.28
N GLU A 17 2.05 -2.37 -11.53
CA GLU A 17 2.85 -2.42 -12.75
C GLU A 17 2.23 -3.20 -13.92
N LEU A 18 0.92 -3.44 -13.88
CA LEU A 18 0.17 -4.18 -14.90
C LEU A 18 0.41 -3.71 -16.35
N GLY A 19 0.93 -2.50 -16.58
CA GLY A 19 1.22 -1.98 -17.91
C GLY A 19 -0.02 -1.57 -18.70
N GLU A 20 -0.75 -2.55 -19.24
CA GLU A 20 -1.94 -2.36 -20.06
C GLU A 20 -3.23 -2.08 -19.27
N ASP A 21 -3.28 -2.44 -17.99
CA ASP A 21 -4.47 -2.26 -17.14
C ASP A 21 -4.60 -0.84 -16.56
N GLY A 22 -3.86 0.14 -17.10
CA GLY A 22 -3.89 1.53 -16.63
C GLY A 22 -3.52 1.58 -15.15
N SER A 23 -3.92 2.62 -14.41
CA SER A 23 -3.65 2.73 -12.99
C SER A 23 -4.86 2.02 -12.38
N VAL A 24 -4.71 0.78 -11.89
CA VAL A 24 -5.84 0.04 -11.34
C VAL A 24 -6.60 0.78 -10.24
N TYR A 25 -5.91 1.38 -9.27
CA TYR A 25 -6.57 2.14 -8.19
C TYR A 25 -7.65 1.34 -7.44
N LYS A 26 -7.37 0.07 -7.20
CA LYS A 26 -8.25 -0.87 -6.51
C LYS A 26 -8.50 -0.39 -5.09
N SER A 27 -9.74 -0.57 -4.62
CA SER A 27 -10.17 -0.19 -3.28
C SER A 27 -9.65 -1.23 -2.28
N ILE A 28 -8.67 -0.83 -1.49
CA ILE A 28 -8.04 -1.68 -0.47
C ILE A 28 -8.33 -1.07 0.91
N LEU A 29 -8.81 -1.92 1.82
CA LEU A 29 -9.13 -1.56 3.19
C LEU A 29 -7.81 -1.30 3.94
N VAL A 30 -7.81 -0.41 4.91
CA VAL A 30 -6.67 -0.03 5.73
C VAL A 30 -7.12 -0.16 7.18
N THR A 31 -6.32 -0.84 8.00
CA THR A 31 -6.62 -1.05 9.42
C THR A 31 -5.43 -0.60 10.27
N SER A 32 -5.64 -0.49 11.59
CA SER A 32 -4.64 -0.07 12.56
C SER A 32 -3.30 -0.78 12.47
N GLN A 33 -3.28 -2.08 12.15
CA GLN A 33 -2.07 -2.89 12.06
C GLN A 33 -1.81 -3.39 10.65
N ASP A 34 -2.45 -2.80 9.63
CA ASP A 34 -2.19 -3.23 8.26
C ASP A 34 -0.78 -2.75 7.94
N LYS A 35 0.21 -3.65 7.96
CA LYS A 35 1.59 -3.28 7.66
C LYS A 35 1.73 -3.17 6.15
N ALA A 36 2.74 -2.46 5.67
CA ALA A 36 2.98 -2.29 4.24
C ALA A 36 2.92 -3.64 3.51
N PRO A 37 3.75 -4.64 3.86
CA PRO A 37 3.74 -5.95 3.20
C PRO A 37 2.43 -6.73 3.38
N SER A 38 1.57 -6.35 4.32
CA SER A 38 0.30 -7.02 4.54
C SER A 38 -0.74 -6.46 3.57
N VAL A 39 -0.74 -5.14 3.38
CA VAL A 39 -1.63 -4.43 2.46
C VAL A 39 -1.28 -4.90 1.05
N ILE A 40 0.02 -5.02 0.77
CA ILE A 40 0.56 -5.45 -0.51
C ILE A 40 -0.02 -6.82 -0.87
N SER A 41 -0.09 -7.75 0.09
CA SER A 41 -0.63 -9.07 -0.19
C SER A 41 -2.06 -8.97 -0.74
N ARG A 42 -2.86 -8.07 -0.16
CA ARG A 42 -4.23 -7.91 -0.64
C ARG A 42 -4.22 -7.33 -2.04
N VAL A 43 -3.35 -6.35 -2.33
CA VAL A 43 -3.26 -5.74 -3.65
C VAL A 43 -2.95 -6.81 -4.69
N LEU A 44 -1.99 -7.69 -4.39
CA LEU A 44 -1.61 -8.77 -5.28
C LEU A 44 -2.83 -9.63 -5.61
N LYS A 45 -3.60 -10.07 -4.60
CA LYS A 45 -4.78 -10.90 -4.88
C LYS A 45 -5.96 -10.12 -5.44
N LYS A 46 -5.89 -8.79 -5.51
CA LYS A 46 -6.98 -7.96 -6.00
C LYS A 46 -6.82 -7.69 -7.49
N ASN A 47 -5.64 -7.96 -8.03
CA ASN A 47 -5.26 -7.80 -9.42
C ASN A 47 -5.32 -9.16 -10.14
N ASN A 48 -5.89 -10.17 -9.46
CA ASN A 48 -6.04 -11.54 -9.89
C ASN A 48 -4.70 -12.16 -10.30
N ARG A 49 -3.61 -11.75 -9.65
CA ARG A 49 -2.29 -12.30 -9.94
C ARG A 49 -2.28 -13.69 -9.31
N ASP A 50 -1.44 -14.61 -9.79
CA ASP A 50 -1.40 -15.94 -9.23
C ASP A 50 -0.91 -15.88 -7.79
N SER A 51 0.35 -15.47 -7.59
CA SER A 51 0.96 -15.36 -6.28
C SER A 51 2.16 -14.42 -6.36
N ALA A 52 2.58 -13.90 -5.22
CA ALA A 52 3.73 -13.02 -5.09
C ALA A 52 4.08 -12.93 -3.60
N VAL A 53 5.27 -12.44 -3.29
CA VAL A 53 5.77 -12.25 -1.93
C VAL A 53 5.89 -10.74 -1.76
N ALA A 54 5.21 -10.18 -0.77
CA ALA A 54 5.24 -8.74 -0.53
C ALA A 54 6.64 -8.21 -0.23
N SER A 55 7.64 -9.05 0.02
CA SER A 55 9.01 -8.62 0.28
C SER A 55 9.70 -8.19 -1.02
N GLU A 56 9.38 -8.79 -2.17
CA GLU A 56 9.98 -8.43 -3.47
C GLU A 56 9.50 -7.04 -3.91
N TYR A 57 8.52 -6.48 -3.22
CA TYR A 57 7.96 -5.17 -3.51
C TYR A 57 7.92 -4.34 -2.24
N GLU A 58 7.52 -3.08 -2.39
CA GLU A 58 7.37 -2.18 -1.29
C GLU A 58 6.15 -1.29 -1.53
N LEU A 59 5.65 -0.69 -0.46
CA LEU A 59 4.48 0.17 -0.48
C LEU A 59 4.94 1.61 -0.71
N VAL A 60 4.27 2.32 -1.61
CA VAL A 60 4.56 3.68 -1.98
C VAL A 60 3.25 4.44 -2.03
N GLN A 61 3.28 5.65 -1.49
CA GLN A 61 2.15 6.56 -1.46
C GLN A 61 2.39 7.62 -2.55
N LEU A 62 1.32 8.10 -3.20
CA LEU A 62 1.45 9.12 -4.24
C LEU A 62 1.12 10.45 -3.58
N LEU A 63 1.91 11.47 -3.89
CA LEU A 63 1.68 12.80 -3.35
C LEU A 63 1.35 13.77 -4.50
N PRO A 64 0.50 14.79 -4.24
CA PRO A 64 0.05 15.79 -5.22
C PRO A 64 1.14 16.70 -5.82
N GLY A 65 2.38 16.55 -5.38
CA GLY A 65 3.53 17.29 -5.88
C GLY A 65 4.25 16.43 -6.91
N GLU A 66 3.60 15.40 -7.47
CA GLU A 66 4.16 14.44 -8.41
C GLU A 66 5.36 13.79 -7.73
N ARG A 67 5.17 13.41 -6.47
CA ARG A 67 6.19 12.78 -5.65
C ARG A 67 5.74 11.37 -5.31
N GLU A 68 6.62 10.64 -4.64
CA GLU A 68 6.42 9.29 -4.18
C GLU A 68 6.92 9.28 -2.75
N LEU A 69 6.18 8.68 -1.82
CA LEU A 69 6.58 8.55 -0.43
C LEU A 69 6.67 7.06 -0.19
N THR A 70 7.88 6.52 -0.12
CA THR A 70 8.04 5.10 0.11
C THR A 70 7.83 4.79 1.60
N ILE A 71 6.89 3.88 1.89
CA ILE A 71 6.54 3.46 3.23
C ILE A 71 7.39 2.22 3.60
N PRO A 72 8.05 2.19 4.78
CA PRO A 72 8.88 1.08 5.21
C PRO A 72 8.03 -0.17 5.52
N ALA A 73 8.63 -1.35 5.30
CA ALA A 73 8.01 -2.65 5.50
C ALA A 73 7.54 -3.00 6.91
N SER A 74 7.98 -2.32 7.98
CA SER A 74 7.57 -2.64 9.35
C SER A 74 6.64 -1.61 9.98
N ALA A 75 6.04 -0.74 9.16
CA ALA A 75 5.13 0.31 9.59
C ALA A 75 3.71 0.06 9.09
N ASN A 76 2.74 0.51 9.89
CA ASN A 76 1.31 0.41 9.61
C ASN A 76 0.98 1.60 8.73
N VAL A 77 0.62 1.34 7.47
CA VAL A 77 0.29 2.33 6.45
C VAL A 77 -0.65 3.42 6.95
N PHE A 78 -1.62 3.05 7.79
CA PHE A 78 -2.60 3.96 8.35
C PHE A 78 -1.96 5.20 9.00
N TYR A 79 -0.79 5.06 9.63
CA TYR A 79 -0.07 6.15 10.29
C TYR A 79 1.20 6.53 9.52
N ALA A 80 1.75 5.60 8.72
CA ALA A 80 2.95 5.86 7.94
C ALA A 80 2.68 6.82 6.78
N MET A 81 1.53 6.70 6.11
CA MET A 81 1.16 7.58 5.00
C MET A 81 1.10 9.04 5.47
N ASP A 82 1.47 9.94 4.57
CA ASP A 82 1.56 11.40 4.73
C ASP A 82 0.31 12.07 5.27
N GLY A 83 -0.88 11.65 4.80
CA GLY A 83 -2.15 12.21 5.22
C GLY A 83 -2.79 13.16 4.21
N ALA A 84 -2.12 13.52 3.10
CA ALA A 84 -2.66 14.43 2.09
C ALA A 84 -3.32 13.71 0.92
N SER A 85 -3.19 12.38 0.81
CA SER A 85 -3.78 11.65 -0.30
C SER A 85 -3.97 10.19 0.05
N HIS A 86 -4.94 9.56 -0.62
CA HIS A 86 -5.34 8.17 -0.47
C HIS A 86 -4.96 7.33 -1.69
N ASP A 87 -4.19 7.89 -2.62
CA ASP A 87 -3.73 7.20 -3.83
C ASP A 87 -2.36 6.61 -3.49
N PHE A 88 -2.14 5.35 -3.82
CA PHE A 88 -0.94 4.58 -3.58
C PHE A 88 -0.59 3.71 -4.78
N LEU A 89 0.57 3.08 -4.73
CA LEU A 89 1.07 2.17 -5.74
C LEU A 89 1.88 1.08 -5.08
N LEU A 90 2.14 0.05 -5.89
CA LEU A 90 2.91 -1.11 -5.54
C LEU A 90 3.92 -1.28 -6.67
N ARG A 91 5.20 -1.40 -6.34
CA ARG A 91 6.28 -1.56 -7.30
C ARG A 91 7.33 -2.50 -6.75
N GLN A 92 7.99 -3.18 -7.67
CA GLN A 92 9.04 -4.13 -7.36
C GLN A 92 10.24 -3.36 -6.81
N ARG A 93 10.86 -3.89 -5.77
CA ARG A 93 12.03 -3.30 -5.15
C ARG A 93 13.19 -4.24 -5.44
N ARG A 94 14.42 -3.73 -5.35
CA ARG A 94 15.62 -4.52 -5.57
C ARG A 94 16.35 -4.54 -4.24
N ARG A 95 16.71 -5.72 -3.73
CA ARG A 95 17.40 -5.81 -2.45
C ARG A 95 18.78 -5.17 -2.50
N SER A 96 19.21 -4.68 -1.34
CA SER A 96 20.51 -4.07 -1.11
C SER A 96 21.44 -5.16 -0.57
N SER A 97 22.71 -4.82 -0.36
CA SER A 97 23.70 -5.74 0.18
C SER A 97 23.25 -6.24 1.56
N THR A 98 23.57 -7.50 1.87
CA THR A 98 23.27 -8.26 3.09
C THR A 98 23.97 -7.71 4.36
N ALA A 99 24.45 -6.46 4.38
CA ALA A 99 25.17 -5.92 5.52
C ALA A 99 24.34 -5.97 6.81
N THR A 100 25.03 -6.36 7.88
CA THR A 100 24.58 -6.53 9.25
C THR A 100 25.78 -6.21 10.12
N SER A 1 -10.47 1.43 18.58
CA SER A 1 -11.23 2.49 17.90
C SER A 1 -12.17 3.13 18.92
N MET A 2 -12.42 4.43 18.78
CA MET A 2 -13.27 5.22 19.65
C MET A 2 -14.18 6.06 18.76
N GLY A 3 -15.50 5.87 18.84
CA GLY A 3 -16.47 6.61 18.05
C GLY A 3 -17.59 5.71 17.54
N PRO A 4 -18.78 5.70 18.18
CA PRO A 4 -19.89 4.88 17.72
C PRO A 4 -20.40 5.44 16.39
N GLY A 5 -20.62 4.57 15.40
CA GLY A 5 -21.08 4.93 14.06
C GLY A 5 -19.99 5.64 13.26
N ALA A 6 -18.77 5.66 13.81
CA ALA A 6 -17.52 6.26 13.36
C ALA A 6 -16.46 5.21 13.04
N SER A 7 -16.85 3.96 12.79
CA SER A 7 -15.94 2.84 12.56
C SER A 7 -14.96 3.19 11.43
N ASP A 8 -13.71 3.28 11.89
CA ASP A 8 -12.44 3.62 11.26
C ASP A 8 -11.91 2.68 10.17
N CYS A 9 -12.73 1.79 9.62
CA CYS A 9 -12.26 0.92 8.54
C CYS A 9 -12.45 1.72 7.25
N ARG A 10 -11.36 2.24 6.69
CA ARG A 10 -11.36 3.05 5.47
C ARG A 10 -10.96 2.18 4.28
N ILE A 11 -11.01 2.72 3.06
CA ILE A 11 -10.64 2.04 1.83
C ILE A 11 -9.76 3.02 1.07
N ILE A 12 -8.77 2.50 0.33
CA ILE A 12 -7.82 3.24 -0.49
C ILE A 12 -7.75 2.57 -1.87
N ARG A 13 -7.08 3.22 -2.82
CA ARG A 13 -6.88 2.78 -4.19
C ARG A 13 -5.41 2.46 -4.35
N VAL A 14 -5.06 1.28 -4.86
CA VAL A 14 -3.65 0.90 -5.02
C VAL A 14 -3.34 0.39 -6.43
N GLN A 15 -2.29 0.91 -7.07
CA GLN A 15 -1.86 0.50 -8.41
C GLN A 15 -0.63 -0.41 -8.33
N MET A 16 -0.23 -0.93 -9.50
CA MET A 16 0.89 -1.86 -9.70
C MET A 16 1.81 -1.40 -10.84
N GLU A 17 2.89 -2.15 -11.03
CA GLU A 17 3.97 -2.00 -12.01
C GLU A 17 3.66 -2.60 -13.40
N LEU A 18 2.38 -2.84 -13.66
CA LEU A 18 1.88 -3.42 -14.91
C LEU A 18 2.41 -2.72 -16.16
N GLY A 19 2.04 -1.46 -16.37
CA GLY A 19 2.46 -0.69 -17.53
C GLY A 19 1.49 -0.98 -18.69
N GLU A 20 1.41 -2.23 -19.13
CA GLU A 20 0.55 -2.71 -20.21
C GLU A 20 -0.90 -2.31 -19.94
N ASP A 21 -1.42 -2.70 -18.78
CA ASP A 21 -2.78 -2.43 -18.33
C ASP A 21 -2.83 -1.13 -17.49
N GLY A 22 -1.70 -0.44 -17.33
CA GLY A 22 -1.61 0.81 -16.59
C GLY A 22 -1.93 0.63 -15.10
N SER A 23 -2.35 1.73 -14.48
CA SER A 23 -2.70 1.77 -13.07
C SER A 23 -3.95 0.91 -12.84
N VAL A 24 -4.12 0.40 -11.61
CA VAL A 24 -5.24 -0.46 -11.24
C VAL A 24 -6.15 0.20 -10.20
N TYR A 25 -5.57 0.87 -9.19
CA TYR A 25 -6.33 1.56 -8.15
C TYR A 25 -7.33 0.63 -7.43
N LYS A 26 -6.89 -0.57 -7.11
CA LYS A 26 -7.69 -1.58 -6.43
C LYS A 26 -8.16 -1.07 -5.10
N SER A 27 -9.42 -1.32 -4.76
CA SER A 27 -9.99 -0.90 -3.49
C SER A 27 -9.44 -1.87 -2.43
N ILE A 28 -8.56 -1.39 -1.57
CA ILE A 28 -7.93 -2.16 -0.50
C ILE A 28 -8.46 -1.62 0.84
N LEU A 29 -8.82 -2.53 1.74
CA LEU A 29 -9.33 -2.22 3.08
C LEU A 29 -8.15 -1.67 3.89
N VAL A 30 -8.42 -0.74 4.79
CA VAL A 30 -7.47 -0.05 5.66
C VAL A 30 -8.03 -0.15 7.06
N THR A 31 -7.21 -0.64 7.99
CA THR A 31 -7.59 -0.78 9.38
C THR A 31 -6.55 0.01 10.18
N SER A 32 -6.89 0.52 11.36
CA SER A 32 -5.96 1.31 12.19
C SER A 32 -4.67 0.59 12.61
N GLN A 33 -4.53 -0.72 12.37
CA GLN A 33 -3.37 -1.54 12.67
C GLN A 33 -2.72 -2.10 11.40
N ASP A 34 -3.04 -1.55 10.24
CA ASP A 34 -2.49 -2.01 8.97
C ASP A 34 -1.02 -1.64 8.78
N LYS A 35 -0.11 -2.60 8.96
CA LYS A 35 1.31 -2.30 8.76
C LYS A 35 1.55 -2.25 7.25
N ALA A 36 2.52 -1.49 6.76
CA ALA A 36 2.79 -1.36 5.32
C ALA A 36 2.81 -2.74 4.63
N PRO A 37 3.72 -3.67 5.00
CA PRO A 37 3.80 -4.98 4.38
C PRO A 37 2.54 -5.85 4.62
N SER A 38 1.65 -5.47 5.54
CA SER A 38 0.41 -6.19 5.81
C SER A 38 -0.62 -5.72 4.77
N VAL A 39 -0.55 -4.45 4.36
CA VAL A 39 -1.44 -3.91 3.35
C VAL A 39 -1.05 -4.55 2.02
N ILE A 40 0.25 -4.58 1.71
CA ILE A 40 0.79 -5.17 0.49
C ILE A 40 0.26 -6.60 0.33
N SER A 41 0.20 -7.38 1.42
CA SER A 41 -0.29 -8.75 1.42
C SER A 41 -1.71 -8.82 0.81
N ARG A 42 -2.52 -7.77 1.01
CA ARG A 42 -3.89 -7.70 0.46
C ARG A 42 -3.78 -7.35 -1.04
N VAL A 43 -2.97 -6.36 -1.42
CA VAL A 43 -2.79 -5.91 -2.80
C VAL A 43 -2.44 -7.09 -3.71
N LEU A 44 -1.54 -7.95 -3.24
CA LEU A 44 -1.05 -9.14 -3.91
C LEU A 44 -2.12 -10.17 -4.20
N LYS A 45 -3.26 -10.13 -3.53
CA LYS A 45 -4.39 -11.04 -3.74
C LYS A 45 -5.59 -10.28 -4.32
N LYS A 46 -5.41 -9.05 -4.82
CA LYS A 46 -6.47 -8.21 -5.41
C LYS A 46 -6.27 -7.92 -6.90
N ASN A 47 -5.03 -7.91 -7.38
CA ASN A 47 -4.65 -7.60 -8.78
C ASN A 47 -4.54 -8.86 -9.66
N ASN A 48 -5.09 -9.99 -9.21
CA ASN A 48 -5.07 -11.29 -9.88
C ASN A 48 -3.65 -11.84 -10.07
N ARG A 49 -2.77 -11.57 -9.11
CA ARG A 49 -1.41 -12.08 -9.12
C ARG A 49 -1.53 -13.27 -8.17
N ASP A 50 -0.86 -14.36 -8.50
CA ASP A 50 -0.88 -15.58 -7.70
C ASP A 50 -0.33 -15.30 -6.31
N SER A 51 0.96 -14.97 -6.22
CA SER A 51 1.62 -14.66 -4.97
C SER A 51 2.97 -13.98 -5.22
N ALA A 52 3.46 -13.29 -4.20
CA ALA A 52 4.72 -12.57 -4.14
C ALA A 52 4.98 -12.32 -2.66
N VAL A 53 6.16 -11.81 -2.28
CA VAL A 53 6.52 -11.55 -0.91
C VAL A 53 6.66 -10.05 -0.73
N ALA A 54 5.80 -9.46 0.10
CA ALA A 54 5.74 -8.04 0.41
C ALA A 54 7.06 -7.43 0.92
N SER A 55 8.09 -8.24 1.21
CA SER A 55 9.40 -7.78 1.68
C SER A 55 10.29 -7.36 0.50
N GLU A 56 9.98 -7.79 -0.73
CA GLU A 56 10.70 -7.47 -1.96
C GLU A 56 10.13 -6.20 -2.59
N TYR A 57 9.04 -5.65 -2.03
CA TYR A 57 8.36 -4.45 -2.51
C TYR A 57 8.11 -3.48 -1.36
N GLU A 58 7.67 -2.25 -1.65
CA GLU A 58 7.36 -1.28 -0.62
C GLU A 58 6.07 -0.53 -0.88
N LEU A 59 5.54 0.03 0.20
CA LEU A 59 4.32 0.80 0.28
C LEU A 59 4.65 2.25 -0.01
N VAL A 60 3.89 2.85 -0.91
CA VAL A 60 4.05 4.24 -1.31
C VAL A 60 2.66 4.82 -1.44
N GLN A 61 2.51 6.05 -0.97
CA GLN A 61 1.28 6.82 -1.02
C GLN A 61 1.45 7.88 -2.13
N LEU A 62 0.38 8.21 -2.85
CA LEU A 62 0.42 9.21 -3.90
C LEU A 62 -0.04 10.54 -3.31
N LEU A 63 0.64 11.61 -3.68
CA LEU A 63 0.35 12.98 -3.24
C LEU A 63 -0.08 13.79 -4.47
N PRO A 64 -0.98 14.78 -4.31
CA PRO A 64 -1.46 15.58 -5.43
C PRO A 64 -0.38 16.45 -6.07
N GLY A 65 0.69 16.78 -5.34
CA GLY A 65 1.79 17.60 -5.84
C GLY A 65 2.86 16.79 -6.57
N GLU A 66 2.47 15.68 -7.20
CA GLU A 66 3.31 14.74 -7.93
C GLU A 66 4.39 14.14 -7.00
N ARG A 67 4.03 13.95 -5.72
CA ARG A 67 4.96 13.39 -4.73
C ARG A 67 4.56 11.96 -4.46
N GLU A 68 5.47 11.24 -3.82
CA GLU A 68 5.30 9.84 -3.49
C GLU A 68 5.89 9.66 -2.10
N LEU A 69 5.03 9.52 -1.10
CA LEU A 69 5.40 9.36 0.29
C LEU A 69 5.61 7.88 0.56
N THR A 70 6.87 7.47 0.70
CA THR A 70 7.17 6.08 1.00
C THR A 70 6.82 5.82 2.47
N ILE A 71 5.97 4.81 2.71
CA ILE A 71 5.53 4.47 4.06
C ILE A 71 6.45 3.38 4.64
N PRO A 72 7.07 3.61 5.82
CA PRO A 72 7.97 2.64 6.44
C PRO A 72 7.22 1.38 6.88
N ALA A 73 7.95 0.25 6.91
CA ALA A 73 7.48 -1.07 7.26
C ALA A 73 6.60 -1.20 8.52
N SER A 74 7.14 -0.92 9.71
CA SER A 74 6.43 -1.05 10.97
C SER A 74 5.43 0.06 11.31
N ALA A 75 5.07 0.90 10.35
CA ALA A 75 4.13 1.98 10.57
C ALA A 75 2.74 1.56 10.11
N ASN A 76 1.74 2.07 10.83
CA ASN A 76 0.33 1.85 10.57
C ASN A 76 -0.02 2.82 9.44
N VAL A 77 -0.21 2.31 8.22
CA VAL A 77 -0.51 3.15 7.05
C VAL A 77 -1.61 4.14 7.33
N PHE A 78 -2.68 3.72 8.00
CA PHE A 78 -3.80 4.59 8.34
C PHE A 78 -3.40 5.92 9.00
N TYR A 79 -2.22 6.01 9.65
CA TYR A 79 -1.70 7.22 10.29
C TYR A 79 -0.42 7.70 9.61
N ALA A 80 0.35 6.80 9.01
CA ALA A 80 1.60 7.14 8.33
C ALA A 80 1.32 7.95 7.05
N MET A 81 0.22 7.61 6.36
CA MET A 81 -0.18 8.29 5.14
C MET A 81 -0.40 9.79 5.38
N ASP A 82 -0.09 10.61 4.38
CA ASP A 82 -0.23 12.07 4.43
C ASP A 82 -1.69 12.45 4.63
N GLY A 83 -2.59 11.62 4.09
CA GLY A 83 -4.02 11.82 4.19
C GLY A 83 -4.58 12.82 3.17
N ALA A 84 -3.79 13.28 2.19
CA ALA A 84 -4.27 14.22 1.18
C ALA A 84 -5.03 13.46 0.11
N SER A 85 -4.62 12.20 -0.10
CA SER A 85 -5.21 11.31 -1.06
C SER A 85 -5.29 9.92 -0.46
N HIS A 86 -6.19 9.13 -1.04
CA HIS A 86 -6.46 7.75 -0.71
C HIS A 86 -5.83 6.87 -1.80
N ASP A 87 -4.97 7.44 -2.65
CA ASP A 87 -4.29 6.78 -3.75
C ASP A 87 -2.91 6.32 -3.26
N PHE A 88 -2.48 5.14 -3.66
CA PHE A 88 -1.22 4.50 -3.29
C PHE A 88 -0.72 3.62 -4.45
N LEU A 89 0.51 3.12 -4.33
CA LEU A 89 1.12 2.24 -5.33
C LEU A 89 2.03 1.23 -4.65
N LEU A 90 2.32 0.12 -5.33
CA LEU A 90 3.17 -0.95 -4.85
C LEU A 90 4.30 -1.12 -5.85
N ARG A 91 5.56 -1.13 -5.39
CA ARG A 91 6.73 -1.22 -6.25
C ARG A 91 7.83 -2.07 -5.67
N GLN A 92 8.62 -2.73 -6.52
CA GLN A 92 9.72 -3.53 -6.02
C GLN A 92 10.74 -2.57 -5.40
N ARG A 93 11.34 -2.97 -4.27
CA ARG A 93 12.33 -2.19 -3.55
C ARG A 93 13.65 -2.92 -3.70
N ARG A 94 14.77 -2.23 -3.95
CA ARG A 94 16.05 -2.92 -4.09
C ARG A 94 16.80 -2.97 -2.78
N ARG A 95 16.73 -4.18 -2.25
CA ARG A 95 17.16 -4.94 -1.11
C ARG A 95 18.57 -5.42 -0.85
N SER A 96 18.64 -6.24 0.17
CA SER A 96 19.70 -6.91 0.88
C SER A 96 20.53 -7.74 -0.09
N SER A 97 21.48 -8.47 0.45
CA SER A 97 22.55 -9.13 -0.25
C SER A 97 22.44 -10.06 -1.47
N THR A 98 23.66 -10.00 -1.98
CA THR A 98 24.60 -10.36 -3.00
C THR A 98 24.90 -11.85 -3.12
N ALA A 99 23.97 -12.70 -2.66
CA ALA A 99 24.13 -14.15 -2.66
C ALA A 99 24.45 -14.56 -4.11
N THR A 100 25.74 -14.86 -4.28
CA THR A 100 26.42 -15.25 -5.49
C THR A 100 26.25 -16.73 -5.77
N SER A 1 -9.58 -5.23 15.83
CA SER A 1 -9.78 -4.11 16.77
C SER A 1 -10.89 -4.49 17.73
N MET A 2 -10.65 -4.33 19.03
CA MET A 2 -11.60 -4.66 20.08
C MET A 2 -12.20 -3.38 20.68
N GLY A 3 -13.32 -3.55 21.38
CA GLY A 3 -14.08 -2.49 22.02
C GLY A 3 -14.82 -1.62 20.99
N PRO A 4 -15.64 -0.66 21.45
CA PRO A 4 -16.39 0.25 20.58
C PRO A 4 -15.41 1.20 19.88
N GLY A 5 -15.91 2.14 19.05
CA GLY A 5 -14.99 3.03 18.38
C GLY A 5 -15.59 4.26 17.71
N ALA A 6 -14.62 4.91 17.08
CA ALA A 6 -14.44 6.11 16.28
C ALA A 6 -13.98 5.69 14.86
N SER A 7 -14.24 4.45 14.43
CA SER A 7 -13.73 3.91 13.17
C SER A 7 -14.03 4.79 11.94
N ASP A 8 -12.91 5.41 11.58
CA ASP A 8 -12.52 6.37 10.54
C ASP A 8 -12.05 5.67 9.26
N CYS A 9 -12.32 4.38 9.02
CA CYS A 9 -11.80 3.72 7.83
C CYS A 9 -12.21 4.38 6.51
N ARG A 10 -11.18 4.66 5.71
CA ARG A 10 -11.15 5.31 4.40
C ARG A 10 -10.71 4.34 3.31
N ILE A 11 -10.72 4.79 2.05
CA ILE A 11 -10.33 4.02 0.88
C ILE A 11 -9.21 4.75 0.15
N ILE A 12 -8.27 4.03 -0.45
CA ILE A 12 -7.15 4.56 -1.23
C ILE A 12 -7.15 3.85 -2.59
N ARG A 13 -6.46 4.42 -3.57
CA ARG A 13 -6.35 3.88 -4.91
C ARG A 13 -4.95 3.30 -5.04
N VAL A 14 -4.82 2.10 -5.58
CA VAL A 14 -3.51 1.45 -5.73
C VAL A 14 -3.36 0.88 -7.13
N GLN A 15 -2.25 1.16 -7.81
CA GLN A 15 -1.90 0.67 -9.14
C GLN A 15 -0.92 -0.49 -8.98
N MET A 16 -0.63 -1.19 -10.08
CA MET A 16 0.30 -2.33 -10.12
C MET A 16 1.15 -2.25 -11.40
N GLU A 17 2.15 -3.11 -11.47
CA GLU A 17 3.16 -3.31 -12.50
C GLU A 17 2.72 -4.09 -13.74
N LEU A 18 1.41 -4.20 -13.97
CA LEU A 18 0.75 -4.91 -15.07
C LEU A 18 1.57 -4.82 -16.36
N GLY A 19 1.92 -3.61 -16.78
CA GLY A 19 2.73 -3.38 -17.96
C GLY A 19 2.11 -2.36 -18.90
N GLU A 20 0.97 -2.68 -19.50
CA GLU A 20 0.28 -1.79 -20.45
C GLU A 20 -1.11 -1.34 -19.98
N ASP A 21 -1.65 -1.94 -18.92
CA ASP A 21 -2.97 -1.64 -18.35
C ASP A 21 -3.07 -0.27 -17.65
N GLY A 22 -2.13 0.65 -17.86
CA GLY A 22 -2.16 1.98 -17.26
C GLY A 22 -1.97 1.92 -15.75
N SER A 23 -2.99 2.36 -15.00
CA SER A 23 -2.97 2.38 -13.54
C SER A 23 -4.34 1.94 -13.04
N VAL A 24 -4.43 0.68 -12.57
CA VAL A 24 -5.65 0.06 -12.07
C VAL A 24 -6.38 0.89 -11.02
N TYR A 25 -5.64 1.45 -10.05
CA TYR A 25 -6.24 2.30 -9.00
C TYR A 25 -7.40 1.64 -8.24
N LYS A 26 -7.20 0.39 -7.84
CA LYS A 26 -8.21 -0.37 -7.10
C LYS A 26 -8.45 0.28 -5.75
N SER A 27 -9.72 0.28 -5.34
CA SER A 27 -10.21 0.81 -4.09
C SER A 27 -9.86 -0.18 -2.96
N ILE A 28 -8.88 0.16 -2.13
CA ILE A 28 -8.43 -0.66 -1.00
C ILE A 28 -8.87 0.02 0.30
N LEU A 29 -9.40 -0.76 1.25
CA LEU A 29 -9.85 -0.28 2.56
C LEU A 29 -8.63 -0.01 3.45
N VAL A 30 -8.67 1.05 4.24
CA VAL A 30 -7.60 1.49 5.14
C VAL A 30 -8.15 1.50 6.57
N THR A 31 -7.75 0.49 7.35
CA THR A 31 -8.16 0.33 8.75
C THR A 31 -7.06 0.95 9.63
N SER A 32 -7.36 1.47 10.82
CA SER A 32 -6.40 2.11 11.73
C SER A 32 -5.17 1.25 12.09
N GLN A 33 -5.22 -0.07 11.86
CA GLN A 33 -4.15 -1.02 12.14
C GLN A 33 -3.57 -1.68 10.89
N ASP A 34 -3.83 -1.12 9.70
CA ASP A 34 -3.32 -1.67 8.46
C ASP A 34 -1.80 -1.53 8.32
N LYS A 35 -1.05 -2.62 8.52
CA LYS A 35 0.40 -2.54 8.34
C LYS A 35 0.59 -2.53 6.83
N ALA A 36 1.68 -1.93 6.33
CA ALA A 36 1.98 -1.85 4.91
C ALA A 36 1.78 -3.21 4.22
N PRO A 37 2.46 -4.30 4.63
CA PRO A 37 2.31 -5.61 4.00
C PRO A 37 0.89 -6.20 4.13
N SER A 38 0.04 -5.69 5.03
CA SER A 38 -1.32 -6.19 5.20
C SER A 38 -2.21 -5.54 4.13
N VAL A 39 -1.90 -4.31 3.73
CA VAL A 39 -2.64 -3.58 2.71
C VAL A 39 -2.35 -4.28 1.37
N ILE A 40 -1.07 -4.62 1.15
CA ILE A 40 -0.58 -5.30 -0.05
C ILE A 40 -1.41 -6.56 -0.30
N SER A 41 -1.68 -7.36 0.73
CA SER A 41 -2.46 -8.58 0.63
C SER A 41 -3.80 -8.33 -0.09
N ARG A 42 -4.52 -7.23 0.23
CA ARG A 42 -5.79 -6.92 -0.42
C ARG A 42 -5.60 -6.60 -1.90
N VAL A 43 -4.54 -5.87 -2.25
CA VAL A 43 -4.23 -5.48 -3.62
C VAL A 43 -4.07 -6.74 -4.46
N LEU A 44 -3.35 -7.74 -3.95
CA LEU A 44 -3.15 -8.99 -4.66
C LEU A 44 -4.51 -9.60 -5.01
N LYS A 45 -5.44 -9.66 -4.05
CA LYS A 45 -6.76 -10.24 -4.31
C LYS A 45 -7.72 -9.28 -5.00
N LYS A 46 -7.24 -8.15 -5.52
CA LYS A 46 -8.05 -7.16 -6.23
C LYS A 46 -7.67 -7.08 -7.69
N ASN A 47 -6.46 -7.50 -8.05
CA ASN A 47 -5.98 -7.48 -9.44
C ASN A 47 -6.18 -8.88 -10.06
N ASN A 48 -6.98 -9.73 -9.41
CA ASN A 48 -7.27 -11.10 -9.83
C ASN A 48 -5.96 -11.89 -9.95
N ARG A 49 -4.96 -11.58 -9.10
CA ARG A 49 -3.68 -12.25 -9.13
C ARG A 49 -3.94 -13.71 -8.80
N ASP A 50 -3.58 -14.56 -9.75
CA ASP A 50 -3.71 -16.00 -9.71
C ASP A 50 -3.05 -16.55 -8.45
N SER A 51 -1.86 -16.04 -8.12
CA SER A 51 -1.06 -16.37 -6.96
C SER A 51 0.00 -15.28 -6.83
N ALA A 52 0.24 -14.78 -5.62
CA ALA A 52 1.23 -13.75 -5.32
C ALA A 52 1.46 -13.75 -3.81
N VAL A 53 2.47 -13.00 -3.34
CA VAL A 53 2.82 -12.88 -1.93
C VAL A 53 3.14 -11.40 -1.65
N ALA A 54 2.77 -10.89 -0.47
CA ALA A 54 3.03 -9.49 -0.11
C ALA A 54 4.48 -9.29 0.28
N SER A 55 5.14 -10.32 0.80
CA SER A 55 6.51 -10.24 1.25
C SER A 55 7.48 -9.90 0.11
N GLU A 56 7.16 -10.21 -1.16
CA GLU A 56 8.02 -9.89 -2.31
C GLU A 56 7.85 -8.43 -2.76
N TYR A 57 6.99 -7.63 -2.12
CA TYR A 57 6.76 -6.24 -2.51
C TYR A 57 6.75 -5.28 -1.31
N GLU A 58 6.69 -3.97 -1.59
CA GLU A 58 6.63 -2.95 -0.58
C GLU A 58 5.52 -1.93 -0.91
N LEU A 59 5.07 -1.22 0.13
CA LEU A 59 4.04 -0.21 0.08
C LEU A 59 4.68 1.13 -0.25
N VAL A 60 4.11 1.82 -1.24
CA VAL A 60 4.61 3.11 -1.71
C VAL A 60 3.42 4.03 -1.94
N GLN A 61 3.50 5.24 -1.41
CA GLN A 61 2.49 6.30 -1.53
C GLN A 61 2.97 7.28 -2.60
N LEU A 62 2.06 7.86 -3.37
CA LEU A 62 2.42 8.84 -4.39
C LEU A 62 2.21 10.22 -3.76
N LEU A 63 3.03 11.20 -4.14
CA LEU A 63 2.93 12.58 -3.66
C LEU A 63 2.68 13.50 -4.87
N PRO A 64 2.02 14.66 -4.70
CA PRO A 64 1.73 15.58 -5.78
C PRO A 64 3.00 16.14 -6.44
N GLY A 65 4.06 16.33 -5.67
CA GLY A 65 5.34 16.84 -6.15
C GLY A 65 6.14 15.79 -6.92
N GLU A 66 5.49 14.74 -7.42
CA GLU A 66 6.09 13.63 -8.16
C GLU A 66 7.11 12.91 -7.28
N ARG A 67 6.80 12.77 -5.98
CA ARG A 67 7.66 12.08 -5.00
C ARG A 67 6.97 10.75 -4.69
N GLU A 68 7.67 9.87 -4.01
CA GLU A 68 7.16 8.56 -3.62
C GLU A 68 7.59 8.37 -2.17
N LEU A 69 6.62 8.24 -1.27
CA LEU A 69 6.85 8.06 0.15
C LEU A 69 6.68 6.58 0.43
N THR A 70 7.79 5.88 0.64
CA THR A 70 7.76 4.47 0.93
C THR A 70 7.29 4.29 2.37
N ILE A 71 6.27 3.45 2.58
CA ILE A 71 5.74 3.22 3.93
C ILE A 71 6.45 1.99 4.50
N PRO A 72 7.14 2.09 5.65
CA PRO A 72 7.84 0.95 6.25
C PRO A 72 6.88 -0.18 6.59
N ALA A 73 7.37 -1.42 6.53
CA ALA A 73 6.60 -2.61 6.81
C ALA A 73 5.98 -2.68 8.21
N SER A 74 6.48 -1.91 9.17
CA SER A 74 5.99 -1.92 10.54
C SER A 74 5.15 -0.71 10.95
N ALA A 75 4.67 0.06 9.97
CA ALA A 75 3.85 1.24 10.22
C ALA A 75 2.42 1.04 9.73
N ASN A 76 1.49 1.69 10.42
CA ASN A 76 0.06 1.70 10.13
C ASN A 76 -0.14 2.72 9.02
N VAL A 77 -0.41 2.28 7.78
CA VAL A 77 -0.60 3.17 6.63
C VAL A 77 -1.61 4.27 6.94
N PHE A 78 -2.68 3.97 7.67
CA PHE A 78 -3.72 4.93 8.02
C PHE A 78 -3.16 6.22 8.63
N TYR A 79 -2.04 6.15 9.36
CA TYR A 79 -1.39 7.30 10.01
C TYR A 79 -0.03 7.63 9.36
N ALA A 80 0.63 6.65 8.73
CA ALA A 80 1.92 6.83 8.07
C ALA A 80 1.76 7.65 6.79
N MET A 81 0.66 7.45 6.07
CA MET A 81 0.39 8.20 4.85
C MET A 81 0.36 9.70 5.14
N ASP A 82 1.00 10.47 4.27
CA ASP A 82 1.17 11.93 4.32
C ASP A 82 -0.11 12.70 4.60
N GLY A 83 -1.13 12.58 3.74
CA GLY A 83 -2.42 13.24 3.89
C GLY A 83 -2.86 14.10 2.71
N ALA A 84 -2.08 14.23 1.63
CA ALA A 84 -2.45 15.06 0.47
C ALA A 84 -2.82 14.25 -0.77
N SER A 85 -2.39 13.00 -0.87
CA SER A 85 -2.66 12.13 -2.00
C SER A 85 -3.11 10.76 -1.53
N HIS A 86 -4.33 10.39 -1.91
CA HIS A 86 -4.95 9.11 -1.58
C HIS A 86 -4.54 8.03 -2.61
N ASP A 87 -3.52 8.29 -3.43
CA ASP A 87 -3.01 7.41 -4.47
C ASP A 87 -1.74 6.72 -3.97
N PHE A 88 -1.60 5.44 -4.29
CA PHE A 88 -0.50 4.57 -3.90
C PHE A 88 -0.16 3.57 -5.03
N LEU A 89 0.89 2.77 -4.83
CA LEU A 89 1.32 1.75 -5.77
C LEU A 89 1.90 0.56 -5.03
N LEU A 90 2.04 -0.56 -5.74
CA LEU A 90 2.58 -1.81 -5.23
C LEU A 90 3.74 -2.20 -6.15
N ARG A 91 4.95 -2.35 -5.59
CA ARG A 91 6.16 -2.68 -6.35
C ARG A 91 7.02 -3.74 -5.71
N GLN A 92 7.75 -4.48 -6.53
CA GLN A 92 8.64 -5.52 -6.03
C GLN A 92 9.71 -4.83 -5.17
N ARG A 93 10.01 -5.41 -4.00
CA ARG A 93 11.03 -4.85 -3.12
C ARG A 93 12.40 -5.29 -3.62
N ARG A 94 13.45 -4.69 -3.08
CA ARG A 94 14.84 -5.01 -3.40
C ARG A 94 15.67 -4.97 -2.12
N ARG A 95 16.93 -5.40 -2.17
CA ARG A 95 17.84 -5.41 -1.03
C ARG A 95 18.91 -4.38 -1.32
N SER A 96 19.32 -3.64 -0.31
CA SER A 96 20.35 -2.60 -0.39
C SER A 96 20.81 -2.31 1.03
N SER A 97 22.04 -2.71 1.36
CA SER A 97 22.69 -2.52 2.63
C SER A 97 24.18 -2.56 2.32
N THR A 98 24.80 -1.39 2.31
CA THR A 98 26.23 -1.22 2.07
C THR A 98 26.92 -1.77 3.33
N ALA A 99 26.47 -1.30 4.49
CA ALA A 99 26.98 -1.71 5.78
C ALA A 99 26.61 -3.18 6.03
N THR A 100 27.17 -3.77 7.08
CA THR A 100 26.97 -5.15 7.48
C THR A 100 26.62 -5.16 8.97
N SER A 1 -15.41 15.26 12.22
CA SER A 1 -16.83 15.16 11.92
C SER A 1 -17.35 13.81 12.40
N MET A 2 -18.00 13.78 13.56
CA MET A 2 -18.54 12.57 14.17
C MET A 2 -19.77 12.07 13.40
N GLY A 3 -20.25 10.89 13.78
CA GLY A 3 -21.41 10.18 13.22
C GLY A 3 -21.23 8.68 13.44
N PRO A 4 -22.26 7.85 13.26
CA PRO A 4 -22.15 6.41 13.47
C PRO A 4 -21.28 5.67 12.43
N GLY A 5 -21.04 6.24 11.24
CA GLY A 5 -20.21 5.58 10.23
C GLY A 5 -18.71 5.72 10.49
N ALA A 6 -18.34 6.50 11.51
CA ALA A 6 -17.02 6.86 12.02
C ALA A 6 -16.15 5.69 12.52
N SER A 7 -16.43 4.44 12.14
CA SER A 7 -15.68 3.27 12.59
C SER A 7 -14.19 3.41 12.26
N ASP A 8 -13.36 2.65 12.98
CA ASP A 8 -11.90 2.68 12.87
C ASP A 8 -11.39 2.24 11.51
N CYS A 9 -11.80 1.08 11.01
CA CYS A 9 -11.31 0.57 9.74
C CYS A 9 -11.60 1.52 8.56
N ARG A 10 -10.64 1.65 7.63
CA ARG A 10 -10.72 2.51 6.45
C ARG A 10 -10.53 1.68 5.18
N ILE A 11 -10.68 2.30 4.01
CA ILE A 11 -10.54 1.67 2.71
C ILE A 11 -9.73 2.63 1.84
N ILE A 12 -8.60 2.16 1.31
CA ILE A 12 -7.72 2.94 0.43
C ILE A 12 -7.67 2.26 -0.93
N ARG A 13 -7.28 3.00 -1.97
CA ARG A 13 -7.15 2.49 -3.33
C ARG A 13 -5.68 2.25 -3.53
N VAL A 14 -5.31 1.10 -4.10
CA VAL A 14 -3.91 0.77 -4.32
C VAL A 14 -3.68 0.36 -5.76
N GLN A 15 -2.65 0.93 -6.39
CA GLN A 15 -2.28 0.64 -7.76
C GLN A 15 -1.09 -0.34 -7.78
N MET A 16 -0.78 -0.87 -8.95
CA MET A 16 0.34 -1.80 -9.16
C MET A 16 1.03 -1.47 -10.48
N GLU A 17 2.12 -2.20 -10.74
CA GLU A 17 3.04 -2.12 -11.88
C GLU A 17 2.51 -2.65 -13.21
N LEU A 18 1.19 -2.75 -13.36
CA LEU A 18 0.57 -3.20 -14.62
C LEU A 18 1.00 -2.30 -15.80
N GLY A 19 1.64 -1.16 -15.54
CA GLY A 19 2.09 -0.27 -16.57
C GLY A 19 0.91 0.52 -17.11
N GLU A 20 1.04 0.99 -18.33
CA GLU A 20 0.01 1.77 -19.01
C GLU A 20 -1.19 0.93 -19.44
N ASP A 21 -1.22 -0.35 -19.07
CA ASP A 21 -2.30 -1.29 -19.37
C ASP A 21 -3.62 -0.84 -18.77
N GLY A 22 -3.56 -0.27 -17.55
CA GLY A 22 -4.71 0.22 -16.82
C GLY A 22 -4.44 0.19 -15.32
N SER A 23 -5.23 0.95 -14.58
CA SER A 23 -5.20 1.11 -13.13
C SER A 23 -5.94 -0.02 -12.42
N VAL A 24 -5.46 -0.35 -11.22
CA VAL A 24 -5.99 -1.37 -10.34
C VAL A 24 -6.89 -0.68 -9.32
N TYR A 25 -6.33 0.16 -8.44
CA TYR A 25 -7.08 0.93 -7.45
C TYR A 25 -8.04 0.15 -6.53
N LYS A 26 -7.67 -1.06 -6.18
CA LYS A 26 -8.48 -1.95 -5.35
C LYS A 26 -8.61 -1.39 -3.93
N SER A 27 -9.80 -1.58 -3.37
CA SER A 27 -10.21 -1.19 -2.04
C SER A 27 -9.68 -2.21 -1.04
N ILE A 28 -8.63 -1.86 -0.30
CA ILE A 28 -8.02 -2.73 0.70
C ILE A 28 -8.41 -2.23 2.09
N LEU A 29 -8.89 -3.14 2.96
CA LEU A 29 -9.32 -2.87 4.33
C LEU A 29 -8.14 -2.58 5.26
N VAL A 30 -8.04 -1.32 5.67
CA VAL A 30 -7.03 -0.77 6.56
C VAL A 30 -7.56 -0.95 7.98
N THR A 31 -6.86 -1.72 8.79
CA THR A 31 -7.21 -1.98 10.19
C THR A 31 -6.35 -1.06 11.05
N SER A 32 -6.76 -0.73 12.27
CA SER A 32 -5.97 0.14 13.15
C SER A 32 -4.58 -0.47 13.43
N GLN A 33 -4.46 -1.79 13.26
CA GLN A 33 -3.31 -2.67 13.44
C GLN A 33 -2.71 -3.22 12.15
N ASP A 34 -2.99 -2.61 11.00
CA ASP A 34 -2.44 -3.04 9.71
C ASP A 34 -0.89 -2.89 9.74
N LYS A 35 -0.19 -3.30 8.70
CA LYS A 35 1.26 -3.17 8.56
C LYS A 35 1.55 -3.27 7.08
N ALA A 36 2.55 -2.53 6.60
CA ALA A 36 2.94 -2.49 5.20
C ALA A 36 2.98 -3.88 4.53
N PRO A 37 3.77 -4.84 5.02
CA PRO A 37 3.88 -6.17 4.42
C PRO A 37 2.57 -6.97 4.43
N SER A 38 1.56 -6.57 5.21
CA SER A 38 0.28 -7.25 5.29
C SER A 38 -0.69 -6.61 4.31
N VAL A 39 -0.60 -5.29 4.08
CA VAL A 39 -1.47 -4.64 3.12
C VAL A 39 -1.00 -5.08 1.72
N ILE A 40 0.32 -5.23 1.51
CA ILE A 40 0.86 -5.68 0.23
C ILE A 40 0.32 -7.09 -0.03
N SER A 41 0.33 -7.96 0.99
CA SER A 41 -0.16 -9.33 0.88
C SER A 41 -1.61 -9.32 0.37
N ARG A 42 -2.43 -8.37 0.83
CA ARG A 42 -3.81 -8.26 0.37
C ARG A 42 -3.81 -7.90 -1.10
N VAL A 43 -3.07 -6.85 -1.49
CA VAL A 43 -2.99 -6.38 -2.86
C VAL A 43 -2.62 -7.53 -3.81
N LEU A 44 -1.56 -8.26 -3.48
CA LEU A 44 -1.05 -9.40 -4.25
C LEU A 44 -2.11 -10.47 -4.42
N LYS A 45 -3.10 -10.60 -3.53
CA LYS A 45 -4.16 -11.61 -3.65
C LYS A 45 -5.47 -11.02 -4.18
N LYS A 46 -5.52 -9.71 -4.48
CA LYS A 46 -6.72 -9.05 -4.99
C LYS A 46 -6.60 -8.76 -6.48
N ASN A 47 -5.43 -8.97 -7.08
CA ASN A 47 -5.17 -8.66 -8.49
C ASN A 47 -5.10 -9.84 -9.45
N ASN A 48 -5.61 -11.02 -9.07
CA ASN A 48 -5.58 -12.25 -9.88
C ASN A 48 -4.14 -12.56 -10.28
N ARG A 49 -3.19 -12.25 -9.39
CA ARG A 49 -1.78 -12.43 -9.63
C ARG A 49 -1.36 -13.90 -9.48
N ASP A 50 -0.09 -14.03 -9.79
CA ASP A 50 1.00 -15.02 -9.79
C ASP A 50 1.53 -14.83 -8.36
N SER A 51 0.64 -14.45 -7.42
CA SER A 51 0.83 -13.93 -6.09
C SER A 51 1.83 -14.67 -5.21
N ALA A 52 2.83 -13.82 -5.36
CA ALA A 52 4.17 -13.45 -5.06
C ALA A 52 4.42 -13.09 -3.60
N VAL A 53 5.68 -12.81 -3.32
CA VAL A 53 6.18 -12.45 -2.01
C VAL A 53 6.11 -10.94 -1.76
N ALA A 54 5.53 -10.50 -0.65
CA ALA A 54 5.44 -9.09 -0.31
C ALA A 54 6.83 -8.54 0.04
N SER A 55 7.82 -9.41 0.27
CA SER A 55 9.18 -9.03 0.63
C SER A 55 9.88 -8.27 -0.50
N GLU A 56 9.64 -8.65 -1.75
CA GLU A 56 10.25 -8.03 -2.93
C GLU A 56 9.69 -6.64 -3.22
N TYR A 57 8.60 -6.25 -2.55
CA TYR A 57 7.98 -4.95 -2.78
C TYR A 57 7.88 -4.13 -1.50
N GLU A 58 7.55 -2.85 -1.64
CA GLU A 58 7.39 -1.95 -0.53
C GLU A 58 6.13 -1.12 -0.71
N LEU A 59 5.65 -0.60 0.41
CA LEU A 59 4.48 0.24 0.52
C LEU A 59 4.94 1.63 0.12
N VAL A 60 4.16 2.30 -0.72
CA VAL A 60 4.44 3.65 -1.23
C VAL A 60 3.14 4.48 -1.24
N GLN A 61 3.02 5.49 -0.34
CA GLN A 61 1.89 6.39 -0.19
C GLN A 61 2.05 7.57 -1.15
N LEU A 62 1.02 7.94 -1.91
CA LEU A 62 1.11 9.07 -2.83
C LEU A 62 0.65 10.31 -2.07
N LEU A 63 1.36 11.43 -2.24
CA LEU A 63 1.04 12.71 -1.61
C LEU A 63 0.49 13.70 -2.66
N PRO A 64 -0.32 14.69 -2.24
CA PRO A 64 -0.90 15.70 -3.13
C PRO A 64 0.11 16.75 -3.63
N GLY A 65 1.41 16.49 -3.48
CA GLY A 65 2.50 17.35 -3.91
C GLY A 65 3.40 16.65 -4.92
N GLU A 66 2.87 15.62 -5.58
CA GLU A 66 3.51 14.78 -6.58
C GLU A 66 4.71 14.05 -5.97
N ARG A 67 4.59 13.68 -4.69
CA ARG A 67 5.63 13.00 -3.94
C ARG A 67 5.16 11.64 -3.47
N GLU A 68 6.08 10.90 -2.89
CA GLU A 68 5.82 9.59 -2.36
C GLU A 68 6.50 9.49 -1.00
N LEU A 69 5.83 8.83 -0.07
CA LEU A 69 6.28 8.58 1.29
C LEU A 69 6.21 7.07 1.51
N THR A 70 7.37 6.40 1.57
CA THR A 70 7.45 4.96 1.78
C THR A 70 7.09 4.62 3.23
N ILE A 71 6.22 3.64 3.45
CA ILE A 71 5.87 3.25 4.82
C ILE A 71 6.78 2.06 5.18
N PRO A 72 7.56 2.11 6.28
CA PRO A 72 8.44 1.02 6.66
C PRO A 72 7.64 -0.22 7.05
N ALA A 73 8.29 -1.38 6.99
CA ALA A 73 7.71 -2.68 7.29
C ALA A 73 6.95 -2.74 8.62
N SER A 74 7.60 -2.38 9.73
CA SER A 74 7.14 -2.37 11.12
C SER A 74 6.13 -1.28 11.50
N ALA A 75 5.46 -0.67 10.52
CA ALA A 75 4.52 0.42 10.76
C ALA A 75 3.13 0.22 10.16
N ASN A 76 2.13 0.50 10.99
CA ASN A 76 0.72 0.42 10.64
C ASN A 76 0.45 1.64 9.79
N VAL A 77 0.12 1.42 8.52
CA VAL A 77 -0.17 2.46 7.56
C VAL A 77 -1.22 3.40 8.13
N PHE A 78 -2.22 2.89 8.88
CA PHE A 78 -3.27 3.68 9.48
C PHE A 78 -2.79 4.99 10.11
N TYR A 79 -1.65 4.98 10.82
CA TYR A 79 -1.05 6.16 11.47
C TYR A 79 0.20 6.64 10.73
N ALA A 80 1.01 5.72 10.19
CA ALA A 80 2.22 6.10 9.49
C ALA A 80 1.90 6.95 8.25
N MET A 81 0.77 6.70 7.60
CA MET A 81 0.32 7.45 6.44
C MET A 81 0.13 8.91 6.83
N ASP A 82 0.45 9.79 5.89
CA ASP A 82 0.33 11.24 6.02
C ASP A 82 -1.09 11.64 6.35
N GLY A 83 -2.06 10.99 5.71
CA GLY A 83 -3.48 11.25 5.91
C GLY A 83 -4.03 12.31 4.95
N ALA A 84 -3.19 12.98 4.15
CA ALA A 84 -3.63 14.00 3.21
C ALA A 84 -4.21 13.36 1.95
N SER A 85 -3.90 12.08 1.73
CA SER A 85 -4.37 11.31 0.59
C SER A 85 -4.67 9.88 1.05
N HIS A 86 -5.54 9.20 0.30
CA HIS A 86 -6.00 7.83 0.48
C HIS A 86 -5.59 6.91 -0.68
N ASP A 87 -4.70 7.33 -1.57
CA ASP A 87 -4.27 6.53 -2.73
C ASP A 87 -2.82 6.05 -2.52
N PHE A 88 -2.54 4.77 -2.74
CA PHE A 88 -1.21 4.17 -2.55
C PHE A 88 -0.80 3.35 -3.77
N LEU A 89 0.45 2.87 -3.78
CA LEU A 89 1.01 2.05 -4.85
C LEU A 89 1.93 0.98 -4.29
N LEU A 90 2.11 -0.07 -5.08
CA LEU A 90 3.00 -1.20 -4.77
C LEU A 90 4.14 -1.17 -5.80
N ARG A 91 5.39 -1.22 -5.37
CA ARG A 91 6.57 -1.19 -6.26
C ARG A 91 7.64 -2.12 -5.74
N GLN A 92 8.52 -2.62 -6.61
CA GLN A 92 9.60 -3.50 -6.15
C GLN A 92 10.60 -2.65 -5.36
N ARG A 93 10.98 -3.09 -4.16
CA ARG A 93 11.93 -2.30 -3.36
C ARG A 93 13.30 -2.40 -4.03
N ARG A 94 14.05 -1.31 -4.05
CA ARG A 94 15.38 -1.29 -4.65
C ARG A 94 16.29 -2.02 -3.66
N ARG A 95 16.64 -3.27 -3.96
CA ARG A 95 17.52 -4.07 -3.12
C ARG A 95 18.23 -5.09 -3.97
N SER A 96 19.55 -5.06 -3.96
CA SER A 96 20.42 -5.96 -4.69
C SER A 96 21.74 -5.99 -3.91
N SER A 97 22.56 -7.01 -4.16
CA SER A 97 23.84 -7.19 -3.51
C SER A 97 24.93 -7.29 -4.59
N THR A 98 26.13 -6.85 -4.23
CA THR A 98 27.33 -6.77 -5.05
C THR A 98 28.28 -7.97 -4.87
N ALA A 99 27.83 -9.10 -4.31
CA ALA A 99 28.73 -10.24 -4.10
C ALA A 99 29.35 -10.74 -5.40
N THR A 100 30.55 -11.28 -5.25
CA THR A 100 31.39 -11.85 -6.28
C THR A 100 31.55 -13.30 -5.88
N SER A 1 -15.25 8.71 19.40
CA SER A 1 -16.32 8.02 18.65
C SER A 1 -17.61 8.06 19.46
N MET A 2 -18.76 8.01 18.79
CA MET A 2 -20.02 8.00 19.51
C MET A 2 -20.09 6.56 20.04
N GLY A 3 -19.80 6.39 21.33
CA GLY A 3 -19.79 5.08 21.98
C GLY A 3 -18.86 4.07 21.27
N PRO A 4 -19.04 2.77 21.54
CA PRO A 4 -18.27 1.69 20.94
C PRO A 4 -18.60 1.56 19.44
N GLY A 5 -17.93 0.62 18.76
CA GLY A 5 -18.11 0.41 17.33
C GLY A 5 -17.34 1.56 16.69
N ALA A 6 -16.03 1.57 16.95
CA ALA A 6 -15.07 2.58 16.54
C ALA A 6 -14.03 2.15 15.50
N SER A 7 -14.23 1.05 14.77
CA SER A 7 -13.24 0.59 13.79
C SER A 7 -13.03 1.68 12.72
N ASP A 8 -11.90 2.39 12.81
CA ASP A 8 -11.47 3.49 11.94
C ASP A 8 -10.79 3.00 10.65
N CYS A 9 -10.82 1.70 10.35
CA CYS A 9 -10.19 1.13 9.16
C CYS A 9 -10.78 1.76 7.89
N ARG A 10 -9.91 2.40 7.10
CA ARG A 10 -10.22 3.10 5.86
C ARG A 10 -9.84 2.23 4.66
N ILE A 11 -10.12 2.69 3.44
CA ILE A 11 -9.82 2.01 2.18
C ILE A 11 -9.09 3.03 1.30
N ILE A 12 -8.16 2.56 0.46
CA ILE A 12 -7.34 3.37 -0.46
C ILE A 12 -7.41 2.80 -1.87
N ARG A 13 -6.78 3.49 -2.84
CA ARG A 13 -6.71 3.11 -4.25
C ARG A 13 -5.24 2.79 -4.54
N VAL A 14 -4.93 1.66 -5.16
CA VAL A 14 -3.55 1.28 -5.46
C VAL A 14 -3.39 0.74 -6.87
N GLN A 15 -2.45 1.27 -7.64
CA GLN A 15 -2.15 0.82 -9.00
C GLN A 15 -1.01 -0.21 -8.97
N MET A 16 -0.72 -0.76 -10.13
CA MET A 16 0.33 -1.73 -10.43
C MET A 16 0.84 -1.45 -11.85
N GLU A 17 1.93 -2.10 -12.23
CA GLU A 17 2.61 -1.94 -13.52
C GLU A 17 2.01 -2.63 -14.76
N LEU A 18 0.77 -3.07 -14.68
CA LEU A 18 0.01 -3.80 -15.74
C LEU A 18 0.25 -3.26 -17.14
N GLY A 19 0.25 -1.94 -17.30
CA GLY A 19 0.47 -1.28 -18.56
C GLY A 19 -0.73 -1.32 -19.49
N GLU A 20 -1.10 -2.52 -19.94
CA GLU A 20 -2.20 -2.78 -20.86
C GLU A 20 -3.50 -2.12 -20.41
N ASP A 21 -3.95 -2.42 -19.19
CA ASP A 21 -5.19 -1.87 -18.62
C ASP A 21 -5.02 -0.46 -18.10
N GLY A 22 -3.93 -0.22 -17.37
CA GLY A 22 -3.62 1.07 -16.77
C GLY A 22 -3.54 0.90 -15.25
N SER A 23 -3.74 2.00 -14.53
CA SER A 23 -3.68 2.07 -13.09
C SER A 23 -4.95 1.47 -12.47
N VAL A 24 -4.79 0.24 -11.94
CA VAL A 24 -5.82 -0.57 -11.31
C VAL A 24 -6.66 0.18 -10.24
N TYR A 25 -6.00 0.88 -9.32
CA TYR A 25 -6.65 1.65 -8.24
C TYR A 25 -7.64 0.80 -7.40
N LYS A 26 -7.25 -0.46 -7.17
CA LYS A 26 -8.02 -1.45 -6.41
C LYS A 26 -8.26 -0.98 -4.99
N SER A 27 -9.37 -1.43 -4.40
CA SER A 27 -9.77 -1.11 -3.06
C SER A 27 -9.01 -2.00 -2.09
N ILE A 28 -8.07 -1.38 -1.39
CA ILE A 28 -7.22 -2.03 -0.39
C ILE A 28 -7.60 -1.47 0.97
N LEU A 29 -7.92 -2.36 1.90
CA LEU A 29 -8.30 -2.08 3.28
C LEU A 29 -7.03 -1.60 3.99
N VAL A 30 -7.16 -0.70 4.97
CA VAL A 30 -6.08 -0.13 5.74
C VAL A 30 -6.41 -0.33 7.23
N THR A 31 -5.60 -1.09 7.96
CA THR A 31 -5.81 -1.37 9.39
C THR A 31 -4.78 -0.59 10.21
N SER A 32 -5.03 -0.34 11.49
CA SER A 32 -4.15 0.41 12.38
C SER A 32 -2.68 -0.05 12.42
N GLN A 33 -2.40 -1.32 12.18
CA GLN A 33 -1.05 -1.91 12.21
C GLN A 33 -0.57 -2.41 10.86
N ASP A 34 -1.22 -1.99 9.78
CA ASP A 34 -0.85 -2.46 8.45
C ASP A 34 0.50 -1.95 7.96
N LYS A 35 1.52 -2.81 8.04
CA LYS A 35 2.85 -2.43 7.57
C LYS A 35 2.85 -2.50 6.06
N ALA A 36 3.72 -1.75 5.38
CA ALA A 36 3.81 -1.72 3.93
C ALA A 36 3.75 -3.13 3.30
N PRO A 37 4.63 -4.08 3.65
CA PRO A 37 4.61 -5.44 3.12
C PRO A 37 3.37 -6.22 3.57
N SER A 38 2.69 -5.78 4.63
CA SER A 38 1.49 -6.36 5.19
C SER A 38 0.27 -5.80 4.46
N VAL A 39 0.45 -4.82 3.57
CA VAL A 39 -0.58 -4.19 2.75
C VAL A 39 -0.39 -4.68 1.31
N ILE A 40 0.84 -4.78 0.83
CA ILE A 40 1.22 -5.19 -0.52
C ILE A 40 0.61 -6.53 -0.94
N SER A 41 0.61 -7.53 -0.06
CA SER A 41 0.05 -8.85 -0.36
C SER A 41 -1.40 -8.73 -0.88
N ARG A 42 -2.22 -7.85 -0.27
CA ARG A 42 -3.61 -7.60 -0.65
C ARG A 42 -3.63 -7.08 -2.09
N VAL A 43 -2.75 -6.14 -2.44
CA VAL A 43 -2.67 -5.55 -3.78
C VAL A 43 -2.39 -6.65 -4.78
N LEU A 44 -1.34 -7.44 -4.55
CA LEU A 44 -0.97 -8.52 -5.45
C LEU A 44 -2.18 -9.46 -5.67
N LYS A 45 -2.88 -9.87 -4.60
CA LYS A 45 -4.03 -10.79 -4.77
C LYS A 45 -5.26 -10.12 -5.35
N LYS A 46 -5.23 -8.80 -5.57
CA LYS A 46 -6.34 -8.06 -6.16
C LYS A 46 -6.14 -7.96 -7.67
N ASN A 47 -4.99 -8.42 -8.18
CA ASN A 47 -4.60 -8.40 -9.58
C ASN A 47 -4.54 -9.82 -10.17
N ASN A 48 -5.08 -10.82 -9.47
CA ASN A 48 -5.10 -12.23 -9.87
C ASN A 48 -3.69 -12.75 -10.20
N ARG A 49 -2.69 -12.26 -9.46
CA ARG A 49 -1.31 -12.68 -9.65
C ARG A 49 -1.11 -13.96 -8.85
N ASP A 50 0.04 -14.53 -9.11
CA ASP A 50 0.82 -15.65 -8.60
C ASP A 50 1.45 -15.04 -7.33
N SER A 51 0.71 -14.11 -6.68
CA SER A 51 1.04 -13.17 -5.66
C SER A 51 1.82 -13.71 -4.48
N ALA A 52 3.00 -13.24 -4.84
CA ALA A 52 4.38 -13.15 -4.51
C ALA A 52 4.64 -12.45 -3.18
N VAL A 53 5.92 -12.43 -2.84
CA VAL A 53 6.45 -11.83 -1.64
C VAL A 53 6.40 -10.32 -1.80
N ALA A 54 5.95 -9.64 -0.76
CA ALA A 54 5.89 -8.19 -0.79
C ALA A 54 7.30 -7.60 -0.74
N SER A 55 8.28 -8.42 -0.37
CA SER A 55 9.71 -8.16 -0.23
C SER A 55 10.36 -7.69 -1.53
N GLU A 56 9.82 -8.12 -2.67
CA GLU A 56 10.32 -7.77 -4.00
C GLU A 56 9.79 -6.41 -4.45
N TYR A 57 8.84 -5.83 -3.73
CA TYR A 57 8.26 -4.54 -4.10
C TYR A 57 8.32 -3.56 -2.94
N GLU A 58 7.98 -2.29 -3.18
CA GLU A 58 7.98 -1.28 -2.12
C GLU A 58 6.74 -0.42 -2.25
N LEU A 59 6.16 -0.08 -1.10
CA LEU A 59 4.96 0.71 -0.99
C LEU A 59 5.27 2.19 -1.17
N VAL A 60 4.47 2.87 -1.99
CA VAL A 60 4.63 4.28 -2.30
C VAL A 60 3.26 4.96 -2.18
N GLN A 61 3.25 6.13 -1.54
CA GLN A 61 2.09 6.97 -1.31
C GLN A 61 2.12 8.12 -2.32
N LEU A 62 1.02 8.40 -3.02
CA LEU A 62 1.00 9.50 -3.97
C LEU A 62 0.61 10.75 -3.20
N LEU A 63 1.30 11.84 -3.52
CA LEU A 63 1.11 13.14 -2.90
C LEU A 63 0.79 14.18 -3.98
N PRO A 64 0.04 15.24 -3.66
CA PRO A 64 -0.31 16.29 -4.62
C PRO A 64 0.92 17.10 -5.02
N GLY A 65 0.99 17.47 -6.31
CA GLY A 65 2.09 18.26 -6.85
C GLY A 65 3.23 17.39 -7.38
N GLU A 66 2.89 16.22 -7.92
CA GLU A 66 3.82 15.25 -8.49
C GLU A 66 4.82 14.77 -7.44
N ARG A 67 4.40 14.48 -6.21
CA ARG A 67 5.32 14.00 -5.18
C ARG A 67 4.96 12.55 -4.88
N GLU A 68 5.89 11.83 -4.29
CA GLU A 68 5.73 10.45 -3.91
C GLU A 68 6.58 10.23 -2.66
N LEU A 69 5.97 9.57 -1.68
CA LEU A 69 6.55 9.21 -0.39
C LEU A 69 6.65 7.69 -0.31
N THR A 70 7.86 7.13 -0.37
CA THR A 70 8.06 5.69 -0.29
C THR A 70 7.99 5.24 1.18
N ILE A 71 6.89 4.60 1.55
CA ILE A 71 6.66 4.12 2.91
C ILE A 71 7.63 2.96 3.20
N PRO A 72 8.43 3.03 4.28
CA PRO A 72 9.39 1.99 4.62
C PRO A 72 8.64 0.72 5.09
N ALA A 73 9.27 -0.44 4.87
CA ALA A 73 8.73 -1.76 5.20
C ALA A 73 8.27 -1.98 6.65
N SER A 74 8.80 -1.25 7.62
CA SER A 74 8.44 -1.41 9.03
C SER A 74 7.52 -0.33 9.60
N ALA A 75 6.88 0.43 8.72
CA ALA A 75 5.96 1.49 9.10
C ALA A 75 4.53 1.10 8.71
N ASN A 76 3.60 1.33 9.64
CA ASN A 76 2.17 1.06 9.49
C ASN A 76 1.63 2.19 8.62
N VAL A 77 1.14 1.87 7.42
CA VAL A 77 0.60 2.82 6.45
C VAL A 77 -0.42 3.74 7.08
N PHE A 78 -1.34 3.21 7.91
CA PHE A 78 -2.37 4.00 8.58
C PHE A 78 -1.82 5.23 9.34
N TYR A 79 -0.53 5.23 9.72
CA TYR A 79 0.14 6.34 10.41
C TYR A 79 1.25 6.95 9.57
N ALA A 80 1.89 6.16 8.68
CA ALA A 80 2.96 6.63 7.82
C ALA A 80 2.43 7.55 6.72
N MET A 81 1.20 7.28 6.25
CA MET A 81 0.57 8.08 5.21
C MET A 81 0.44 9.53 5.69
N ASP A 82 0.73 10.48 4.79
CA ASP A 82 0.65 11.92 5.05
C ASP A 82 -0.80 12.39 5.16
N GLY A 83 -1.75 11.56 4.72
CA GLY A 83 -3.18 11.86 4.74
C GLY A 83 -3.60 12.94 3.76
N ALA A 84 -2.70 13.46 2.92
CA ALA A 84 -3.02 14.50 1.95
C ALA A 84 -3.83 13.96 0.78
N SER A 85 -3.78 12.64 0.58
CA SER A 85 -4.45 11.93 -0.49
C SER A 85 -4.72 10.49 -0.03
N HIS A 86 -5.51 9.71 -0.78
CA HIS A 86 -5.86 8.31 -0.49
C HIS A 86 -5.34 7.33 -1.59
N ASP A 87 -4.48 7.79 -2.49
CA ASP A 87 -3.92 7.03 -3.61
C ASP A 87 -2.49 6.55 -3.34
N PHE A 88 -2.17 5.34 -3.82
CA PHE A 88 -0.88 4.68 -3.65
C PHE A 88 -0.50 3.92 -4.92
N LEU A 89 0.72 3.39 -4.98
CA LEU A 89 1.22 2.61 -6.10
C LEU A 89 2.17 1.55 -5.57
N LEU A 90 2.38 0.52 -6.40
CA LEU A 90 3.26 -0.60 -6.12
C LEU A 90 4.12 -0.85 -7.36
N ARG A 91 5.44 -1.03 -7.16
CA ARG A 91 6.44 -1.30 -8.19
C ARG A 91 7.52 -2.17 -7.58
N GLN A 92 8.26 -2.92 -8.40
CA GLN A 92 9.33 -3.76 -7.89
C GLN A 92 10.45 -2.84 -7.37
N ARG A 93 11.19 -3.31 -6.35
CA ARG A 93 12.32 -2.58 -5.74
C ARG A 93 13.61 -3.36 -5.89
N ARG A 94 14.77 -2.71 -5.94
CA ARG A 94 16.02 -3.48 -6.00
C ARG A 94 16.91 -2.89 -4.90
N ARG A 95 16.85 -3.56 -3.76
CA ARG A 95 17.59 -3.37 -2.51
C ARG A 95 17.20 -4.57 -1.63
N SER A 96 17.91 -4.91 -0.55
CA SER A 96 17.47 -6.03 0.30
C SER A 96 18.08 -6.00 1.71
N SER A 97 17.63 -6.91 2.58
CA SER A 97 18.07 -7.10 3.95
C SER A 97 17.69 -8.52 4.35
N THR A 98 18.66 -9.32 4.77
CA THR A 98 18.54 -10.71 5.19
C THR A 98 17.79 -10.94 6.52
N ALA A 99 17.03 -9.96 7.02
CA ALA A 99 16.29 -10.06 8.27
C ALA A 99 15.30 -11.23 8.21
N THR A 100 15.00 -11.82 9.36
CA THR A 100 14.09 -12.94 9.53
C THR A 100 13.31 -12.64 10.81
#